data_2CBS
# 
_entry.id   2CBS 
# 
_audit_conform.dict_name       mmcif_pdbx.dic 
_audit_conform.dict_version    5.376 
_audit_conform.dict_location   http://mmcif.pdb.org/dictionaries/ascii/mmcif_pdbx.dic 
# 
loop_
_database_2.database_id 
_database_2.database_code 
_database_2.pdbx_database_accession 
_database_2.pdbx_DOI 
PDB   2CBS         pdb_00002cbs 10.2210/pdb2cbs/pdb 
RCSB  RCSB000533   ?            ?                   
WWPDB D_1000000533 ?            ?                   
# 
_pdbx_database_status.status_code                     REL 
_pdbx_database_status.entry_id                        2CBS 
_pdbx_database_status.recvd_initial_deposition_date   1999-02-22 
_pdbx_database_status.deposit_site                    RCSB 
_pdbx_database_status.process_site                    RCSB 
_pdbx_database_status.status_code_sf                  REL 
_pdbx_database_status.SG_entry                        . 
_pdbx_database_status.pdb_format_compatible           Y 
_pdbx_database_status.status_code_mr                  ? 
_pdbx_database_status.status_code_cs                  ? 
_pdbx_database_status.methods_development_category    ? 
_pdbx_database_status.status_code_nmr_data            ? 
# 
loop_
_audit_author.name 
_audit_author.pdbx_ordinal 
'Chaudhuri, B.'  1 
'Kleywegt, G.J.' 2 
'Bergfors, T.'   3 
'Jones, T.A.'    4 
# 
loop_
_citation.id 
_citation.title 
_citation.journal_abbrev 
_citation.journal_volume 
_citation.page_first 
_citation.page_last 
_citation.year 
_citation.journal_id_ASTM 
_citation.country 
_citation.journal_id_ISSN 
_citation.journal_id_CSD 
_citation.book_publisher 
_citation.pdbx_database_id_PubMed 
_citation.pdbx_database_id_DOI 
primary 'Structures of cellular retinoic acid binding proteins I and II in complex with synthetic retinoids.' 
'Acta Crystallogr.,Sect.D' 55 1850 1857 1999 ABCRE6 DK 0907-4449 0766 ? 10531482 10.1107/S0907444999011026       
1       
;Crystal structures of cellular retinoic acid binding proteins I and II in complex with all-trans-retinoic acid and a synthetic retinoid.
;
Structure                  2  1241 1258 1994 STRUE6 UK 0969-2126 2005 ? 7704533  '10.1016/s0969-2126(94)00125-1' 
2       'Lipid-binding proteins: a family of fatty acid and retinoid transport proteins.' 'Adv.Protein Chem.'        45 89   151  
1994 APCHA2 US 0065-3233 0433 ? 8154375  ?                               
3       'Crystallization and preliminary X-ray analysis of recombinant bovine cellular retinoic acid-binding protein.' 
'Acta Crystallogr.,Sect.D' 50 370  374  1994 ABCRE6 DK 0907-4449 0766 ? 15299387 10.1107/S0907444994001204       
# 
loop_
_citation_author.citation_id 
_citation_author.name 
_citation_author.ordinal 
_citation_author.identifier_ORCID 
primary 'Chaudhuri, B.N.'       1  ? 
primary 'Kleywegt, G.J.'        2  ? 
primary 
;Broutin-L'Hermite, I.
;
3  ? 
primary 'Bergfors, T.'          4  ? 
primary 'Senn, H.'              5  ? 
primary 'Le Motte, P.'          6  ? 
primary 'Partouche, O.'         7  ? 
primary 'Jones, T.A.'           8  ? 
1       'Kleywegt, G.J.'        9  ? 
1       'Bergfors, T.'          10 ? 
1       'Senn, H.'              11 ? 
1       'Le Motte, P.'          12 ? 
1       'Gsell, B.'             13 ? 
1       'Shudo, K.'             14 ? 
1       'Jones, T.A.'           15 ? 
2       'Banaszak, L.'          16 ? 
2       'Winter, N.'            17 ? 
2       'Xu, Z.'                18 ? 
2       'Bernlohr, D.A.'        19 ? 
2       'Cowan, S.'             20 ? 
2       'Jones, T.A.'           21 ? 
3       'Bergfors, T.'          22 ? 
3       'Kleywegt, G.J.'        23 ? 
3       'Jones, T.A.'           24 ? 
# 
_cell.entry_id           2CBS 
_cell.length_a           45.250 
_cell.length_b           47.640 
_cell.length_c           74.830 
_cell.angle_alpha        90.00 
_cell.angle_beta         90.00 
_cell.angle_gamma        90.00 
_cell.Z_PDB              4 
_cell.pdbx_unique_axis   ? 
# 
_symmetry.entry_id                         2CBS 
_symmetry.space_group_name_H-M             'P 21 21 21' 
_symmetry.pdbx_full_space_group_name_H-M   ? 
_symmetry.cell_setting                     ? 
_symmetry.Int_Tables_number                19 
# 
loop_
_entity.id 
_entity.type 
_entity.src_method 
_entity.pdbx_description 
_entity.formula_weight 
_entity.pdbx_number_of_molecules 
_entity.pdbx_ec 
_entity.pdbx_mutation 
_entity.pdbx_fragment 
_entity.details 
1 polymer     man 'PROTEIN (CRABP-II)'                                                                            15581.802 1  ? ? 
? ? 
2 non-polymer syn '3-METHYL-7-(5,5,8,8-TETRAMETHYL-5,6,7,8-TETRAHYDRO-NAPHTHALEN-2-YL) -OCTA-2,4,6-TRIENOIC ACID' 338.483   1  ? ? 
? ? 
3 water       nat water                                                                                           18.015    53 ? ? 
? ? 
# 
_entity_poly.entity_id                      1 
_entity_poly.type                           'polypeptide(L)' 
_entity_poly.nstd_linkage                   no 
_entity_poly.nstd_monomer                   no 
_entity_poly.pdbx_seq_one_letter_code       
;PNFSGNWKIIRSENFEELLKVLGVNVMLRKIAVAAASKPAVEIKQEGDTFYIKTSTTVRTTEINFKVGEEFEEQTVDGRP
CKSLVKWESENKMVCEQKLLKGEGPKTSWTRELTNDGELILTMTADDVVCTRVYVRE
;
_entity_poly.pdbx_seq_one_letter_code_can   
;PNFSGNWKIIRSENFEELLKVLGVNVMLRKIAVAAASKPAVEIKQEGDTFYIKTSTTVRTTEINFKVGEEFEEQTVDGRP
CKSLVKWESENKMVCEQKLLKGEGPKTSWTRELTNDGELILTMTADDVVCTRVYVRE
;
_entity_poly.pdbx_strand_id                 A 
_entity_poly.pdbx_target_identifier         ? 
# 
loop_
_entity_poly_seq.entity_id 
_entity_poly_seq.num 
_entity_poly_seq.mon_id 
_entity_poly_seq.hetero 
1 1   PRO n 
1 2   ASN n 
1 3   PHE n 
1 4   SER n 
1 5   GLY n 
1 6   ASN n 
1 7   TRP n 
1 8   LYS n 
1 9   ILE n 
1 10  ILE n 
1 11  ARG n 
1 12  SER n 
1 13  GLU n 
1 14  ASN n 
1 15  PHE n 
1 16  GLU n 
1 17  GLU n 
1 18  LEU n 
1 19  LEU n 
1 20  LYS n 
1 21  VAL n 
1 22  LEU n 
1 23  GLY n 
1 24  VAL n 
1 25  ASN n 
1 26  VAL n 
1 27  MET n 
1 28  LEU n 
1 29  ARG n 
1 30  LYS n 
1 31  ILE n 
1 32  ALA n 
1 33  VAL n 
1 34  ALA n 
1 35  ALA n 
1 36  ALA n 
1 37  SER n 
1 38  LYS n 
1 39  PRO n 
1 40  ALA n 
1 41  VAL n 
1 42  GLU n 
1 43  ILE n 
1 44  LYS n 
1 45  GLN n 
1 46  GLU n 
1 47  GLY n 
1 48  ASP n 
1 49  THR n 
1 50  PHE n 
1 51  TYR n 
1 52  ILE n 
1 53  LYS n 
1 54  THR n 
1 55  SER n 
1 56  THR n 
1 57  THR n 
1 58  VAL n 
1 59  ARG n 
1 60  THR n 
1 61  THR n 
1 62  GLU n 
1 63  ILE n 
1 64  ASN n 
1 65  PHE n 
1 66  LYS n 
1 67  VAL n 
1 68  GLY n 
1 69  GLU n 
1 70  GLU n 
1 71  PHE n 
1 72  GLU n 
1 73  GLU n 
1 74  GLN n 
1 75  THR n 
1 76  VAL n 
1 77  ASP n 
1 78  GLY n 
1 79  ARG n 
1 80  PRO n 
1 81  CYS n 
1 82  LYS n 
1 83  SER n 
1 84  LEU n 
1 85  VAL n 
1 86  LYS n 
1 87  TRP n 
1 88  GLU n 
1 89  SER n 
1 90  GLU n 
1 91  ASN n 
1 92  LYS n 
1 93  MET n 
1 94  VAL n 
1 95  CYS n 
1 96  GLU n 
1 97  GLN n 
1 98  LYS n 
1 99  LEU n 
1 100 LEU n 
1 101 LYS n 
1 102 GLY n 
1 103 GLU n 
1 104 GLY n 
1 105 PRO n 
1 106 LYS n 
1 107 THR n 
1 108 SER n 
1 109 TRP n 
1 110 THR n 
1 111 ARG n 
1 112 GLU n 
1 113 LEU n 
1 114 THR n 
1 115 ASN n 
1 116 ASP n 
1 117 GLY n 
1 118 GLU n 
1 119 LEU n 
1 120 ILE n 
1 121 LEU n 
1 122 THR n 
1 123 MET n 
1 124 THR n 
1 125 ALA n 
1 126 ASP n 
1 127 ASP n 
1 128 VAL n 
1 129 VAL n 
1 130 CYS n 
1 131 THR n 
1 132 ARG n 
1 133 VAL n 
1 134 TYR n 
1 135 VAL n 
1 136 ARG n 
1 137 GLU n 
# 
_entity_src_gen.entity_id                          1 
_entity_src_gen.pdbx_src_id                        1 
_entity_src_gen.pdbx_alt_source_flag               sample 
_entity_src_gen.pdbx_seq_type                      ? 
_entity_src_gen.pdbx_beg_seq_num                   ? 
_entity_src_gen.pdbx_end_seq_num                   ? 
_entity_src_gen.gene_src_common_name               human 
_entity_src_gen.gene_src_genus                     Homo 
_entity_src_gen.pdbx_gene_src_gene                 ? 
_entity_src_gen.gene_src_species                   ? 
_entity_src_gen.gene_src_strain                    ? 
_entity_src_gen.gene_src_tissue                    ? 
_entity_src_gen.gene_src_tissue_fraction           ? 
_entity_src_gen.gene_src_details                   ? 
_entity_src_gen.pdbx_gene_src_fragment             ? 
_entity_src_gen.pdbx_gene_src_scientific_name      'Homo sapiens' 
_entity_src_gen.pdbx_gene_src_ncbi_taxonomy_id     9606 
_entity_src_gen.pdbx_gene_src_variant              ? 
_entity_src_gen.pdbx_gene_src_cell_line            ? 
_entity_src_gen.pdbx_gene_src_atcc                 ? 
_entity_src_gen.pdbx_gene_src_organ                ? 
_entity_src_gen.pdbx_gene_src_organelle            ? 
_entity_src_gen.pdbx_gene_src_cell                 ? 
_entity_src_gen.pdbx_gene_src_cellular_location    CYTOPLASM 
_entity_src_gen.host_org_common_name               ? 
_entity_src_gen.pdbx_host_org_scientific_name      'Escherichia coli BL21(DE3)' 
_entity_src_gen.pdbx_host_org_ncbi_taxonomy_id     469008 
_entity_src_gen.host_org_genus                     Escherichia 
_entity_src_gen.pdbx_host_org_gene                 ? 
_entity_src_gen.pdbx_host_org_organ                ? 
_entity_src_gen.host_org_species                   'Escherichia coli' 
_entity_src_gen.pdbx_host_org_tissue               ? 
_entity_src_gen.pdbx_host_org_tissue_fraction      ? 
_entity_src_gen.pdbx_host_org_strain               'BL21(DE3)' 
_entity_src_gen.pdbx_host_org_variant              ? 
_entity_src_gen.pdbx_host_org_cell_line            ? 
_entity_src_gen.pdbx_host_org_atcc                 ? 
_entity_src_gen.pdbx_host_org_culture_collection   ? 
_entity_src_gen.pdbx_host_org_cell                 ? 
_entity_src_gen.pdbx_host_org_organelle            ? 
_entity_src_gen.pdbx_host_org_cellular_location    CYTOPLASM 
_entity_src_gen.pdbx_host_org_vector_type          ? 
_entity_src_gen.pdbx_host_org_vector               ? 
_entity_src_gen.host_org_details                   ? 
_entity_src_gen.expression_system_id               ? 
_entity_src_gen.plasmid_name                       PET-1A 
_entity_src_gen.plasmid_details                    ? 
_entity_src_gen.pdbx_description                   ? 
# 
_struct_ref.id                         1 
_struct_ref.db_name                    UNP 
_struct_ref.db_code                    RABP2_HUMAN 
_struct_ref.entity_id                  1 
_struct_ref.pdbx_db_accession          P29373 
_struct_ref.pdbx_align_begin           ? 
_struct_ref.pdbx_seq_one_letter_code   ? 
_struct_ref.pdbx_db_isoform            ? 
# 
_struct_ref_seq.align_id                      1 
_struct_ref_seq.ref_id                        1 
_struct_ref_seq.pdbx_PDB_id_code              2CBS 
_struct_ref_seq.pdbx_strand_id                A 
_struct_ref_seq.seq_align_beg                 1 
_struct_ref_seq.pdbx_seq_align_beg_ins_code   ? 
_struct_ref_seq.seq_align_end                 137 
_struct_ref_seq.pdbx_seq_align_end_ins_code   ? 
_struct_ref_seq.pdbx_db_accession             P29373 
_struct_ref_seq.db_align_beg                  2 
_struct_ref_seq.pdbx_db_align_beg_ins_code    ? 
_struct_ref_seq.db_align_end                  138 
_struct_ref_seq.pdbx_db_align_end_ins_code    ? 
_struct_ref_seq.pdbx_auth_seq_align_beg       1 
_struct_ref_seq.pdbx_auth_seq_align_end       137 
# 
loop_
_chem_comp.id 
_chem_comp.type 
_chem_comp.mon_nstd_flag 
_chem_comp.name 
_chem_comp.pdbx_synonyms 
_chem_comp.formula 
_chem_comp.formula_weight 
ALA 'L-peptide linking' y ALANINE                                                                                         ? 
'C3 H7 N O2'     89.093  
ARG 'L-peptide linking' y ARGININE                                                                                        ? 
'C6 H15 N4 O2 1' 175.209 
ASN 'L-peptide linking' y ASPARAGINE                                                                                      ? 
'C4 H8 N2 O3'    132.118 
ASP 'L-peptide linking' y 'ASPARTIC ACID'                                                                                 ? 
'C4 H7 N O4'     133.103 
CYS 'L-peptide linking' y CYSTEINE                                                                                        ? 
'C3 H7 N O2 S'   121.158 
GLN 'L-peptide linking' y GLUTAMINE                                                                                       ? 
'C5 H10 N2 O3'   146.144 
GLU 'L-peptide linking' y 'GLUTAMIC ACID'                                                                                 ? 
'C5 H9 N O4'     147.129 
GLY 'peptide linking'   y GLYCINE                                                                                         ? 
'C2 H5 N O2'     75.067  
HOH non-polymer         . WATER                                                                                           ? 'H2 O' 
18.015  
ILE 'L-peptide linking' y ISOLEUCINE                                                                                      ? 
'C6 H13 N O2'    131.173 
LEU 'L-peptide linking' y LEUCINE                                                                                         ? 
'C6 H13 N O2'    131.173 
LYS 'L-peptide linking' y LYSINE                                                                                          ? 
'C6 H15 N2 O2 1' 147.195 
MET 'L-peptide linking' y METHIONINE                                                                                      ? 
'C5 H11 N O2 S'  149.211 
PHE 'L-peptide linking' y PHENYLALANINE                                                                                   ? 
'C9 H11 N O2'    165.189 
PRO 'L-peptide linking' y PROLINE                                                                                         ? 
'C5 H9 N O2'     115.130 
R13 non-polymer         . '3-METHYL-7-(5,5,8,8-TETRAMETHYL-5,6,7,8-TETRAHYDRO-NAPHTHALEN-2-YL) -OCTA-2,4,6-TRIENOIC ACID' ? 
'C23 H30 O2'     338.483 
SER 'L-peptide linking' y SERINE                                                                                          ? 
'C3 H7 N O3'     105.093 
THR 'L-peptide linking' y THREONINE                                                                                       ? 
'C4 H9 N O3'     119.119 
TRP 'L-peptide linking' y TRYPTOPHAN                                                                                      ? 
'C11 H12 N2 O2'  204.225 
TYR 'L-peptide linking' y TYROSINE                                                                                        ? 
'C9 H11 N O3'    181.189 
VAL 'L-peptide linking' y VALINE                                                                                          ? 
'C5 H11 N O2'    117.146 
# 
_exptl.entry_id          2CBS 
_exptl.method            'X-RAY DIFFRACTION' 
_exptl.crystals_number   1 
# 
_exptl_crystal.id                    1 
_exptl_crystal.density_meas          ? 
_exptl_crystal.density_Matthews      2.59 
_exptl_crystal.density_percent_sol   52.46 
_exptl_crystal.description           ? 
# 
_exptl_crystal_grow.crystal_id      1 
_exptl_crystal_grow.method          ? 
_exptl_crystal_grow.temp            ? 
_exptl_crystal_grow.temp_details    ? 
_exptl_crystal_grow.pH              5.5 
_exptl_crystal_grow.pdbx_details    
;20% MONOMETHYL PEG 5000 
0.1 M SODIUM ACETATE PH 5.5
;
_exptl_crystal_grow.pdbx_pH_range   . 
# 
_diffrn.id                     1 
_diffrn.ambient_temp           298 
_diffrn.ambient_temp_details   ? 
_diffrn.crystal_id             1 
# 
_diffrn_detector.diffrn_id              1 
_diffrn_detector.detector               'IMAGE PLATE' 
_diffrn_detector.type                   RIGAKU 
_diffrn_detector.pdbx_collection_date   ? 
_diffrn_detector.details                ? 
# 
_diffrn_radiation.diffrn_id                        1 
_diffrn_radiation.wavelength_id                    1 
_diffrn_radiation.pdbx_monochromatic_or_laue_m_l   M 
_diffrn_radiation.monochromator                    ? 
_diffrn_radiation.pdbx_diffrn_protocol             'SINGLE WAVELENGTH' 
_diffrn_radiation.pdbx_scattering_type             x-ray 
# 
_diffrn_radiation_wavelength.id           1 
_diffrn_radiation_wavelength.wavelength   1.5418 
_diffrn_radiation_wavelength.wt           1.0 
# 
_diffrn_source.diffrn_id                   1 
_diffrn_source.source                      ? 
_diffrn_source.type                        ? 
_diffrn_source.pdbx_synchrotron_site       ? 
_diffrn_source.pdbx_synchrotron_beamline   ? 
_diffrn_source.pdbx_wavelength             1.5418 
_diffrn_source.pdbx_wavelength_list        ? 
# 
_reflns.entry_id                     2CBS 
_reflns.observed_criterion_sigma_I   ? 
_reflns.observed_criterion_sigma_F   ? 
_reflns.d_resolution_low             45.2 
_reflns.d_resolution_high            2.1 
_reflns.number_obs                   9683 
_reflns.number_all                   ? 
_reflns.percent_possible_obs         97.7 
_reflns.pdbx_Rmerge_I_obs            0.0610000 
_reflns.pdbx_Rsym_value              ? 
_reflns.pdbx_netI_over_sigmaI        25.9 
_reflns.B_iso_Wilson_estimate        11.3 
_reflns.pdbx_redundancy              4.3 
_reflns.R_free_details               ? 
_reflns.limit_h_max                  ? 
_reflns.limit_h_min                  ? 
_reflns.limit_k_max                  ? 
_reflns.limit_k_min                  ? 
_reflns.limit_l_max                  ? 
_reflns.limit_l_min                  ? 
_reflns.observed_criterion_F_max     ? 
_reflns.observed_criterion_F_min     ? 
_reflns.pdbx_diffrn_id               1 
_reflns.pdbx_ordinal                 1 
# 
_reflns_shell.d_res_high             2.1 
_reflns_shell.d_res_low              2.15 
_reflns_shell.percent_possible_all   97.7 
_reflns_shell.Rmerge_I_obs           0.1600000 
_reflns_shell.pdbx_Rsym_value        ? 
_reflns_shell.meanI_over_sigI_obs    11.6 
_reflns_shell.pdbx_redundancy        4.3 
_reflns_shell.percent_possible_obs   ? 
_reflns_shell.number_unique_all      ? 
_reflns_shell.pdbx_diffrn_id         ? 
_reflns_shell.pdbx_ordinal           1 
# 
_refine.entry_id                                 2CBS 
_refine.ls_number_reflns_obs                     9453 
_refine.ls_number_reflns_all                     ? 
_refine.pdbx_ls_sigma_I                          ? 
_refine.pdbx_ls_sigma_F                          0.0 
_refine.pdbx_data_cutoff_high_absF               ? 
_refine.pdbx_data_cutoff_low_absF                ? 
_refine.pdbx_data_cutoff_high_rms_absF           1271032.11 
_refine.ls_d_res_low                             8.00 
_refine.ls_d_res_high                            2.10 
_refine.ls_percent_reflns_obs                    97.2 
_refine.ls_R_factor_obs                          ? 
_refine.ls_R_factor_all                          ? 
_refine.ls_R_factor_R_work                       0.2000000 
_refine.ls_R_factor_R_free                       0.2330000 
_refine.ls_R_factor_R_free_error                 0.008 
_refine.ls_R_factor_R_free_error_details         ? 
_refine.ls_percent_reflns_R_free                 8.3 
_refine.ls_number_reflns_R_free                  780 
_refine.ls_number_parameters                     ? 
_refine.ls_number_restraints                     ? 
_refine.occupancy_min                            ? 
_refine.occupancy_max                            ? 
_refine.B_iso_mean                               22.3 
_refine.aniso_B[1][1]                            -3.29 
_refine.aniso_B[2][2]                            -0.64 
_refine.aniso_B[3][3]                            3.93 
_refine.aniso_B[1][2]                            0.00 
_refine.aniso_B[1][3]                            0.00 
_refine.aniso_B[2][3]                            0.00 
_refine.solvent_model_details                    ? 
_refine.solvent_model_param_ksol                 ? 
_refine.solvent_model_param_bsol                 ? 
_refine.pdbx_ls_cross_valid_method               THROUGHOUT 
_refine.details                                  'BULK SOLVENT MODEL USED' 
_refine.pdbx_starting_model                      1CBS 
_refine.pdbx_method_to_determine_struct          OTHER 
_refine.pdbx_isotropic_thermal_model             RESTRAINED 
_refine.pdbx_stereochemistry_target_values       ? 
_refine.pdbx_stereochem_target_val_spec_case     ? 
_refine.pdbx_R_Free_selection_details            RANDOM 
_refine.pdbx_overall_ESU_R                       ? 
_refine.pdbx_overall_ESU_R_Free                  ? 
_refine.overall_SU_ML                            ? 
_refine.overall_SU_B                             ? 
_refine.ls_redundancy_reflns_obs                 ? 
_refine.B_iso_min                                ? 
_refine.B_iso_max                                ? 
_refine.pdbx_refine_id                           'X-RAY DIFFRACTION' 
_refine.pdbx_diffrn_id                           1 
_refine.pdbx_TLS_residual_ADP_flag               ? 
_refine.correlation_coeff_Fo_to_Fc               ? 
_refine.correlation_coeff_Fo_to_Fc_free          ? 
_refine.pdbx_solvent_vdw_probe_radii             ? 
_refine.pdbx_solvent_ion_probe_radii             ? 
_refine.pdbx_solvent_shrinkage_radii             ? 
_refine.pdbx_overall_phase_error                 ? 
_refine.overall_SU_R_Cruickshank_DPI             ? 
_refine.pdbx_overall_SU_R_free_Cruickshank_DPI   ? 
_refine.pdbx_overall_SU_R_Blow_DPI               ? 
_refine.pdbx_overall_SU_R_free_Blow_DPI          ? 
# 
_refine_analyze.entry_id                        2CBS 
_refine_analyze.Luzzati_coordinate_error_obs    0.24 
_refine_analyze.Luzzati_sigma_a_obs             0.10 
_refine_analyze.Luzzati_d_res_low_obs           5.00 
_refine_analyze.Luzzati_coordinate_error_free   0.28 
_refine_analyze.Luzzati_sigma_a_free            0.16 
_refine_analyze.Luzzati_d_res_low_free          ? 
_refine_analyze.number_disordered_residues      ? 
_refine_analyze.occupancy_sum_hydrogen          ? 
_refine_analyze.occupancy_sum_non_hydrogen      ? 
_refine_analyze.pdbx_Luzzati_d_res_high_obs     ? 
_refine_analyze.pdbx_refine_id                  'X-RAY DIFFRACTION' 
# 
_refine_hist.pdbx_refine_id                   'X-RAY DIFFRACTION' 
_refine_hist.cycle_id                         LAST 
_refine_hist.pdbx_number_atoms_protein        1091 
_refine_hist.pdbx_number_atoms_nucleic_acid   0 
_refine_hist.pdbx_number_atoms_ligand         25 
_refine_hist.number_atoms_solvent             53 
_refine_hist.number_atoms_total               1169 
_refine_hist.d_res_high                       2.10 
_refine_hist.d_res_low                        8.00 
# 
loop_
_refine_ls_restr.type 
_refine_ls_restr.dev_ideal 
_refine_ls_restr.dev_ideal_target 
_refine_ls_restr.weight 
_refine_ls_restr.number 
_refine_ls_restr.pdbx_refine_id 
_refine_ls_restr.pdbx_restraint_function 
x_bond_d                0.007 ?    ? ? 'X-RAY DIFFRACTION' ? 
x_bond_d_na             ?     ?    ? ? 'X-RAY DIFFRACTION' ? 
x_bond_d_prot           ?     ?    ? ? 'X-RAY DIFFRACTION' ? 
x_angle_d               ?     ?    ? ? 'X-RAY DIFFRACTION' ? 
x_angle_d_na            ?     ?    ? ? 'X-RAY DIFFRACTION' ? 
x_angle_d_prot          ?     ?    ? ? 'X-RAY DIFFRACTION' ? 
x_angle_deg             1.4   ?    ? ? 'X-RAY DIFFRACTION' ? 
x_angle_deg_na          ?     ?    ? ? 'X-RAY DIFFRACTION' ? 
x_angle_deg_prot        ?     ?    ? ? 'X-RAY DIFFRACTION' ? 
x_dihedral_angle_d      25.3  ?    ? ? 'X-RAY DIFFRACTION' ? 
x_dihedral_angle_d_na   ?     ?    ? ? 'X-RAY DIFFRACTION' ? 
x_dihedral_angle_d_prot ?     ?    ? ? 'X-RAY DIFFRACTION' ? 
x_improper_angle_d      0.69  ?    ? ? 'X-RAY DIFFRACTION' ? 
x_improper_angle_d_na   ?     ?    ? ? 'X-RAY DIFFRACTION' ? 
x_improper_angle_d_prot ?     ?    ? ? 'X-RAY DIFFRACTION' ? 
x_mcbond_it             1.40  1.50 ? ? 'X-RAY DIFFRACTION' ? 
x_mcangle_it            2.19  2.00 ? ? 'X-RAY DIFFRACTION' ? 
x_scbond_it             2.63  2.00 ? ? 'X-RAY DIFFRACTION' ? 
x_scangle_it            4.05  2.50 ? ? 'X-RAY DIFFRACTION' ? 
# 
_refine_ls_shell.pdbx_total_number_of_bins_used   6 
_refine_ls_shell.d_res_high                       2.10 
_refine_ls_shell.d_res_low                        2.23 
_refine_ls_shell.number_reflns_R_work             1396 
_refine_ls_shell.R_factor_R_work                  0.2120000 
_refine_ls_shell.percent_reflns_obs               95.5 
_refine_ls_shell.R_factor_R_free                  0.2720000 
_refine_ls_shell.R_factor_R_free_error            0.025 
_refine_ls_shell.percent_reflns_R_free            7.7 
_refine_ls_shell.number_reflns_R_free             117 
_refine_ls_shell.redundancy_reflns_obs            ? 
_refine_ls_shell.number_reflns_all                ? 
_refine_ls_shell.number_reflns_obs                ? 
_refine_ls_shell.pdbx_refine_id                   'X-RAY DIFFRACTION' 
_refine_ls_shell.R_factor_all                     ? 
# 
loop_
_pdbx_xplor_file.serial_no 
_pdbx_xplor_file.param_file 
_pdbx_xplor_file.topol_file 
_pdbx_xplor_file.pdbx_refine_id 
1 PROTEIN_REP.PARAM PROTEIN.TOP   'X-RAY DIFFRACTION' 
2 WATER_REP.PARAM   WATER_REP.TOP 'X-RAY DIFFRACTION' 
3 R13.PAR           R13.TOP       'X-RAY DIFFRACTION' 
# 
_struct.entry_id                  2CBS 
_struct.title                     
'CELLULAR RETINOIC ACID BINDING PROTEIN II IN COMPLEX WITH A SYNTHETIC RETINOIC ACID (RO-13 6307)' 
_struct.pdbx_model_details        ? 
_struct.pdbx_CASP_flag            ? 
_struct.pdbx_model_type_details   ? 
# 
_struct_keywords.entry_id        2CBS 
_struct_keywords.pdbx_keywords   'TRANSPORT PROTEIN' 
_struct_keywords.text            'RETINOIC-ACID TRANSPORT, TRANSPORT PROTEIN' 
# 
loop_
_struct_asym.id 
_struct_asym.pdbx_blank_PDB_chainid_flag 
_struct_asym.pdbx_modified 
_struct_asym.entity_id 
_struct_asym.details 
A N N 1 ? 
B N N 2 ? 
C N N 3 ? 
# 
_struct_biol.id   1 
# 
loop_
_struct_conf.conf_type_id 
_struct_conf.id 
_struct_conf.pdbx_PDB_helix_id 
_struct_conf.beg_label_comp_id 
_struct_conf.beg_label_asym_id 
_struct_conf.beg_label_seq_id 
_struct_conf.pdbx_beg_PDB_ins_code 
_struct_conf.end_label_comp_id 
_struct_conf.end_label_asym_id 
_struct_conf.end_label_seq_id 
_struct_conf.pdbx_end_PDB_ins_code 
_struct_conf.beg_auth_comp_id 
_struct_conf.beg_auth_asym_id 
_struct_conf.beg_auth_seq_id 
_struct_conf.end_auth_comp_id 
_struct_conf.end_auth_asym_id 
_struct_conf.end_auth_seq_id 
_struct_conf.pdbx_PDB_helix_class 
_struct_conf.details 
_struct_conf.pdbx_PDB_helix_length 
HELX_P HELX_P1 1 PHE A 15 ? VAL A 21 ? PHE A 15 VAL A 21 1 ? 7  
HELX_P HELX_P2 2 VAL A 26 ? LYS A 38 ? VAL A 26 LYS A 38 1 ? 13 
# 
_struct_conf_type.id          HELX_P 
_struct_conf_type.criteria    ? 
_struct_conf_type.reference   ? 
# 
_struct_sheet.id               A 
_struct_sheet.type             ? 
_struct_sheet.number_strands   10 
_struct_sheet.details          ? 
# 
loop_
_struct_sheet_order.sheet_id 
_struct_sheet_order.range_id_1 
_struct_sheet_order.range_id_2 
_struct_sheet_order.offset 
_struct_sheet_order.sense 
A 1 2  ? anti-parallel 
A 2 3  ? anti-parallel 
A 3 4  ? anti-parallel 
A 4 5  ? anti-parallel 
A 5 6  ? anti-parallel 
A 6 7  ? anti-parallel 
A 7 8  ? anti-parallel 
A 8 9  ? anti-parallel 
A 9 10 ? anti-parallel 
# 
loop_
_struct_sheet_range.sheet_id 
_struct_sheet_range.id 
_struct_sheet_range.beg_label_comp_id 
_struct_sheet_range.beg_label_asym_id 
_struct_sheet_range.beg_label_seq_id 
_struct_sheet_range.pdbx_beg_PDB_ins_code 
_struct_sheet_range.end_label_comp_id 
_struct_sheet_range.end_label_asym_id 
_struct_sheet_range.end_label_seq_id 
_struct_sheet_range.pdbx_end_PDB_ins_code 
_struct_sheet_range.beg_auth_comp_id 
_struct_sheet_range.beg_auth_asym_id 
_struct_sheet_range.beg_auth_seq_id 
_struct_sheet_range.end_auth_comp_id 
_struct_sheet_range.end_auth_asym_id 
_struct_sheet_range.end_auth_seq_id 
A 1  THR A 60  ? LYS A 66  ? THR A 60  LYS A 66  
A 2  THR A 49  ? SER A 55  ? THR A 49  SER A 55  
A 3  ALA A 40  ? GLU A 46  ? ALA A 40  GLU A 46  
A 4  GLY A 5   ? GLU A 13  ? GLY A 5   GLU A 13  
A 5  VAL A 128 ? ARG A 136 ? VAL A 128 ARG A 136 
A 6  LEU A 119 ? ALA A 125 ? LEU A 119 ALA A 125 
A 7  THR A 107 ? LEU A 113 ? THR A 107 LEU A 113 
A 8  LYS A 92  ? LEU A 99  ? LYS A 92  LEU A 99  
A 9  PRO A 80  ? SER A 89  ? PRO A 80  SER A 89  
A 10 PHE A 71  ? GLN A 74  ? PHE A 71  GLN A 74  
# 
loop_
_pdbx_struct_sheet_hbond.sheet_id 
_pdbx_struct_sheet_hbond.range_id_1 
_pdbx_struct_sheet_hbond.range_id_2 
_pdbx_struct_sheet_hbond.range_1_label_atom_id 
_pdbx_struct_sheet_hbond.range_1_label_comp_id 
_pdbx_struct_sheet_hbond.range_1_label_asym_id 
_pdbx_struct_sheet_hbond.range_1_label_seq_id 
_pdbx_struct_sheet_hbond.range_1_PDB_ins_code 
_pdbx_struct_sheet_hbond.range_1_auth_atom_id 
_pdbx_struct_sheet_hbond.range_1_auth_comp_id 
_pdbx_struct_sheet_hbond.range_1_auth_asym_id 
_pdbx_struct_sheet_hbond.range_1_auth_seq_id 
_pdbx_struct_sheet_hbond.range_2_label_atom_id 
_pdbx_struct_sheet_hbond.range_2_label_comp_id 
_pdbx_struct_sheet_hbond.range_2_label_asym_id 
_pdbx_struct_sheet_hbond.range_2_label_seq_id 
_pdbx_struct_sheet_hbond.range_2_PDB_ins_code 
_pdbx_struct_sheet_hbond.range_2_auth_atom_id 
_pdbx_struct_sheet_hbond.range_2_auth_comp_id 
_pdbx_struct_sheet_hbond.range_2_auth_asym_id 
_pdbx_struct_sheet_hbond.range_2_auth_seq_id 
A 1 2  O THR A 61  ? O THR A 61  N THR A 54  ? N THR A 54  
A 2 3  O THR A 49  ? O THR A 49  N GLU A 46  ? N GLU A 46  
A 3 4  O VAL A 41  ? O VAL A 41  N TRP A 7   ? N TRP A 7   
A 4 5  O LYS A 8   ? O LYS A 8   N VAL A 135 ? N VAL A 135 
A 5 6  O VAL A 128 ? O VAL A 128 N ALA A 125 ? N ALA A 125 
A 6 7  O ILE A 120 ? O ILE A 120 N GLU A 112 ? N GLU A 112 
A 7 8  O TRP A 109 ? O TRP A 109 N CYS A 95  ? N CYS A 95  
A 8 9  O LYS A 92  ? O LYS A 92  N SER A 89  ? N SER A 89  
A 9 10 O CYS A 81  ? O CYS A 81  N GLU A 73  ? N GLU A 73  
# 
_struct_site.id                   AC1 
_struct_site.pdbx_evidence_code   Software 
_struct_site.pdbx_auth_asym_id    A 
_struct_site.pdbx_auth_comp_id    R13 
_struct_site.pdbx_auth_seq_id     200 
_struct_site.pdbx_auth_ins_code   ? 
_struct_site.pdbx_num_residues    13 
_struct_site.details              'BINDING SITE FOR RESIDUE R13 A 200' 
# 
loop_
_struct_site_gen.id 
_struct_site_gen.site_id 
_struct_site_gen.pdbx_num_res 
_struct_site_gen.label_comp_id 
_struct_site_gen.label_asym_id 
_struct_site_gen.label_seq_id 
_struct_site_gen.pdbx_auth_ins_code 
_struct_site_gen.auth_comp_id 
_struct_site_gen.auth_asym_id 
_struct_site_gen.auth_seq_id 
_struct_site_gen.label_atom_id 
_struct_site_gen.label_alt_id 
_struct_site_gen.symmetry 
_struct_site_gen.details 
1  AC1 13 ARG A 11  ? ARG A 11  . ? 3_655 ? 
2  AC1 13 VAL A 24  ? VAL A 24  . ? 1_555 ? 
3  AC1 13 ALA A 32  ? ALA A 32  . ? 1_555 ? 
4  AC1 13 THR A 54  ? THR A 54  . ? 1_555 ? 
5  AC1 13 THR A 56  ? THR A 56  . ? 1_555 ? 
6  AC1 13 VAL A 58  ? VAL A 58  . ? 1_555 ? 
7  AC1 13 ARG A 59  ? ARG A 59  . ? 1_555 ? 
8  AC1 13 VAL A 76  ? VAL A 76  . ? 1_555 ? 
9  AC1 13 LEU A 121 ? LEU A 121 . ? 1_555 ? 
10 AC1 13 ARG A 132 ? ARG A 132 . ? 1_555 ? 
11 AC1 13 TYR A 134 ? TYR A 134 . ? 1_555 ? 
12 AC1 13 HOH C .   ? HOH A 207 . ? 1_555 ? 
13 AC1 13 HOH C .   ? HOH A 227 . ? 1_555 ? 
# 
_atom_sites.entry_id                    2CBS 
_atom_sites.fract_transf_matrix[1][1]   0.00399894 
_atom_sites.fract_transf_matrix[1][2]   -0.01967583 
_atom_sites.fract_transf_matrix[1][3]   0.00923234 
_atom_sites.fract_transf_matrix[2][1]   -0.01322615 
_atom_sites.fract_transf_matrix[2][2]   0.00464335 
_atom_sites.fract_transf_matrix[2][3]   0.01562468 
_atom_sites.fract_transf_matrix[3][1]   -0.01009178 
_atom_sites.fract_transf_matrix[3][2]   -0.00531789 
_atom_sites.fract_transf_matrix[3][3]   -0.00696222 
_atom_sites.fract_transf_vector[1]      0.364756 
_atom_sites.fract_transf_vector[2]      0.440982 
_atom_sites.fract_transf_vector[3]      0.345555 
# 
loop_
_atom_type.symbol 
C 
N 
O 
S 
# 
loop_
_atom_site.group_PDB 
_atom_site.id 
_atom_site.type_symbol 
_atom_site.label_atom_id 
_atom_site.label_alt_id 
_atom_site.label_comp_id 
_atom_site.label_asym_id 
_atom_site.label_entity_id 
_atom_site.label_seq_id 
_atom_site.pdbx_PDB_ins_code 
_atom_site.Cartn_x 
_atom_site.Cartn_y 
_atom_site.Cartn_z 
_atom_site.occupancy 
_atom_site.B_iso_or_equiv 
_atom_site.pdbx_formal_charge 
_atom_site.auth_seq_id 
_atom_site.auth_comp_id 
_atom_site.auth_asym_id 
_atom_site.auth_atom_id 
_atom_site.pdbx_PDB_model_num 
ATOM   1    N N   . PRO A 1 1   ? -8.190  -8.813  -15.459 1.00 43.68 ? 1   PRO A N   1 
ATOM   2    C CA  . PRO A 1 1   ? -7.839  -7.584  -14.715 1.00 42.46 ? 1   PRO A CA  1 
ATOM   3    C C   . PRO A 1 1   ? -8.642  -7.471  -13.422 1.00 40.35 ? 1   PRO A C   1 
ATOM   4    O O   . PRO A 1 1   ? -9.128  -6.392  -13.080 1.00 42.37 ? 1   PRO A O   1 
ATOM   5    C CB  . PRO A 1 1   ? -8.153  -6.422  -15.651 1.00 43.21 ? 1   PRO A CB  1 
ATOM   6    C CG  . PRO A 1 1   ? -8.010  -7.112  -17.028 1.00 44.39 ? 1   PRO A CG  1 
ATOM   7    C CD  . PRO A 1 1   ? -8.755  -8.425  -16.763 1.00 44.43 ? 1   PRO A CD  1 
ATOM   8    N N   . ASN A 1 2   ? -8.778  -8.583  -12.706 1.00 36.20 ? 2   ASN A N   1 
ATOM   9    C CA  . ASN A 1 2   ? -9.530  -8.590  -11.456 1.00 31.72 ? 2   ASN A CA  1 
ATOM   10   C C   . ASN A 1 2   ? -8.659  -8.807  -10.221 1.00 27.46 ? 2   ASN A C   1 
ATOM   11   O O   . ASN A 1 2   ? -8.121  -9.894  -10.005 1.00 24.64 ? 2   ASN A O   1 
ATOM   12   C CB  . ASN A 1 2   ? -10.616 -9.661  -11.505 1.00 34.53 ? 2   ASN A CB  1 
ATOM   13   C CG  . ASN A 1 2   ? -11.367 -9.785  -10.195 1.00 37.26 ? 2   ASN A CG  1 
ATOM   14   O OD1 . ASN A 1 2   ? -11.949 -8.813  -9.702  1.00 37.49 ? 2   ASN A OD1 1 
ATOM   15   N ND2 . ASN A 1 2   ? -11.359 -10.985 -9.621  1.00 39.59 ? 2   ASN A ND2 1 
ATOM   16   N N   . PHE A 1 3   ? -8.537  -7.758  -9.412  1.00 22.25 ? 3   PHE A N   1 
ATOM   17   C CA  . PHE A 1 3   ? -7.747  -7.803  -8.188  1.00 20.22 ? 3   PHE A CA  1 
ATOM   18   C C   . PHE A 1 3   ? -8.495  -8.442  -7.015  1.00 19.26 ? 3   PHE A C   1 
ATOM   19   O O   . PHE A 1 3   ? -7.891  -8.742  -5.989  1.00 20.44 ? 3   PHE A O   1 
ATOM   20   C CB  . PHE A 1 3   ? -7.320  -6.388  -7.765  1.00 19.08 ? 3   PHE A CB  1 
ATOM   21   C CG  . PHE A 1 3   ? -6.315  -5.741  -8.679  1.00 17.30 ? 3   PHE A CG  1 
ATOM   22   C CD1 . PHE A 1 3   ? -6.669  -5.331  -9.960  1.00 18.17 ? 3   PHE A CD1 1 
ATOM   23   C CD2 . PHE A 1 3   ? -5.013  -5.511  -8.239  1.00 19.15 ? 3   PHE A CD2 1 
ATOM   24   C CE1 . PHE A 1 3   ? -5.739  -4.693  -10.790 1.00 18.78 ? 3   PHE A CE1 1 
ATOM   25   C CE2 . PHE A 1 3   ? -4.077  -4.879  -9.055  1.00 17.50 ? 3   PHE A CE2 1 
ATOM   26   C CZ  . PHE A 1 3   ? -4.442  -4.467  -10.335 1.00 18.48 ? 3   PHE A CZ  1 
ATOM   27   N N   . SER A 1 4   ? -9.803  -8.639  -7.160  1.00 18.28 ? 4   SER A N   1 
ATOM   28   C CA  . SER A 1 4   ? -10.620 -9.222  -6.098  1.00 18.60 ? 4   SER A CA  1 
ATOM   29   C C   . SER A 1 4   ? -10.043 -10.509 -5.501  1.00 18.87 ? 4   SER A C   1 
ATOM   30   O O   . SER A 1 4   ? -9.534  -11.365 -6.222  1.00 18.49 ? 4   SER A O   1 
ATOM   31   C CB  . SER A 1 4   ? -12.037 -9.499  -6.610  1.00 17.31 ? 4   SER A CB  1 
ATOM   32   O OG  . SER A 1 4   ? -12.703 -8.301  -6.986  1.00 18.17 ? 4   SER A OG  1 
ATOM   33   N N   . GLY A 1 5   ? -10.132 -10.638 -4.179  1.00 19.21 ? 5   GLY A N   1 
ATOM   34   C CA  . GLY A 1 5   ? -9.633  -11.835 -3.524  1.00 17.72 ? 5   GLY A CA  1 
ATOM   35   C C   . GLY A 1 5   ? -9.023  -11.606 -2.157  1.00 17.49 ? 5   GLY A C   1 
ATOM   36   O O   . GLY A 1 5   ? -8.947  -10.475 -1.677  1.00 18.17 ? 5   GLY A O   1 
ATOM   37   N N   . ASN A 1 6   ? -8.619  -12.699 -1.519  1.00 17.27 ? 6   ASN A N   1 
ATOM   38   C CA  . ASN A 1 6   ? -7.968  -12.657 -0.217  1.00 18.10 ? 6   ASN A CA  1 
ATOM   39   C C   . ASN A 1 6   ? -6.529  -12.989 -0.524  1.00 16.56 ? 6   ASN A C   1 
ATOM   40   O O   . ASN A 1 6   ? -6.240  -14.042 -1.090  1.00 17.48 ? 6   ASN A O   1 
ATOM   41   C CB  . ASN A 1 6   ? -8.556  -13.703 0.730   1.00 20.38 ? 6   ASN A CB  1 
ATOM   42   C CG  . ASN A 1 6   ? -9.987  -13.400 1.099   1.00 23.85 ? 6   ASN A CG  1 
ATOM   43   O OD1 . ASN A 1 6   ? -10.281 -12.339 1.648   1.00 27.50 ? 6   ASN A OD1 1 
ATOM   44   N ND2 . ASN A 1 6   ? -10.888 -14.326 0.801   1.00 27.56 ? 6   ASN A ND2 1 
ATOM   45   N N   . TRP A 1 7   ? -5.626  -12.091 -0.155  1.00 13.99 ? 7   TRP A N   1 
ATOM   46   C CA  . TRP A 1 7   ? -4.219  -12.290 -0.457  1.00 14.59 ? 7   TRP A CA  1 
ATOM   47   C C   . TRP A 1 7   ? -3.325  -12.462 0.768   1.00 14.44 ? 7   TRP A C   1 
ATOM   48   O O   . TRP A 1 7   ? -3.559  -11.860 1.808   1.00 14.80 ? 7   TRP A O   1 
ATOM   49   C CB  . TRP A 1 7   ? -3.704  -11.108 -1.284  1.00 13.46 ? 7   TRP A CB  1 
ATOM   50   C CG  . TRP A 1 7   ? -4.507  -10.814 -2.525  1.00 13.24 ? 7   TRP A CG  1 
ATOM   51   C CD1 . TRP A 1 7   ? -5.722  -10.186 -2.596  1.00 11.01 ? 7   TRP A CD1 1 
ATOM   52   C CD2 . TRP A 1 7   ? -4.141  -11.135 -3.873  1.00 11.61 ? 7   TRP A CD2 1 
ATOM   53   N NE1 . TRP A 1 7   ? -6.131  -10.095 -3.910  1.00 11.44 ? 7   TRP A NE1 1 
ATOM   54   C CE2 . TRP A 1 7   ? -5.180  -10.668 -4.713  1.00 11.37 ? 7   TRP A CE2 1 
ATOM   55   C CE3 . TRP A 1 7   ? -3.034  -11.772 -4.456  1.00 12.06 ? 7   TRP A CE3 1 
ATOM   56   C CZ2 . TRP A 1 7   ? -5.144  -10.818 -6.105  1.00 13.08 ? 7   TRP A CZ2 1 
ATOM   57   C CZ3 . TRP A 1 7   ? -2.998  -11.921 -5.847  1.00 11.40 ? 7   TRP A CZ3 1 
ATOM   58   C CH2 . TRP A 1 7   ? -4.046  -11.445 -6.651  1.00 11.74 ? 7   TRP A CH2 1 
ATOM   59   N N   . LYS A 1 8   ? -2.296  -13.291 0.629   1.00 17.55 ? 8   LYS A N   1 
ATOM   60   C CA  . LYS A 1 8   ? -1.341  -13.511 1.710   1.00 18.41 ? 8   LYS A CA  1 
ATOM   61   C C   . LYS A 1 8   ? 0.017   -13.137 1.130   1.00 17.11 ? 8   LYS A C   1 
ATOM   62   O O   . LYS A 1 8   ? 0.275   -13.343 -0.053  1.00 16.64 ? 8   LYS A O   1 
ATOM   63   C CB  . LYS A 1 8   ? -1.341  -14.976 2.162   1.00 20.98 ? 8   LYS A CB  1 
ATOM   64   C CG  . LYS A 1 8   ? -0.815  -15.958 1.132   1.00 25.29 ? 8   LYS A CG  1 
ATOM   65   C CD  . LYS A 1 8   ? -0.820  -17.383 1.673   1.00 30.35 ? 8   LYS A CD  1 
ATOM   66   C CE  . LYS A 1 8   ? 0.105   -17.545 2.874   1.00 31.22 ? 8   LYS A CE  1 
ATOM   67   N NZ  . LYS A 1 8   ? 1.530   -17.283 2.522   1.00 33.18 ? 8   LYS A NZ  1 
ATOM   68   N N   . ILE A 1 9   ? 0.893   -12.598 1.961   1.00 18.00 ? 9   ILE A N   1 
ATOM   69   C CA  . ILE A 1 9   ? 2.200   -12.170 1.487   1.00 18.33 ? 9   ILE A CA  1 
ATOM   70   C C   . ILE A 1 9   ? 3.190   -13.331 1.382   1.00 17.55 ? 9   ILE A C   1 
ATOM   71   O O   . ILE A 1 9   ? 3.150   -14.263 2.181   1.00 18.87 ? 9   ILE A O   1 
ATOM   72   C CB  . ILE A 1 9   ? 2.757   -11.088 2.431   1.00 19.55 ? 9   ILE A CB  1 
ATOM   73   C CG1 . ILE A 1 9   ? 3.939   -10.377 1.785   1.00 19.60 ? 9   ILE A CG1 1 
ATOM   74   C CG2 . ILE A 1 9   ? 3.190   -11.726 3.748   1.00 19.93 ? 9   ILE A CG2 1 
ATOM   75   C CD1 . ILE A 1 9   ? 4.376   -9.155  2.552   1.00 21.32 ? 9   ILE A CD1 1 
ATOM   76   N N   . ILE A 1 10  ? 4.062   -13.287 0.378   1.00 16.69 ? 10  ILE A N   1 
ATOM   77   C CA  . ILE A 1 10  ? 5.070   -14.333 0.220   1.00 18.99 ? 10  ILE A CA  1 
ATOM   78   C C   . ILE A 1 10  ? 6.469   -13.730 0.170   1.00 19.76 ? 10  ILE A C   1 
ATOM   79   O O   . ILE A 1 10  ? 7.472   -14.441 0.246   1.00 21.28 ? 10  ILE A O   1 
ATOM   80   C CB  . ILE A 1 10  ? 4.846   -15.183 -1.051  1.00 19.32 ? 10  ILE A CB  1 
ATOM   81   C CG1 . ILE A 1 10  ? 4.894   -14.300 -2.296  1.00 21.40 ? 10  ILE A CG1 1 
ATOM   82   C CG2 . ILE A 1 10  ? 3.525   -15.934 -0.942  1.00 20.11 ? 10  ILE A CG2 1 
ATOM   83   C CD1 . ILE A 1 10  ? 4.798   -15.084 -3.604  1.00 24.01 ? 10  ILE A CD1 1 
ATOM   84   N N   . ARG A 1 11  ? 6.536   -12.412 0.047   1.00 18.37 ? 11  ARG A N   1 
ATOM   85   C CA  . ARG A 1 11  ? 7.814   -11.733 0.010   1.00 18.22 ? 11  ARG A CA  1 
ATOM   86   C C   . ARG A 1 11  ? 7.683   -10.251 0.342   1.00 17.30 ? 11  ARG A C   1 
ATOM   87   O O   . ARG A 1 11  ? 6.774   -9.566  -0.132  1.00 15.14 ? 11  ARG A O   1 
ATOM   88   C CB  . ARG A 1 11  ? 8.469   -11.893 -1.365  1.00 21.63 ? 11  ARG A CB  1 
ATOM   89   C CG  . ARG A 1 11  ? 9.697   -11.014 -1.553  1.00 28.91 ? 11  ARG A CG  1 
ATOM   90   C CD  . ARG A 1 11  ? 10.334  -11.172 -2.933  1.00 33.88 ? 11  ARG A CD  1 
ATOM   91   N NE  . ARG A 1 11  ? 11.081  -12.416 -3.068  1.00 38.96 ? 11  ARG A NE  1 
ATOM   92   C CZ  . ARG A 1 11  ? 12.190  -12.690 -2.386  1.00 40.79 ? 11  ARG A CZ  1 
ATOM   93   N NH1 . ARG A 1 11  ? 12.678  -11.805 -1.523  1.00 40.07 ? 11  ARG A NH1 1 
ATOM   94   N NH2 . ARG A 1 11  ? 12.814  -13.846 -2.571  1.00 42.55 ? 11  ARG A NH2 1 
ATOM   95   N N   . SER A 1 12  ? 8.597   -9.766  1.169   1.00 14.50 ? 12  SER A N   1 
ATOM   96   C CA  . SER A 1 12  ? 8.618   -8.362  1.537   1.00 15.60 ? 12  SER A CA  1 
ATOM   97   C C   . SER A 1 12  ? 10.060  -7.907  1.621   1.00 16.62 ? 12  SER A C   1 
ATOM   98   O O   . SER A 1 12  ? 10.919  -8.617  2.143   1.00 14.93 ? 12  SER A O   1 
ATOM   99   C CB  . SER A 1 12  ? 7.947   -8.132  2.889   1.00 15.62 ? 12  SER A CB  1 
ATOM   100  O OG  . SER A 1 12  ? 8.024   -6.759  3.254   1.00 19.94 ? 12  SER A OG  1 
ATOM   101  N N   . GLU A 1 13  ? 10.333  -6.724  1.092   1.00 15.64 ? 13  GLU A N   1 
ATOM   102  C CA  . GLU A 1 13  ? 11.677  -6.189  1.168   1.00 15.61 ? 13  GLU A CA  1 
ATOM   103  C C   . GLU A 1 13  ? 11.734  -4.684  1.312   1.00 15.09 ? 13  GLU A C   1 
ATOM   104  O O   . GLU A 1 13  ? 10.926  -3.958  0.724   1.00 13.26 ? 13  GLU A O   1 
ATOM   105  C CB  . GLU A 1 13  ? 12.503  -6.617  -0.044  1.00 21.00 ? 13  GLU A CB  1 
ATOM   106  C CG  . GLU A 1 13  ? 12.918  -8.074  0.014   1.00 27.08 ? 13  GLU A CG  1 
ATOM   107  C CD  . GLU A 1 13  ? 14.101  -8.358  -0.870  1.00 28.80 ? 13  GLU A CD  1 
ATOM   108  O OE1 . GLU A 1 13  ? 15.082  -7.594  -0.776  1.00 30.09 ? 13  GLU A OE1 1 
ATOM   109  O OE2 . GLU A 1 13  ? 14.062  -9.339  -1.638  1.00 32.01 ? 13  GLU A OE2 1 
ATOM   110  N N   . ASN A 1 14  ? 12.685  -4.231  2.123   1.00 13.34 ? 14  ASN A N   1 
ATOM   111  C CA  . ASN A 1 14  ? 12.918  -2.813  2.339   1.00 15.00 ? 14  ASN A CA  1 
ATOM   112  C C   . ASN A 1 14  ? 11.825  -2.087  3.117   1.00 15.92 ? 14  ASN A C   1 
ATOM   113  O O   . ASN A 1 14  ? 11.742  -0.864  3.072   1.00 16.30 ? 14  ASN A O   1 
ATOM   114  C CB  . ASN A 1 14  ? 13.138  -2.138  0.982   1.00 13.73 ? 14  ASN A CB  1 
ATOM   115  C CG  . ASN A 1 14  ? 14.446  -1.392  0.914   1.00 13.91 ? 14  ASN A CG  1 
ATOM   116  O OD1 . ASN A 1 14  ? 15.409  -1.747  1.591   1.00 13.25 ? 14  ASN A OD1 1 
ATOM   117  N ND2 . ASN A 1 14  ? 14.505  -0.380  0.066   1.00 12.66 ? 14  ASN A ND2 1 
ATOM   118  N N   . PHE A 1 15  ? 10.998  -2.831  3.844   1.00 17.05 ? 15  PHE A N   1 
ATOM   119  C CA  . PHE A 1 15  ? 9.930   -2.204  4.612   1.00 15.85 ? 15  PHE A CA  1 
ATOM   120  C C   . PHE A 1 15  ? 10.504  -1.372  5.761   1.00 15.52 ? 15  PHE A C   1 
ATOM   121  O O   . PHE A 1 15  ? 10.087  -0.238  5.979   1.00 14.91 ? 15  PHE A O   1 
ATOM   122  C CB  . PHE A 1 15  ? 8.970   -3.261  5.170   1.00 17.94 ? 15  PHE A CB  1 
ATOM   123  C CG  . PHE A 1 15  ? 7.777   -2.679  5.892   1.00 17.89 ? 15  PHE A CG  1 
ATOM   124  C CD1 . PHE A 1 15  ? 6.815   -1.955  5.198   1.00 18.80 ? 15  PHE A CD1 1 
ATOM   125  C CD2 . PHE A 1 15  ? 7.628   -2.840  7.267   1.00 19.81 ? 15  PHE A CD2 1 
ATOM   126  C CE1 . PHE A 1 15  ? 5.716   -1.398  5.861   1.00 20.83 ? 15  PHE A CE1 1 
ATOM   127  C CE2 . PHE A 1 15  ? 6.535   -2.286  7.941   1.00 21.67 ? 15  PHE A CE2 1 
ATOM   128  C CZ  . PHE A 1 15  ? 5.579   -1.564  7.236   1.00 19.45 ? 15  PHE A CZ  1 
ATOM   129  N N   . GLU A 1 16  ? 11.469  -1.924  6.492   1.00 15.47 ? 16  GLU A N   1 
ATOM   130  C CA  . GLU A 1 16  ? 12.050  -1.186  7.609   1.00 16.41 ? 16  GLU A CA  1 
ATOM   131  C C   . GLU A 1 16  ? 12.796  0.045   7.117   1.00 16.18 ? 16  GLU A C   1 
ATOM   132  O O   . GLU A 1 16  ? 12.783  1.094   7.763   1.00 16.66 ? 16  GLU A O   1 
ATOM   133  C CB  . GLU A 1 16  ? 13.011  -2.061  8.421   1.00 17.94 ? 16  GLU A CB  1 
ATOM   134  C CG  . GLU A 1 16  ? 13.404  -1.411  9.745   1.00 24.00 ? 16  GLU A CG  1 
ATOM   135  C CD  . GLU A 1 16  ? 14.391  -2.233  10.551  1.00 28.06 ? 16  GLU A CD  1 
ATOM   136  O OE1 . GLU A 1 16  ? 14.141  -3.442  10.753  1.00 26.40 ? 16  GLU A OE1 1 
ATOM   137  O OE2 . GLU A 1 16  ? 15.413  -1.667  10.992  1.00 32.14 ? 16  GLU A OE2 1 
ATOM   138  N N   . GLU A 1 17  ? 13.451  -0.085  5.971   1.00 17.39 ? 17  GLU A N   1 
ATOM   139  C CA  . GLU A 1 17  ? 14.191  1.034   5.400   1.00 19.85 ? 17  GLU A CA  1 
ATOM   140  C C   . GLU A 1 17  ? 13.209  2.146   5.020   1.00 19.24 ? 17  GLU A C   1 
ATOM   141  O O   . GLU A 1 17  ? 13.531  3.336   5.091   1.00 19.16 ? 17  GLU A O   1 
ATOM   142  C CB  . GLU A 1 17  ? 14.972  0.567   4.173   1.00 22.55 ? 17  GLU A CB  1 
ATOM   143  C CG  . GLU A 1 17  ? 15.908  1.612   3.605   1.00 29.66 ? 17  GLU A CG  1 
ATOM   144  C CD  . GLU A 1 17  ? 16.948  2.061   4.617   1.00 33.68 ? 17  GLU A CD  1 
ATOM   145  O OE1 . GLU A 1 17  ? 17.708  1.200   5.111   1.00 34.43 ? 17  GLU A OE1 1 
ATOM   146  O OE2 . GLU A 1 17  ? 17.003  3.275   4.918   1.00 36.28 ? 17  GLU A OE2 1 
ATOM   147  N N   . LEU A 1 18  ? 12.005  1.752   4.622   1.00 16.87 ? 18  LEU A N   1 
ATOM   148  C CA  . LEU A 1 18  ? 10.972  2.715   4.252   1.00 17.44 ? 18  LEU A CA  1 
ATOM   149  C C   . LEU A 1 18  ? 10.578  3.537   5.481   1.00 16.39 ? 18  LEU A C   1 
ATOM   150  O O   . LEU A 1 18  ? 10.509  4.764   5.424   1.00 17.29 ? 18  LEU A O   1 
ATOM   151  C CB  . LEU A 1 18  ? 9.744   1.983   3.704   1.00 17.56 ? 18  LEU A CB  1 
ATOM   152  C CG  . LEU A 1 18  ? 8.582   2.846   3.211   1.00 19.72 ? 18  LEU A CG  1 
ATOM   153  C CD1 . LEU A 1 18  ? 9.024   3.672   2.021   1.00 19.95 ? 18  LEU A CD1 1 
ATOM   154  C CD2 . LEU A 1 18  ? 7.417   1.948   2.827   1.00 20.14 ? 18  LEU A CD2 1 
ATOM   155  N N   . LEU A 1 19  ? 10.328  2.855   6.593   1.00 16.28 ? 19  LEU A N   1 
ATOM   156  C CA  . LEU A 1 19  ? 9.948   3.523   7.835   1.00 16.49 ? 19  LEU A CA  1 
ATOM   157  C C   . LEU A 1 19  ? 11.080  4.377   8.381   1.00 17.91 ? 19  LEU A C   1 
ATOM   158  O O   . LEU A 1 19  ? 10.852  5.411   9.013   1.00 16.85 ? 19  LEU A O   1 
ATOM   159  C CB  . LEU A 1 19  ? 9.527   2.494   8.882   1.00 16.57 ? 19  LEU A CB  1 
ATOM   160  C CG  . LEU A 1 19  ? 8.262   1.700   8.533   1.00 19.52 ? 19  LEU A CG  1 
ATOM   161  C CD1 . LEU A 1 19  ? 7.976   0.706   9.641   1.00 20.14 ? 19  LEU A CD1 1 
ATOM   162  C CD2 . LEU A 1 19  ? 7.074   2.661   8.343   1.00 16.88 ? 19  LEU A CD2 1 
ATOM   163  N N   . LYS A 1 20  ? 12.307  3.939   8.129   1.00 19.76 ? 20  LYS A N   1 
ATOM   164  C CA  . LYS A 1 20  ? 13.477  4.666   8.594   1.00 22.03 ? 20  LYS A CA  1 
ATOM   165  C C   . LYS A 1 20  ? 13.530  6.045   7.934   1.00 21.51 ? 20  LYS A C   1 
ATOM   166  O O   . LYS A 1 20  ? 13.763  7.057   8.601   1.00 21.63 ? 20  LYS A O   1 
ATOM   167  C CB  . LYS A 1 20  ? 14.741  3.867   8.269   1.00 24.00 ? 20  LYS A CB  1 
ATOM   168  C CG  . LYS A 1 20  ? 16.021  4.488   8.784   1.00 29.52 ? 20  LYS A CG  1 
ATOM   169  C CD  . LYS A 1 20  ? 17.231  3.647   8.412   1.00 31.91 ? 20  LYS A CD  1 
ATOM   170  C CE  . LYS A 1 20  ? 17.144  2.247   8.997   1.00 33.20 ? 20  LYS A CE  1 
ATOM   171  N NZ  . LYS A 1 20  ? 18.322  1.426   8.602   1.00 33.58 ? 20  LYS A NZ  1 
ATOM   172  N N   . VAL A 1 21  ? 13.302  6.091   6.625   1.00 21.19 ? 21  VAL A N   1 
ATOM   173  C CA  . VAL A 1 21  ? 13.330  7.361   5.911   1.00 22.24 ? 21  VAL A CA  1 
ATOM   174  C C   . VAL A 1 21  ? 12.186  8.280   6.356   1.00 21.40 ? 21  VAL A C   1 
ATOM   175  O O   . VAL A 1 21  ? 12.258  9.498   6.191   1.00 20.96 ? 21  VAL A O   1 
ATOM   176  C CB  . VAL A 1 21  ? 13.277  7.143   4.370   1.00 24.75 ? 21  VAL A CB  1 
ATOM   177  C CG1 . VAL A 1 21  ? 11.977  6.489   3.975   1.00 26.54 ? 21  VAL A CG1 1 
ATOM   178  C CG2 . VAL A 1 21  ? 13.436  8.469   3.647   1.00 28.47 ? 21  VAL A CG2 1 
ATOM   179  N N   . LEU A 1 22  ? 11.137  7.699   6.934   1.00 19.98 ? 22  LEU A N   1 
ATOM   180  C CA  . LEU A 1 22  ? 10.005  8.489   7.412   1.00 19.77 ? 22  LEU A CA  1 
ATOM   181  C C   . LEU A 1 22  ? 10.227  9.043   8.819   1.00 19.35 ? 22  LEU A C   1 
ATOM   182  O O   . LEU A 1 22  ? 9.376   9.749   9.352   1.00 19.08 ? 22  LEU A O   1 
ATOM   183  C CB  . LEU A 1 22  ? 8.718   7.664   7.373   1.00 20.02 ? 22  LEU A CB  1 
ATOM   184  C CG  . LEU A 1 22  ? 8.233   7.287   5.970   1.00 21.20 ? 22  LEU A CG  1 
ATOM   185  C CD1 . LEU A 1 22  ? 7.069   6.309   6.067   1.00 19.76 ? 22  LEU A CD1 1 
ATOM   186  C CD2 . LEU A 1 22  ? 7.834   8.537   5.212   1.00 16.87 ? 22  LEU A CD2 1 
ATOM   187  N N   . GLY A 1 23  ? 11.363  8.708   9.423   1.00 18.95 ? 23  GLY A N   1 
ATOM   188  C CA  . GLY A 1 23  ? 11.671  9.226   10.748  1.00 18.54 ? 23  GLY A CA  1 
ATOM   189  C C   . GLY A 1 23  ? 11.030  8.540   11.939  1.00 18.90 ? 23  GLY A C   1 
ATOM   190  O O   . GLY A 1 23  ? 10.898  9.138   13.005  1.00 17.08 ? 23  GLY A O   1 
ATOM   191  N N   . VAL A 1 24  ? 10.631  7.286   11.769  1.00 19.67 ? 24  VAL A N   1 
ATOM   192  C CA  . VAL A 1 24  ? 10.022  6.530   12.857  1.00 21.40 ? 24  VAL A CA  1 
ATOM   193  C C   . VAL A 1 24  ? 11.160  6.012   13.737  1.00 22.83 ? 24  VAL A C   1 
ATOM   194  O O   . VAL A 1 24  ? 12.118  5.436   13.225  1.00 24.52 ? 24  VAL A O   1 
ATOM   195  C CB  . VAL A 1 24  ? 9.215   5.339   12.300  1.00 20.44 ? 24  VAL A CB  1 
ATOM   196  C CG1 . VAL A 1 24  ? 8.655   4.507   13.436  1.00 20.55 ? 24  VAL A CG1 1 
ATOM   197  C CG2 . VAL A 1 24  ? 8.101   5.851   11.401  1.00 21.40 ? 24  VAL A CG2 1 
ATOM   198  N N   . ASN A 1 25  ? 11.062  6.209   15.050  1.00 25.47 ? 25  ASN A N   1 
ATOM   199  C CA  . ASN A 1 25  ? 12.129  5.751   15.942  1.00 28.04 ? 25  ASN A CA  1 
ATOM   200  C C   . ASN A 1 25  ? 12.230  4.234   15.928  1.00 26.95 ? 25  ASN A C   1 
ATOM   201  O O   . ASN A 1 25  ? 11.248  3.544   15.666  1.00 27.22 ? 25  ASN A O   1 
ATOM   202  C CB  . ASN A 1 25  ? 11.914  6.257   17.377  1.00 30.95 ? 25  ASN A CB  1 
ATOM   203  C CG  . ASN A 1 25  ? 10.760  5.568   18.087  1.00 34.19 ? 25  ASN A CG  1 
ATOM   204  O OD1 . ASN A 1 25  ? 10.787  4.358   18.313  1.00 34.75 ? 25  ASN A OD1 1 
ATOM   205  N ND2 . ASN A 1 25  ? 9.745   6.343   18.453  1.00 35.31 ? 25  ASN A ND2 1 
ATOM   206  N N   . VAL A 1 26  ? 13.425  3.727   16.214  1.00 27.88 ? 26  VAL A N   1 
ATOM   207  C CA  . VAL A 1 26  ? 13.688  2.294   16.212  1.00 29.03 ? 26  VAL A CA  1 
ATOM   208  C C   . VAL A 1 26  ? 12.698  1.411   16.963  1.00 27.28 ? 26  VAL A C   1 
ATOM   209  O O   . VAL A 1 26  ? 12.292  0.373   16.443  1.00 26.72 ? 26  VAL A O   1 
ATOM   210  C CB  . VAL A 1 26  ? 15.115  1.988   16.726  1.00 31.07 ? 26  VAL A CB  1 
ATOM   211  C CG1 . VAL A 1 26  ? 16.139  2.472   15.714  1.00 33.09 ? 26  VAL A CG1 1 
ATOM   212  C CG2 . VAL A 1 26  ? 15.348  2.671   18.062  1.00 31.88 ? 26  VAL A CG2 1 
ATOM   213  N N   . MET A 1 27  ? 12.312  1.799   18.176  1.00 26.99 ? 27  MET A N   1 
ATOM   214  C CA  . MET A 1 27  ? 11.364  0.990   18.940  1.00 26.32 ? 27  MET A CA  1 
ATOM   215  C C   . MET A 1 27  ? 10.057  0.774   18.187  1.00 24.42 ? 27  MET A C   1 
ATOM   216  O O   . MET A 1 27  ? 9.572   -0.352  18.093  1.00 24.51 ? 27  MET A O   1 
ATOM   217  C CB  . MET A 1 27  ? 11.059  1.620   20.307  1.00 30.08 ? 27  MET A CB  1 
ATOM   218  C CG  . MET A 1 27  ? 12.096  1.372   21.402  1.00 33.94 ? 27  MET A CG  1 
ATOM   219  S SD  . MET A 1 27  ? 13.708  2.134   21.174  1.00 38.38 ? 27  MET A SD  1 
ATOM   220  C CE  . MET A 1 27  ? 14.500  1.661   22.690  1.00 35.77 ? 27  MET A CE  1 
ATOM   221  N N   . LEU A 1 28  ? 9.481   1.848   17.653  1.00 22.45 ? 28  LEU A N   1 
ATOM   222  C CA  . LEU A 1 28  ? 8.232   1.717   16.913  1.00 21.96 ? 28  LEU A CA  1 
ATOM   223  C C   . LEU A 1 28  ? 8.407   0.959   15.606  1.00 21.63 ? 28  LEU A C   1 
ATOM   224  O O   . LEU A 1 28  ? 7.512   0.218   15.206  1.00 21.10 ? 28  LEU A O   1 
ATOM   225  C CB  . LEU A 1 28  ? 7.603   3.089   16.632  1.00 21.87 ? 28  LEU A CB  1 
ATOM   226  C CG  . LEU A 1 28  ? 6.849   3.733   17.796  1.00 22.96 ? 28  LEU A CG  1 
ATOM   227  C CD1 . LEU A 1 28  ? 6.247   5.058   17.360  1.00 22.76 ? 28  LEU A CD1 1 
ATOM   228  C CD2 . LEU A 1 28  ? 5.741   2.790   18.250  1.00 22.18 ? 28  LEU A CD2 1 
ATOM   229  N N   . ARG A 1 29  ? 9.542   1.142   14.933  1.00 21.10 ? 29  ARG A N   1 
ATOM   230  C CA  . ARG A 1 29  ? 9.767   0.426   13.684  1.00 22.33 ? 29  ARG A CA  1 
ATOM   231  C C   . ARG A 1 29  ? 9.768   -1.073  13.914  1.00 21.97 ? 29  ARG A C   1 
ATOM   232  O O   . ARG A 1 29  ? 9.246   -1.823  13.094  1.00 22.01 ? 29  ARG A O   1 
ATOM   233  C CB  . ARG A 1 29  ? 11.084  0.837   13.016  1.00 24.27 ? 29  ARG A CB  1 
ATOM   234  C CG  . ARG A 1 29  ? 11.014  2.182   12.332  1.00 29.77 ? 29  ARG A CG  1 
ATOM   235  C CD  . ARG A 1 29  ? 12.114  2.397   11.286  1.00 30.98 ? 29  ARG A CD  1 
ATOM   236  N NE  . ARG A 1 29  ? 13.453  2.607   11.833  1.00 35.50 ? 29  ARG A NE  1 
ATOM   237  C CZ  . ARG A 1 29  ? 14.246  1.653   12.303  1.00 34.12 ? 29  ARG A CZ  1 
ATOM   238  N NH1 . ARG A 1 29  ? 13.849  0.388   12.301  1.00 38.08 ? 29  ARG A NH1 1 
ATOM   239  N NH2 . ARG A 1 29  ? 15.445  1.972   12.769  1.00 33.50 ? 29  ARG A NH2 1 
ATOM   240  N N   . LYS A 1 30  ? 10.348  -1.507  15.031  1.00 22.11 ? 30  LYS A N   1 
ATOM   241  C CA  . LYS A 1 30  ? 10.405  -2.929  15.343  1.00 23.10 ? 30  LYS A CA  1 
ATOM   242  C C   . LYS A 1 30  ? 9.011   -3.526  15.426  1.00 21.10 ? 30  LYS A C   1 
ATOM   243  O O   . LYS A 1 30  ? 8.738   -4.565  14.831  1.00 22.98 ? 30  LYS A O   1 
ATOM   244  C CB  . LYS A 1 30  ? 11.131  -3.165  16.670  1.00 25.45 ? 30  LYS A CB  1 
ATOM   245  C CG  . LYS A 1 30  ? 12.573  -2.698  16.680  1.00 33.13 ? 30  LYS A CG  1 
ATOM   246  C CD  . LYS A 1 30  ? 13.395  -3.416  15.625  1.00 36.32 ? 30  LYS A CD  1 
ATOM   247  C CE  . LYS A 1 30  ? 14.849  -2.989  15.675  1.00 39.29 ? 30  LYS A CE  1 
ATOM   248  N NZ  . LYS A 1 30  ? 15.649  -3.697  14.635  1.00 43.57 ? 30  LYS A NZ  1 
ATOM   249  N N   . ILE A 1 31  ? 8.131   -2.860  16.166  1.00 19.56 ? 31  ILE A N   1 
ATOM   250  C CA  . ILE A 1 31  ? 6.760   -3.324  16.337  1.00 17.11 ? 31  ILE A CA  1 
ATOM   251  C C   . ILE A 1 31  ? 6.037   -3.387  14.999  1.00 17.22 ? 31  ILE A C   1 
ATOM   252  O O   . ILE A 1 31  ? 5.331   -4.353  14.713  1.00 17.39 ? 31  ILE A O   1 
ATOM   253  C CB  . ILE A 1 31  ? 5.967   -2.390  17.281  1.00 17.95 ? 31  ILE A CB  1 
ATOM   254  C CG1 . ILE A 1 31  ? 6.641   -2.344  18.655  1.00 18.05 ? 31  ILE A CG1 1 
ATOM   255  C CG2 . ILE A 1 31  ? 4.524   -2.876  17.408  1.00 17.48 ? 31  ILE A CG2 1 
ATOM   256  C CD1 . ILE A 1 31  ? 5.979   -1.391  19.637  1.00 23.05 ? 31  ILE A CD1 1 
ATOM   257  N N   . ALA A 1 32  ? 6.217   -2.355  14.180  1.00 14.91 ? 32  ALA A N   1 
ATOM   258  C CA  . ALA A 1 32  ? 5.574   -2.300  12.873  1.00 15.67 ? 32  ALA A CA  1 
ATOM   259  C C   . ALA A 1 32  ? 6.094   -3.390  11.933  1.00 16.77 ? 32  ALA A C   1 
ATOM   260  O O   . ALA A 1 32  ? 5.311   -4.077  11.280  1.00 16.06 ? 32  ALA A O   1 
ATOM   261  C CB  . ALA A 1 32  ? 5.785   -0.918  12.244  1.00 15.41 ? 32  ALA A CB  1 
ATOM   262  N N   . VAL A 1 33  ? 7.414   -3.546  11.867  1.00 17.07 ? 33  VAL A N   1 
ATOM   263  C CA  . VAL A 1 33  ? 8.014   -4.546  10.994  1.00 18.45 ? 33  VAL A CA  1 
ATOM   264  C C   . VAL A 1 33  ? 7.556   -5.967  11.327  1.00 18.66 ? 33  VAL A C   1 
ATOM   265  O O   . VAL A 1 33  ? 7.240   -6.744  10.431  1.00 18.11 ? 33  VAL A O   1 
ATOM   266  C CB  . VAL A 1 33  ? 9.563   -4.485  11.048  1.00 19.69 ? 33  VAL A CB  1 
ATOM   267  C CG1 . VAL A 1 33  ? 10.159  -5.601  10.199  1.00 22.03 ? 33  VAL A CG1 1 
ATOM   268  C CG2 . VAL A 1 33  ? 10.049  -3.139  10.537  1.00 20.66 ? 33  VAL A CG2 1 
ATOM   269  N N   . ALA A 1 34  ? 7.513   -6.304  12.614  1.00 18.43 ? 34  ALA A N   1 
ATOM   270  C CA  . ALA A 1 34  ? 7.086   -7.635  13.034  1.00 17.71 ? 34  ALA A CA  1 
ATOM   271  C C   . ALA A 1 34  ? 5.659   -7.944  12.595  1.00 18.42 ? 34  ALA A C   1 
ATOM   272  O O   . ALA A 1 34  ? 5.396   -9.000  12.013  1.00 18.10 ? 34  ALA A O   1 
ATOM   273  C CB  . ALA A 1 34  ? 7.199   -7.768  14.554  1.00 19.19 ? 34  ALA A CB  1 
ATOM   274  N N   . ALA A 1 35  ? 4.738   -7.024  12.879  1.00 16.80 ? 35  ALA A N   1 
ATOM   275  C CA  . ALA A 1 35  ? 3.326   -7.208  12.525  1.00 16.82 ? 35  ALA A CA  1 
ATOM   276  C C   . ALA A 1 35  ? 3.063   -7.183  11.019  1.00 16.76 ? 35  ALA A C   1 
ATOM   277  O O   . ALA A 1 35  ? 2.223   -7.924  10.520  1.00 17.47 ? 35  ALA A O   1 
ATOM   278  C CB  . ALA A 1 35  ? 2.473   -6.142  13.211  1.00 17.16 ? 35  ALA A CB  1 
ATOM   279  N N   . ALA A 1 36  ? 3.784   -6.334  10.299  1.00 15.71 ? 36  ALA A N   1 
ATOM   280  C CA  . ALA A 1 36  ? 3.602   -6.208  8.852   1.00 16.57 ? 36  ALA A CA  1 
ATOM   281  C C   . ALA A 1 36  ? 4.027   -7.436  8.042   1.00 17.18 ? 36  ALA A C   1 
ATOM   282  O O   . ALA A 1 36  ? 3.691   -7.546  6.863   1.00 17.20 ? 36  ALA A O   1 
ATOM   283  C CB  . ALA A 1 36  ? 4.358   -4.981  8.344   1.00 12.46 ? 36  ALA A CB  1 
ATOM   284  N N   . SER A 1 37  ? 4.762   -8.355  8.653   1.00 16.83 ? 37  SER A N   1 
ATOM   285  C CA  . SER A 1 37  ? 5.218   -9.527  7.921   1.00 19.31 ? 37  SER A CA  1 
ATOM   286  C C   . SER A 1 37  ? 4.143   -10.598 7.776   1.00 19.59 ? 37  SER A C   1 
ATOM   287  O O   . SER A 1 37  ? 4.320   -11.568 7.046   1.00 22.43 ? 37  SER A O   1 
ATOM   288  C CB  . SER A 1 37  ? 6.455   -10.121 8.605   1.00 20.61 ? 37  SER A CB  1 
ATOM   289  O OG  . SER A 1 37  ? 6.154   -10.565 9.915   1.00 23.13 ? 37  SER A OG  1 
ATOM   290  N N   . LYS A 1 38  ? 3.016   -10.402 8.449   1.00 19.28 ? 38  LYS A N   1 
ATOM   291  C CA  . LYS A 1 38  ? 1.919   -11.368 8.428   1.00 20.17 ? 38  LYS A CA  1 
ATOM   292  C C   . LYS A 1 38  ? 0.566   -10.693 8.177   1.00 18.48 ? 38  LYS A C   1 
ATOM   293  O O   . LYS A 1 38  ? -0.363  -10.847 8.968   1.00 18.78 ? 38  LYS A O   1 
ATOM   294  C CB  . LYS A 1 38  ? 1.865   -12.076 9.780   1.00 23.14 ? 38  LYS A CB  1 
ATOM   295  C CG  . LYS A 1 38  ? 1.840   -11.048 10.898  1.00 29.68 ? 38  LYS A CG  1 
ATOM   296  C CD  . LYS A 1 38  ? 1.388   -11.565 12.249  1.00 30.10 ? 38  LYS A CD  1 
ATOM   297  C CE  . LYS A 1 38  ? 1.197   -10.365 13.173  1.00 31.18 ? 38  LYS A CE  1 
ATOM   298  N NZ  . LYS A 1 38  ? 0.326   -9.328  12.504  1.00 26.31 ? 38  LYS A NZ  1 
ATOM   299  N N   . PRO A 1 39  ? 0.435   -9.930  7.083   1.00 17.28 ? 39  PRO A N   1 
ATOM   300  C CA  . PRO A 1 39  ? -0.835  -9.262  6.799   1.00 17.97 ? 39  PRO A CA  1 
ATOM   301  C C   . PRO A 1 39  ? -1.895  -10.168 6.178   1.00 17.76 ? 39  PRO A C   1 
ATOM   302  O O   . PRO A 1 39  ? -1.591  -11.220 5.620   1.00 18.47 ? 39  PRO A O   1 
ATOM   303  C CB  . PRO A 1 39  ? -0.412  -8.171  5.830   1.00 20.10 ? 39  PRO A CB  1 
ATOM   304  C CG  . PRO A 1 39  ? 0.579   -8.940  4.978   1.00 18.63 ? 39  PRO A CG  1 
ATOM   305  C CD  . PRO A 1 39  ? 1.440   -9.564  6.068   1.00 15.97 ? 39  PRO A CD  1 
ATOM   306  N N   . ALA A 1 40  ? -3.146  -9.744  6.300   1.00 16.86 ? 40  ALA A N   1 
ATOM   307  C CA  . ALA A 1 40  ? -4.274  -10.441 5.704   1.00 17.51 ? 40  ALA A CA  1 
ATOM   308  C C   . ALA A 1 40  ? -4.866  -9.336  4.844   1.00 17.14 ? 40  ALA A C   1 
ATOM   309  O O   . ALA A 1 40  ? -5.282  -8.302  5.364   1.00 17.52 ? 40  ALA A O   1 
ATOM   310  C CB  . ALA A 1 40  ? -5.273  -10.884 6.768   1.00 18.88 ? 40  ALA A CB  1 
ATOM   311  N N   . VAL A 1 41  ? -4.881  -9.543  3.533   1.00 18.04 ? 41  VAL A N   1 
ATOM   312  C CA  . VAL A 1 41  ? -5.389  -8.533  2.615   1.00 15.41 ? 41  VAL A CA  1 
ATOM   313  C C   . VAL A 1 41  ? -6.628  -9.000  1.872   1.00 15.44 ? 41  VAL A C   1 
ATOM   314  O O   . VAL A 1 41  ? -6.658  -10.092 1.310   1.00 14.51 ? 41  VAL A O   1 
ATOM   315  C CB  . VAL A 1 41  ? -4.315  -8.141  1.578   1.00 14.54 ? 41  VAL A CB  1 
ATOM   316  C CG1 . VAL A 1 41  ? -4.853  -7.058  0.646   1.00 14.70 ? 41  VAL A CG1 1 
ATOM   317  C CG2 . VAL A 1 41  ? -3.055  -7.678  2.289   1.00 12.55 ? 41  VAL A CG2 1 
ATOM   318  N N   . GLU A 1 42  ? -7.652  -8.162  1.885   1.00 14.23 ? 42  GLU A N   1 
ATOM   319  C CA  . GLU A 1 42  ? -8.893  -8.471  1.206   1.00 16.15 ? 42  GLU A CA  1 
ATOM   320  C C   . GLU A 1 42  ? -9.165  -7.363  0.200   1.00 15.73 ? 42  GLU A C   1 
ATOM   321  O O   . GLU A 1 42  ? -9.102  -6.182  0.537   1.00 15.71 ? 42  GLU A O   1 
ATOM   322  C CB  . GLU A 1 42  ? -10.032 -8.542  2.217   1.00 19.43 ? 42  GLU A CB  1 
ATOM   323  C CG  . GLU A 1 42  ? -11.365 -8.947  1.633   1.00 25.20 ? 42  GLU A CG  1 
ATOM   324  C CD  . GLU A 1 42  ? -12.468 -8.902  2.672   1.00 29.57 ? 42  GLU A CD  1 
ATOM   325  O OE1 . GLU A 1 42  ? -12.310 -9.542  3.735   1.00 33.05 ? 42  GLU A OE1 1 
ATOM   326  O OE2 . GLU A 1 42  ? -13.493 -8.230  2.424   1.00 32.33 ? 42  GLU A OE2 1 
ATOM   327  N N   . ILE A 1 43  ? -9.450  -7.741  -1.039  1.00 15.06 ? 43  ILE A N   1 
ATOM   328  C CA  . ILE A 1 43  ? -9.742  -6.754  -2.070  1.00 14.79 ? 43  ILE A CA  1 
ATOM   329  C C   . ILE A 1 43  ? -11.042 -7.100  -2.784  1.00 16.03 ? 43  ILE A C   1 
ATOM   330  O O   . ILE A 1 43  ? -11.270 -8.248  -3.160  1.00 15.71 ? 43  ILE A O   1 
ATOM   331  C CB  . ILE A 1 43  ? -8.613  -6.673  -3.133  1.00 14.71 ? 43  ILE A CB  1 
ATOM   332  C CG1 . ILE A 1 43  ? -7.286  -6.306  -2.472  1.00 15.13 ? 43  ILE A CG1 1 
ATOM   333  C CG2 . ILE A 1 43  ? -8.965  -5.620  -4.184  1.00 13.80 ? 43  ILE A CG2 1 
ATOM   334  C CD1 . ILE A 1 43  ? -6.118  -6.197  -3.437  1.00 16.03 ? 43  ILE A CD1 1 
ATOM   335  N N   . LYS A 1 44  ? -11.895 -6.099  -2.950  1.00 15.05 ? 44  LYS A N   1 
ATOM   336  C CA  . LYS A 1 44  ? -13.160 -6.266  -3.650  1.00 17.22 ? 44  LYS A CA  1 
ATOM   337  C C   . LYS A 1 44  ? -13.135 -5.217  -4.760  1.00 16.98 ? 44  LYS A C   1 
ATOM   338  O O   . LYS A 1 44  ? -13.007 -4.023  -4.487  1.00 16.20 ? 44  LYS A O   1 
ATOM   339  C CB  . LYS A 1 44  ? -14.346 -5.992  -2.715  1.00 21.21 ? 44  LYS A CB  1 
ATOM   340  C CG  . LYS A 1 44  ? -14.525 -6.955  -1.530  1.00 26.67 ? 44  LYS A CG  1 
ATOM   341  C CD  . LYS A 1 44  ? -15.246 -8.259  -1.908  1.00 32.28 ? 44  LYS A CD  1 
ATOM   342  C CE  . LYS A 1 44  ? -14.409 -9.197  -2.780  1.00 33.73 ? 44  LYS A CE  1 
ATOM   343  N NZ  . LYS A 1 44  ? -13.236 -9.768  -2.049  1.00 34.65 ? 44  LYS A NZ  1 
ATOM   344  N N   . GLN A 1 45  ? -13.228 -5.664  -6.006  1.00 16.84 ? 45  GLN A N   1 
ATOM   345  C CA  . GLN A 1 45  ? -13.216 -4.760  -7.149  1.00 19.11 ? 45  GLN A CA  1 
ATOM   346  C C   . GLN A 1 45  ? -14.400 -4.944  -8.090  1.00 19.65 ? 45  GLN A C   1 
ATOM   347  O O   . GLN A 1 45  ? -14.769 -6.063  -8.435  1.00 19.21 ? 45  GLN A O   1 
ATOM   348  C CB  . GLN A 1 45  ? -11.926 -4.927  -7.963  1.00 18.67 ? 45  GLN A CB  1 
ATOM   349  C CG  . GLN A 1 45  ? -12.051 -4.391  -9.389  1.00 21.57 ? 45  GLN A CG  1 
ATOM   350  C CD  . GLN A 1 45  ? -10.812 -4.594  -10.241 1.00 23.73 ? 45  GLN A CD  1 
ATOM   351  O OE1 . GLN A 1 45  ? -10.155 -5.633  -10.175 1.00 24.92 ? 45  GLN A OE1 1 
ATOM   352  N NE2 . GLN A 1 45  ? -10.508 -3.610  -11.081 1.00 26.47 ? 45  GLN A NE2 1 
ATOM   353  N N   . GLU A 1 46  ? -14.976 -3.823  -8.504  1.00 20.41 ? 46  GLU A N   1 
ATOM   354  C CA  . GLU A 1 46  ? -16.082 -3.802  -9.451  1.00 20.69 ? 46  GLU A CA  1 
ATOM   355  C C   . GLU A 1 46  ? -15.778 -2.617  -10.357 1.00 18.87 ? 46  GLU A C   1 
ATOM   356  O O   . GLU A 1 46  ? -15.944 -1.473  -9.957  1.00 16.64 ? 46  GLU A O   1 
ATOM   357  C CB  . GLU A 1 46  ? -17.418 -3.605  -8.728  1.00 23.01 ? 46  GLU A CB  1 
ATOM   358  C CG  . GLU A 1 46  ? -18.596 -3.364  -9.669  1.00 27.75 ? 46  GLU A CG  1 
ATOM   359  C CD  . GLU A 1 46  ? -18.815 -4.490  -10.678 1.00 29.99 ? 46  GLU A CD  1 
ATOM   360  O OE1 . GLU A 1 46  ? -19.649 -4.302  -11.593 1.00 31.80 ? 46  GLU A OE1 1 
ATOM   361  O OE2 . GLU A 1 46  ? -18.169 -5.557  -10.557 1.00 28.10 ? 46  GLU A OE2 1 
ATOM   362  N N   . GLY A 1 47  ? -15.305 -2.896  -11.568 1.00 19.02 ? 47  GLY A N   1 
ATOM   363  C CA  . GLY A 1 47  ? -14.955 -1.823  -12.486 1.00 19.04 ? 47  GLY A CA  1 
ATOM   364  C C   . GLY A 1 47  ? -13.803 -1.010  -11.918 1.00 18.94 ? 47  GLY A C   1 
ATOM   365  O O   . GLY A 1 47  ? -12.757 -1.568  -11.574 1.00 18.58 ? 47  GLY A O   1 
ATOM   366  N N   . ASP A 1 48  ? -13.987 0.307   -11.821 1.00 18.67 ? 48  ASP A N   1 
ATOM   367  C CA  . ASP A 1 48  ? -12.968 1.191   -11.266 1.00 18.50 ? 48  ASP A CA  1 
ATOM   368  C C   . ASP A 1 48  ? -13.150 1.390   -9.764  1.00 18.14 ? 48  ASP A C   1 
ATOM   369  O O   . ASP A 1 48  ? -12.429 2.172   -9.150  1.00 18.94 ? 48  ASP A O   1 
ATOM   370  C CB  . ASP A 1 48  ? -13.012 2.573   -11.923 1.00 22.23 ? 48  ASP A CB  1 
ATOM   371  C CG  . ASP A 1 48  ? -12.270 2.626   -13.241 1.00 23.90 ? 48  ASP A CG  1 
ATOM   372  O OD1 . ASP A 1 48  ? -11.627 1.621   -13.615 1.00 24.44 ? 48  ASP A OD1 1 
ATOM   373  O OD2 . ASP A 1 48  ? -12.322 3.692   -13.894 1.00 24.96 ? 48  ASP A OD2 1 
ATOM   374  N N   . THR A 1 49  ? -14.117 0.701   -9.174  1.00 17.10 ? 49  THR A N   1 
ATOM   375  C CA  . THR A 1 49  ? -14.369 0.851   -7.747  1.00 16.58 ? 49  THR A CA  1 
ATOM   376  C C   . THR A 1 49  ? -13.616 -0.187  -6.927  1.00 17.17 ? 49  THR A C   1 
ATOM   377  O O   . THR A 1 49  ? -13.747 -1.387  -7.165  1.00 17.01 ? 49  THR A O   1 
ATOM   378  C CB  . THR A 1 49  ? -15.875 0.758   -7.451  1.00 16.86 ? 49  THR A CB  1 
ATOM   379  O OG1 . THR A 1 49  ? -16.549 1.828   -8.126  1.00 17.30 ? 49  THR A OG1 1 
ATOM   380  C CG2 . THR A 1 49  ? -16.142 0.865   -5.956  1.00 17.02 ? 49  THR A CG2 1 
ATOM   381  N N   . PHE A 1 50  ? -12.819 0.284   -5.968  1.00 15.01 ? 50  PHE A N   1 
ATOM   382  C CA  . PHE A 1 50  ? -12.036 -0.614  -5.121  1.00 15.05 ? 50  PHE A CA  1 
ATOM   383  C C   . PHE A 1 50  ? -12.259 -0.491  -3.623  1.00 14.70 ? 50  PHE A C   1 
ATOM   384  O O   . PHE A 1 50  ? -12.471 0.595   -3.087  1.00 14.91 ? 50  PHE A O   1 
ATOM   385  C CB  . PHE A 1 50  ? -10.528 -0.428  -5.336  1.00 14.49 ? 50  PHE A CB  1 
ATOM   386  C CG  . PHE A 1 50  ? -9.995  -1.020  -6.607  1.00 16.60 ? 50  PHE A CG  1 
ATOM   387  C CD1 . PHE A 1 50  ? -10.207 -0.400  -7.832  1.00 16.42 ? 50  PHE A CD1 1 
ATOM   388  C CD2 . PHE A 1 50  ? -9.259  -2.204  -6.570  1.00 17.74 ? 50  PHE A CD2 1 
ATOM   389  C CE1 . PHE A 1 50  ? -9.691  -0.949  -9.001  1.00 16.70 ? 50  PHE A CE1 1 
ATOM   390  C CE2 . PHE A 1 50  ? -8.741  -2.758  -7.733  1.00 17.84 ? 50  PHE A CE2 1 
ATOM   391  C CZ  . PHE A 1 50  ? -8.957  -2.129  -8.952  1.00 15.59 ? 50  PHE A CZ  1 
ATOM   392  N N   . TYR A 1 51  ? -12.166 -1.635  -2.960  1.00 14.84 ? 51  TYR A N   1 
ATOM   393  C CA  . TYR A 1 51  ? -12.256 -1.733  -1.514  1.00 15.03 ? 51  TYR A CA  1 
ATOM   394  C C   . TYR A 1 51  ? -11.047 -2.576  -1.122  1.00 14.79 ? 51  TYR A C   1 
ATOM   395  O O   . TYR A 1 51  ? -10.928 -3.728  -1.542  1.00 15.17 ? 51  TYR A O   1 
ATOM   396  C CB  . TYR A 1 51  ? -13.522 -2.461  -1.076  1.00 16.01 ? 51  TYR A CB  1 
ATOM   397  C CG  . TYR A 1 51  ? -13.485 -2.869  0.383   1.00 20.38 ? 51  TYR A CG  1 
ATOM   398  C CD1 . TYR A 1 51  ? -13.544 -1.918  1.402   1.00 20.03 ? 51  TYR A CD1 1 
ATOM   399  C CD2 . TYR A 1 51  ? -13.364 -4.209  0.739   1.00 21.62 ? 51  TYR A CD2 1 
ATOM   400  C CE1 . TYR A 1 51  ? -13.486 -2.296  2.742   1.00 23.79 ? 51  TYR A CE1 1 
ATOM   401  C CE2 . TYR A 1 51  ? -13.305 -4.598  2.075   1.00 23.90 ? 51  TYR A CE2 1 
ATOM   402  C CZ  . TYR A 1 51  ? -13.368 -3.642  3.069   1.00 24.95 ? 51  TYR A CZ  1 
ATOM   403  O OH  . TYR A 1 51  ? -13.323 -4.039  4.387   1.00 27.27 ? 51  TYR A OH  1 
ATOM   404  N N   . ILE A 1 52  ? -10.143 -2.007  -0.336  1.00 14.58 ? 52  ILE A N   1 
ATOM   405  C CA  . ILE A 1 52  ? -8.971  -2.760  0.088   1.00 13.73 ? 52  ILE A CA  1 
ATOM   406  C C   . ILE A 1 52  ? -8.793  -2.703  1.597   1.00 14.78 ? 52  ILE A C   1 
ATOM   407  O O   . ILE A 1 52  ? -8.585  -1.630  2.174   1.00 15.30 ? 52  ILE A O   1 
ATOM   408  C CB  . ILE A 1 52  ? -7.692  -2.237  -0.591  1.00 12.17 ? 52  ILE A CB  1 
ATOM   409  C CG1 . ILE A 1 52  ? -7.836  -2.350  -2.110  1.00 10.34 ? 52  ILE A CG1 1 
ATOM   410  C CG2 . ILE A 1 52  ? -6.483  -3.044  -0.117  1.00 11.75 ? 52  ILE A CG2 1 
ATOM   411  C CD1 . ILE A 1 52  ? -6.629  -1.862  -2.877  1.00 10.64 ? 52  ILE A CD1 1 
ATOM   412  N N   . LYS A 1 53  ? -8.883  -3.866  2.229   1.00 13.44 ? 53  LYS A N   1 
ATOM   413  C CA  . LYS A 1 53  ? -8.726  -3.979  3.672   1.00 14.91 ? 53  LYS A CA  1 
ATOM   414  C C   . LYS A 1 53  ? -7.416  -4.706  3.965   1.00 15.04 ? 53  LYS A C   1 
ATOM   415  O O   . LYS A 1 53  ? -7.199  -5.822  3.491   1.00 14.20 ? 53  LYS A O   1 
ATOM   416  C CB  . LYS A 1 53  ? -9.900  -4.768  4.258   1.00 15.56 ? 53  LYS A CB  1 
ATOM   417  C CG  . LYS A 1 53  ? -9.874  -4.937  5.766   1.00 21.59 ? 53  LYS A CG  1 
ATOM   418  C CD  . LYS A 1 53  ? -11.007 -5.863  6.199   1.00 26.83 ? 53  LYS A CD  1 
ATOM   419  C CE  . LYS A 1 53  ? -11.077 -6.020  7.705   1.00 30.02 ? 53  LYS A CE  1 
ATOM   420  N NZ  . LYS A 1 53  ? -11.421 -4.732  8.369   1.00 35.06 ? 53  LYS A NZ  1 
ATOM   421  N N   . THR A 1 54  ? -6.538  -4.071  4.732   1.00 14.05 ? 54  THR A N   1 
ATOM   422  C CA  . THR A 1 54  ? -5.255  -4.677  5.082   1.00 14.68 ? 54  THR A CA  1 
ATOM   423  C C   . THR A 1 54  ? -5.211  -4.771  6.604   1.00 15.98 ? 54  THR A C   1 
ATOM   424  O O   . THR A 1 54  ? -5.193  -3.750  7.290   1.00 15.34 ? 54  THR A O   1 
ATOM   425  C CB  . THR A 1 54  ? -4.077  -3.811  4.586   1.00 14.21 ? 54  THR A CB  1 
ATOM   426  O OG1 . THR A 1 54  ? -4.200  -3.612  3.178   1.00 12.51 ? 54  THR A OG1 1 
ATOM   427  C CG2 . THR A 1 54  ? -2.744  -4.503  4.866   1.00 12.81 ? 54  THR A CG2 1 
ATOM   428  N N   . SER A 1 55  ? -5.198  -5.995  7.125   1.00 15.43 ? 55  SER A N   1 
ATOM   429  C CA  . SER A 1 55  ? -5.192  -6.197  8.568   1.00 17.04 ? 55  SER A CA  1 
ATOM   430  C C   . SER A 1 55  ? -3.927  -6.814  9.143   1.00 15.66 ? 55  SER A C   1 
ATOM   431  O O   . SER A 1 55  ? -3.343  -7.720  8.556   1.00 15.84 ? 55  SER A O   1 
ATOM   432  C CB  . SER A 1 55  ? -6.375  -7.084  8.977   1.00 19.58 ? 55  SER A CB  1 
ATOM   433  O OG  . SER A 1 55  ? -7.607  -6.504  8.597   1.00 27.64 ? 55  SER A OG  1 
ATOM   434  N N   . THR A 1 56  ? -3.516  -6.299  10.300  1.00 13.94 ? 56  THR A N   1 
ATOM   435  C CA  . THR A 1 56  ? -2.371  -6.820  11.038  1.00 13.37 ? 56  THR A CA  1 
ATOM   436  C C   . THR A 1 56  ? -2.811  -6.759  12.491  1.00 14.24 ? 56  THR A C   1 
ATOM   437  O O   . THR A 1 56  ? -3.843  -6.165  12.801  1.00 15.51 ? 56  THR A O   1 
ATOM   438  C CB  . THR A 1 56  ? -1.106  -5.959  10.885  1.00 12.73 ? 56  THR A CB  1 
ATOM   439  O OG1 . THR A 1 56  ? -1.324  -4.666  11.471  1.00 11.71 ? 56  THR A OG1 1 
ATOM   440  C CG2 . THR A 1 56  ? -0.733  -5.816  9.410   1.00 16.07 ? 56  THR A CG2 1 
ATOM   441  N N   . THR A 1 57  ? -2.028  -7.358  13.379  1.00 14.25 ? 57  THR A N   1 
ATOM   442  C CA  . THR A 1 57  ? -2.346  -7.362  14.804  1.00 15.20 ? 57  THR A CA  1 
ATOM   443  C C   . THR A 1 57  ? -2.296  -5.972  15.447  1.00 13.97 ? 57  THR A C   1 
ATOM   444  O O   . THR A 1 57  ? -2.989  -5.718  16.435  1.00 15.76 ? 57  THR A O   1 
ATOM   445  C CB  . THR A 1 57  ? -1.378  -8.281  15.571  1.00 15.02 ? 57  THR A CB  1 
ATOM   446  O OG1 . THR A 1 57  ? -0.031  -7.913  15.255  1.00 17.55 ? 57  THR A OG1 1 
ATOM   447  C CG2 . THR A 1 57  ? -1.598  -9.732  15.188  1.00 18.43 ? 57  THR A CG2 1 
ATOM   448  N N   . VAL A 1 58  ? -1.482  -5.075  14.896  1.00 12.82 ? 58  VAL A N   1 
ATOM   449  C CA  . VAL A 1 58  ? -1.347  -3.732  15.460  1.00 12.28 ? 58  VAL A CA  1 
ATOM   450  C C   . VAL A 1 58  ? -2.097  -2.640  14.694  1.00 11.56 ? 58  VAL A C   1 
ATOM   451  O O   . VAL A 1 58  ? -2.215  -1.514  15.171  1.00 10.36 ? 58  VAL A O   1 
ATOM   452  C CB  . VAL A 1 58  ? 0.140   -3.316  15.552  1.00 12.90 ? 58  VAL A CB  1 
ATOM   453  C CG1 . VAL A 1 58  ? 0.906   -4.289  16.438  1.00 13.47 ? 58  VAL A CG1 1 
ATOM   454  C CG2 . VAL A 1 58  ? 0.748   -3.268  14.160  1.00 11.75 ? 58  VAL A CG2 1 
ATOM   455  N N   . ARG A 1 59  ? -2.603  -2.969  13.512  1.00 12.09 ? 59  ARG A N   1 
ATOM   456  C CA  . ARG A 1 59  ? -3.321  -1.987  12.713  1.00 15.29 ? 59  ARG A CA  1 
ATOM   457  C C   . ARG A 1 59  ? -4.090  -2.565  11.540  1.00 14.42 ? 59  ARG A C   1 
ATOM   458  O O   . ARG A 1 59  ? -3.640  -3.498  10.889  1.00 16.49 ? 59  ARG A O   1 
ATOM   459  C CB  . ARG A 1 59  ? -2.354  -0.921  12.172  1.00 16.25 ? 59  ARG A CB  1 
ATOM   460  C CG  . ARG A 1 59  ? -3.051  0.121   11.312  1.00 21.04 ? 59  ARG A CG  1 
ATOM   461  C CD  . ARG A 1 59  ? -2.216  1.382   11.126  1.00 26.01 ? 59  ARG A CD  1 
ATOM   462  N NE  . ARG A 1 59  ? -1.198  1.275   10.094  1.00 28.47 ? 59  ARG A NE  1 
ATOM   463  C CZ  . ARG A 1 59  ? -0.310  2.228   9.833   1.00 30.10 ? 59  ARG A CZ  1 
ATOM   464  N NH1 . ARG A 1 59  ? -0.317  3.353   10.536  1.00 31.99 ? 59  ARG A NH1 1 
ATOM   465  N NH2 . ARG A 1 59  ? 0.559   2.076   8.841   1.00 30.94 ? 59  ARG A NH2 1 
ATOM   466  N N   . THR A 1 60  ? -5.259  -1.994  11.280  1.00 15.64 ? 60  THR A N   1 
ATOM   467  C CA  . THR A 1 60  ? -6.077  -2.408  10.152  1.00 17.06 ? 60  THR A CA  1 
ATOM   468  C C   . THR A 1 60  ? -6.492  -1.154  9.405   1.00 18.28 ? 60  THR A C   1 
ATOM   469  O O   . THR A 1 60  ? -6.929  -0.179  10.015  1.00 18.14 ? 60  THR A O   1 
ATOM   470  C CB  . THR A 1 60  ? -7.359  -3.131  10.582  1.00 16.51 ? 60  THR A CB  1 
ATOM   471  O OG1 . THR A 1 60  ? -7.026  -4.343  11.262  1.00 18.20 ? 60  THR A OG1 1 
ATOM   472  C CG2 . THR A 1 60  ? -8.209  -3.450  9.364   1.00 19.42 ? 60  THR A CG2 1 
ATOM   473  N N   . THR A 1 61  ? -6.332  -1.166  8.088   1.00 18.30 ? 61  THR A N   1 
ATOM   474  C CA  . THR A 1 61  ? -6.734  -0.027  7.281   1.00 18.76 ? 61  THR A CA  1 
ATOM   475  C C   . THR A 1 61  ? -7.724  -0.496  6.235   1.00 18.79 ? 61  THR A C   1 
ATOM   476  O O   . THR A 1 61  ? -7.632  -1.612  5.728   1.00 20.03 ? 61  THR A O   1 
ATOM   477  C CB  . THR A 1 61  ? -5.544  0.640   6.560   1.00 19.83 ? 61  THR A CB  1 
ATOM   478  O OG1 . THR A 1 61  ? -4.898  -0.311  5.704   1.00 15.97 ? 61  THR A OG1 1 
ATOM   479  C CG2 . THR A 1 61  ? -4.552  1.191   7.570   1.00 19.59 ? 61  THR A CG2 1 
ATOM   480  N N   . GLU A 1 62  ? -8.692  0.358   5.939   1.00 19.96 ? 62  GLU A N   1 
ATOM   481  C CA  . GLU A 1 62  ? -9.697  0.061   4.935   1.00 21.30 ? 62  GLU A CA  1 
ATOM   482  C C   . GLU A 1 62  ? -9.816  1.283   4.057   1.00 20.96 ? 62  GLU A C   1 
ATOM   483  O O   . GLU A 1 62  ? -10.046 2.385   4.552   1.00 20.60 ? 62  GLU A O   1 
ATOM   484  C CB  . GLU A 1 62  ? -11.056 -0.219  5.573   1.00 23.91 ? 62  GLU A CB  1 
ATOM   485  C CG  . GLU A 1 62  ? -11.157 -1.510  6.345   1.00 29.56 ? 62  GLU A CG  1 
ATOM   486  C CD  . GLU A 1 62  ? -12.530 -1.680  6.969   1.00 34.32 ? 62  GLU A CD  1 
ATOM   487  O OE1 . GLU A 1 62  ? -12.873 -0.884  7.868   1.00 37.56 ? 62  GLU A OE1 1 
ATOM   488  O OE2 . GLU A 1 62  ? -13.272 -2.599  6.559   1.00 37.52 ? 62  GLU A OE2 1 
ATOM   489  N N   . ILE A 1 63  ? -9.631  1.101   2.758   1.00 19.16 ? 63  ILE A N   1 
ATOM   490  C CA  . ILE A 1 63  ? -9.767  2.218   1.849   1.00 18.72 ? 63  ILE A CA  1 
ATOM   491  C C   . ILE A 1 63  ? -10.780 1.862   0.776   1.00 18.72 ? 63  ILE A C   1 
ATOM   492  O O   . ILE A 1 63  ? -10.898 0.707   0.360   1.00 16.90 ? 63  ILE A O   1 
ATOM   493  C CB  . ILE A 1 63  ? -8.417  2.615   1.186   1.00 18.72 ? 63  ILE A CB  1 
ATOM   494  C CG1 . ILE A 1 63  ? -7.854  1.458   0.363   1.00 19.17 ? 63  ILE A CG1 1 
ATOM   495  C CG2 . ILE A 1 63  ? -7.412  3.024   2.255   1.00 21.34 ? 63  ILE A CG2 1 
ATOM   496  C CD1 . ILE A 1 63  ? -6.538  1.798   -0.329  1.00 19.12 ? 63  ILE A CD1 1 
ATOM   497  N N   . ASN A 1 64  ? -11.538 2.867   0.365   1.00 19.28 ? 64  ASN A N   1 
ATOM   498  C CA  . ASN A 1 64  ? -12.545 2.728   -0.670  1.00 20.70 ? 64  ASN A CA  1 
ATOM   499  C C   . ASN A 1 64  ? -12.217 3.822   -1.656  1.00 20.20 ? 64  ASN A C   1 
ATOM   500  O O   . ASN A 1 64  ? -12.067 4.979   -1.268  1.00 20.05 ? 64  ASN A O   1 
ATOM   501  C CB  . ASN A 1 64  ? -13.939 2.960   -0.093  1.00 24.62 ? 64  ASN A CB  1 
ATOM   502  C CG  . ASN A 1 64  ? -14.423 1.798   0.738   1.00 26.41 ? 64  ASN A CG  1 
ATOM   503  O OD1 . ASN A 1 64  ? -14.754 0.738   0.205   1.00 28.63 ? 64  ASN A OD1 1 
ATOM   504  N ND2 . ASN A 1 64  ? -14.454 1.982   2.055   1.00 27.93 ? 64  ASN A ND2 1 
ATOM   505  N N   . PHE A 1 65  ? -12.078 3.473   -2.926  1.00 18.05 ? 65  PHE A N   1 
ATOM   506  C CA  . PHE A 1 65  ? -11.767 4.499   -3.900  1.00 16.83 ? 65  PHE A CA  1 
ATOM   507  C C   . PHE A 1 65  ? -12.184 4.092   -5.293  1.00 16.25 ? 65  PHE A C   1 
ATOM   508  O O   . PHE A 1 65  ? -12.441 2.919   -5.572  1.00 15.29 ? 65  PHE A O   1 
ATOM   509  C CB  . PHE A 1 65  ? -10.260 4.834   -3.863  1.00 15.57 ? 65  PHE A CB  1 
ATOM   510  C CG  . PHE A 1 65  ? -9.362  3.725   -4.362  1.00 15.44 ? 65  PHE A CG  1 
ATOM   511  C CD1 . PHE A 1 65  ? -9.158  3.531   -5.730  1.00 16.76 ? 65  PHE A CD1 1 
ATOM   512  C CD2 . PHE A 1 65  ? -8.737  2.862   -3.467  1.00 16.79 ? 65  PHE A CD2 1 
ATOM   513  C CE1 . PHE A 1 65  ? -8.343  2.492   -6.199  1.00 15.71 ? 65  PHE A CE1 1 
ATOM   514  C CE2 . PHE A 1 65  ? -7.918  1.816   -3.923  1.00 16.63 ? 65  PHE A CE2 1 
ATOM   515  C CZ  . PHE A 1 65  ? -7.723  1.633   -5.292  1.00 16.41 ? 65  PHE A CZ  1 
ATOM   516  N N   . LYS A 1 66  ? -12.290 5.087   -6.158  1.00 16.42 ? 66  LYS A N   1 
ATOM   517  C CA  . LYS A 1 66  ? -12.631 4.850   -7.543  1.00 16.66 ? 66  LYS A CA  1 
ATOM   518  C C   . LYS A 1 66  ? -11.416 5.366   -8.264  1.00 14.58 ? 66  LYS A C   1 
ATOM   519  O O   . LYS A 1 66  ? -10.928 6.454   -7.959  1.00 13.86 ? 66  LYS A O   1 
ATOM   520  C CB  . LYS A 1 66  ? -13.879 5.640   -7.944  1.00 18.34 ? 66  LYS A CB  1 
ATOM   521  C CG  . LYS A 1 66  ? -15.111 5.203   -7.174  1.00 21.98 ? 66  LYS A CG  1 
ATOM   522  C CD  . LYS A 1 66  ? -16.345 5.967   -7.585  1.00 28.91 ? 66  LYS A CD  1 
ATOM   523  C CE  . LYS A 1 66  ? -17.562 5.425   -6.851  1.00 32.67 ? 66  LYS A CE  1 
ATOM   524  N NZ  . LYS A 1 66  ? -18.820 6.097   -7.277  1.00 37.79 ? 66  LYS A NZ  1 
ATOM   525  N N   . VAL A 1 67  ? -10.892 4.569   -9.186  1.00 14.30 ? 67  VAL A N   1 
ATOM   526  C CA  . VAL A 1 67  ? -9.717  4.986   -9.929  1.00 14.19 ? 67  VAL A CA  1 
ATOM   527  C C   . VAL A 1 67  ? -10.089 6.266   -10.663 1.00 15.76 ? 67  VAL A C   1 
ATOM   528  O O   . VAL A 1 67  ? -11.189 6.377   -11.210 1.00 16.22 ? 67  VAL A O   1 
ATOM   529  C CB  . VAL A 1 67  ? -9.284  3.901   -10.933 1.00 14.80 ? 67  VAL A CB  1 
ATOM   530  C CG1 . VAL A 1 67  ? -8.072  4.376   -11.723 1.00 13.10 ? 67  VAL A CG1 1 
ATOM   531  C CG2 . VAL A 1 67  ? -8.963  2.614   -10.182 1.00 13.41 ? 67  VAL A CG2 1 
ATOM   532  N N   . GLY A 1 68  ? -9.185  7.241   -10.642 1.00 15.37 ? 68  GLY A N   1 
ATOM   533  C CA  . GLY A 1 68  ? -9.452  8.501   -11.303 1.00 17.16 ? 68  GLY A CA  1 
ATOM   534  C C   . GLY A 1 68  ? -10.142 9.529   -10.422 1.00 19.18 ? 68  GLY A C   1 
ATOM   535  O O   . GLY A 1 68  ? -10.312 10.676  -10.828 1.00 18.95 ? 68  GLY A O   1 
ATOM   536  N N   . GLU A 1 69  ? -10.549 9.135   -9.219  1.00 19.18 ? 69  GLU A N   1 
ATOM   537  C CA  . GLU A 1 69  ? -11.213 10.065  -8.311  1.00 20.30 ? 69  GLU A CA  1 
ATOM   538  C C   . GLU A 1 69  ? -10.441 10.261  -7.010  1.00 19.95 ? 69  GLU A C   1 
ATOM   539  O O   . GLU A 1 69  ? -10.110 9.308   -6.308  1.00 18.29 ? 69  GLU A O   1 
ATOM   540  C CB  . GLU A 1 69  ? -12.643 9.599   -8.021  1.00 22.21 ? 69  GLU A CB  1 
ATOM   541  C CG  . GLU A 1 69  ? -13.591 9.767   -9.206  1.00 28.33 ? 69  GLU A CG  1 
ATOM   542  C CD  . GLU A 1 69  ? -15.006 9.296   -8.909  1.00 31.83 ? 69  GLU A CD  1 
ATOM   543  O OE1 . GLU A 1 69  ? -15.571 9.713   -7.874  1.00 34.28 ? 69  GLU A OE1 1 
ATOM   544  O OE2 . GLU A 1 69  ? -15.561 8.521   -9.717  1.00 35.04 ? 69  GLU A OE2 1 
ATOM   545  N N   . GLU A 1 70  ? -10.157 11.515  -6.697  1.00 20.20 ? 70  GLU A N   1 
ATOM   546  C CA  . GLU A 1 70  ? -9.404  11.855  -5.501  1.00 23.40 ? 70  GLU A CA  1 
ATOM   547  C C   . GLU A 1 70  ? -10.098 11.399  -4.228  1.00 23.92 ? 70  GLU A C   1 
ATOM   548  O O   . GLU A 1 70  ? -11.306 11.569  -4.080  1.00 24.32 ? 70  GLU A O   1 
ATOM   549  C CB  . GLU A 1 70  ? -9.182  13.369  -5.453  1.00 26.99 ? 70  GLU A CB  1 
ATOM   550  C CG  . GLU A 1 70  ? -8.500  13.865  -4.197  1.00 33.48 ? 70  GLU A CG  1 
ATOM   551  C CD  . GLU A 1 70  ? -8.307  15.367  -4.207  1.00 36.39 ? 70  GLU A CD  1 
ATOM   552  O OE1 . GLU A 1 70  ? -7.565  15.864  -5.081  1.00 40.00 ? 70  GLU A OE1 1 
ATOM   553  O OE2 . GLU A 1 70  ? -8.902  16.050  -3.346  1.00 39.94 ? 70  GLU A OE2 1 
ATOM   554  N N   . PHE A 1 71  ? -9.332  10.799  -3.320  1.00 22.43 ? 71  PHE A N   1 
ATOM   555  C CA  . PHE A 1 71  ? -9.874  10.355  -2.044  1.00 22.13 ? 71  PHE A CA  1 
ATOM   556  C C   . PHE A 1 71  ? -8.862  10.625  -0.941  1.00 23.03 ? 71  PHE A C   1 
ATOM   557  O O   . PHE A 1 71  ? -7.734  11.042  -1.202  1.00 21.98 ? 71  PHE A O   1 
ATOM   558  C CB  . PHE A 1 71  ? -10.244 8.862   -2.058  1.00 20.77 ? 71  PHE A CB  1 
ATOM   559  C CG  . PHE A 1 71  ? -9.072  7.931   -2.239  1.00 18.70 ? 71  PHE A CG  1 
ATOM   560  C CD1 . PHE A 1 71  ? -8.418  7.835   -3.462  1.00 19.07 ? 71  PHE A CD1 1 
ATOM   561  C CD2 . PHE A 1 71  ? -8.638  7.133   -1.186  1.00 19.54 ? 71  PHE A CD2 1 
ATOM   562  C CE1 . PHE A 1 71  ? -7.351  6.955   -3.636  1.00 15.68 ? 71  PHE A CE1 1 
ATOM   563  C CE2 . PHE A 1 71  ? -7.570  6.251   -1.348  1.00 16.92 ? 71  PHE A CE2 1 
ATOM   564  C CZ  . PHE A 1 71  ? -6.929  6.163   -2.577  1.00 16.63 ? 71  PHE A CZ  1 
ATOM   565  N N   . GLU A 1 72  ? -9.273  10.386  0.296   1.00 23.89 ? 72  GLU A N   1 
ATOM   566  C CA  . GLU A 1 72  ? -8.399  10.626  1.429   1.00 26.15 ? 72  GLU A CA  1 
ATOM   567  C C   . GLU A 1 72  ? -8.055  9.320   2.136   1.00 23.97 ? 72  GLU A C   1 
ATOM   568  O O   . GLU A 1 72  ? -8.915  8.469   2.344   1.00 23.39 ? 72  GLU A O   1 
ATOM   569  C CB  . GLU A 1 72  ? -9.089  11.588  2.398   1.00 29.62 ? 72  GLU A CB  1 
ATOM   570  C CG  . GLU A 1 72  ? -8.206  12.121  3.509   1.00 36.75 ? 72  GLU A CG  1 
ATOM   571  C CD  . GLU A 1 72  ? -8.952  13.088  4.415   1.00 41.17 ? 72  GLU A CD  1 
ATOM   572  O OE1 . GLU A 1 72  ? -9.532  14.065  3.888   1.00 41.71 ? 72  GLU A OE1 1 
ATOM   573  O OE2 . GLU A 1 72  ? -8.952  12.875  5.647   1.00 43.04 ? 72  GLU A OE2 1 
ATOM   574  N N   . GLU A 1 73  ? -6.784  9.157   2.480   1.00 22.78 ? 73  GLU A N   1 
ATOM   575  C CA  . GLU A 1 73  ? -6.332  7.966   3.188   1.00 22.06 ? 73  GLU A CA  1 
ATOM   576  C C   . GLU A 1 73  ? -5.174  8.417   4.072   1.00 21.97 ? 73  GLU A C   1 
ATOM   577  O O   . GLU A 1 73  ? -5.060  9.606   4.374   1.00 21.78 ? 73  GLU A O   1 
ATOM   578  C CB  . GLU A 1 73  ? -5.867  6.880   2.202   1.00 20.49 ? 73  GLU A CB  1 
ATOM   579  C CG  . GLU A 1 73  ? -4.593  7.206   1.436   1.00 20.20 ? 73  GLU A CG  1 
ATOM   580  C CD  . GLU A 1 73  ? -4.116  6.049   0.571   1.00 19.18 ? 73  GLU A CD  1 
ATOM   581  O OE1 . GLU A 1 73  ? -4.204  4.894   1.026   1.00 19.35 ? 73  GLU A OE1 1 
ATOM   582  O OE2 . GLU A 1 73  ? -3.625  6.290   -0.549  1.00 19.06 ? 73  GLU A OE2 1 
ATOM   583  N N   . GLN A 1 74  ? -4.327  7.485   4.495   1.00 21.39 ? 74  GLN A N   1 
ATOM   584  C CA  . GLN A 1 74  ? -3.178  7.841   5.323   1.00 21.93 ? 74  GLN A CA  1 
ATOM   585  C C   . GLN A 1 74  ? -1.891  7.244   4.786   1.00 21.53 ? 74  GLN A C   1 
ATOM   586  O O   . GLN A 1 74  ? -1.885  6.144   4.228   1.00 21.85 ? 74  GLN A O   1 
ATOM   587  C CB  . GLN A 1 74  ? -3.364  7.370   6.772   1.00 23.29 ? 74  GLN A CB  1 
ATOM   588  C CG  . GLN A 1 74  ? -4.548  7.989   7.487   1.00 28.21 ? 74  GLN A CG  1 
ATOM   589  C CD  . GLN A 1 74  ? -4.506  7.752   8.983   1.00 32.14 ? 74  GLN A CD  1 
ATOM   590  O OE1 . GLN A 1 74  ? -4.461  6.612   9.445   1.00 33.86 ? 74  GLN A OE1 1 
ATOM   591  N NE2 . GLN A 1 74  ? -4.517  8.837   9.753   1.00 34.19 ? 74  GLN A NE2 1 
ATOM   592  N N   . THR A 1 75  ? -0.800  7.984   4.943   1.00 20.43 ? 75  THR A N   1 
ATOM   593  C CA  . THR A 1 75  ? 0.506   7.505   4.514   1.00 20.08 ? 75  THR A CA  1 
ATOM   594  C C   . THR A 1 75  ? 0.838   6.322   5.418   1.00 19.87 ? 75  THR A C   1 
ATOM   595  O O   . THR A 1 75  ? 0.182   6.116   6.438   1.00 19.72 ? 75  THR A O   1 
ATOM   596  C CB  . THR A 1 75  ? 1.575   8.571   4.722   1.00 18.34 ? 75  THR A CB  1 
ATOM   597  O OG1 . THR A 1 75  ? 1.615   8.922   6.114   1.00 19.19 ? 75  THR A OG1 1 
ATOM   598  C CG2 . THR A 1 75  ? 1.267   9.802   3.888   1.00 16.89 ? 75  THR A CG2 1 
ATOM   599  N N   . VAL A 1 76  ? 1.857   5.554   5.060   1.00 20.97 ? 76  VAL A N   1 
ATOM   600  C CA  . VAL A 1 76  ? 2.230   4.401   5.865   1.00 21.73 ? 76  VAL A CA  1 
ATOM   601  C C   . VAL A 1 76  ? 2.521   4.804   7.313   1.00 22.17 ? 76  VAL A C   1 
ATOM   602  O O   . VAL A 1 76  ? 2.220   4.054   8.240   1.00 22.42 ? 76  VAL A O   1 
ATOM   603  C CB  . VAL A 1 76  ? 3.481   3.697   5.299   1.00 22.61 ? 76  VAL A CB  1 
ATOM   604  C CG1 . VAL A 1 76  ? 3.668   2.347   5.990   1.00 22.77 ? 76  VAL A CG1 1 
ATOM   605  C CG2 . VAL A 1 76  ? 3.351   3.527   3.805   1.00 24.56 ? 76  VAL A CG2 1 
ATOM   606  N N   . ASP A 1 77  ? 3.100   5.985   7.512   1.00 22.71 ? 77  ASP A N   1 
ATOM   607  C CA  . ASP A 1 77  ? 3.421   6.429   8.867   1.00 24.26 ? 77  ASP A CA  1 
ATOM   608  C C   . ASP A 1 77  ? 2.263   7.112   9.592   1.00 24.66 ? 77  ASP A C   1 
ATOM   609  O O   . ASP A 1 77  ? 2.453   7.794   10.599  1.00 25.36 ? 77  ASP A O   1 
ATOM   610  C CB  . ASP A 1 77  ? 4.681   7.315   8.859   1.00 25.12 ? 77  ASP A CB  1 
ATOM   611  C CG  . ASP A 1 77  ? 4.541   8.543   7.988   1.00 25.39 ? 77  ASP A CG  1 
ATOM   612  O OD1 . ASP A 1 77  ? 4.034   8.427   6.855   1.00 26.31 ? 77  ASP A OD1 1 
ATOM   613  O OD2 . ASP A 1 77  ? 4.972   9.628   8.430   1.00 27.26 ? 77  ASP A OD2 1 
ATOM   614  N N   . GLY A 1 78  ? 1.060   6.916   9.064   1.00 24.99 ? 78  GLY A N   1 
ATOM   615  C CA  . GLY A 1 78  ? -0.135  7.457   9.687   1.00 25.69 ? 78  GLY A CA  1 
ATOM   616  C C   . GLY A 1 78  ? -0.523  8.907   9.480   1.00 27.21 ? 78  GLY A C   1 
ATOM   617  O O   . GLY A 1 78  ? -1.285  9.449   10.278  1.00 27.53 ? 78  GLY A O   1 
ATOM   618  N N   . ARG A 1 79  ? -0.025  9.547   8.429   1.00 27.27 ? 79  ARG A N   1 
ATOM   619  C CA  . ARG A 1 79  ? -0.392  10.936  8.195   1.00 27.80 ? 79  ARG A CA  1 
ATOM   620  C C   . ARG A 1 79  ? -1.466  11.072  7.120   1.00 26.61 ? 79  ARG A C   1 
ATOM   621  O O   . ARG A 1 79  ? -1.383  10.451  6.061   1.00 25.70 ? 79  ARG A O   1 
ATOM   622  C CB  . ARG A 1 79  ? 0.841   11.769  7.828   1.00 28.92 ? 79  ARG A CB  1 
ATOM   623  C CG  . ARG A 1 79  ? 1.861   11.841  8.959   1.00 33.13 ? 79  ARG A CG  1 
ATOM   624  C CD  . ARG A 1 79  ? 2.724   13.086  8.863   1.00 37.00 ? 79  ARG A CD  1 
ATOM   625  N NE  . ARG A 1 79  ? 3.663   13.075  7.749   1.00 42.33 ? 79  ARG A NE  1 
ATOM   626  C CZ  . ARG A 1 79  ? 4.418   14.120  7.412   1.00 44.63 ? 79  ARG A CZ  1 
ATOM   627  N NH1 . ARG A 1 79  ? 4.333   15.248  8.105   1.00 45.60 ? 79  ARG A NH1 1 
ATOM   628  N NH2 . ARG A 1 79  ? 5.270   14.038  6.397   1.00 45.63 ? 79  ARG A NH2 1 
ATOM   629  N N   . PRO A 1 80  ? -2.505  11.880  7.392   1.00 26.79 ? 80  PRO A N   1 
ATOM   630  C CA  . PRO A 1 80  ? -3.604  12.100  6.451   1.00 25.50 ? 80  PRO A CA  1 
ATOM   631  C C   . PRO A 1 80  ? -3.109  12.660  5.125   1.00 24.77 ? 80  PRO A C   1 
ATOM   632  O O   . PRO A 1 80  ? -2.329  13.613  5.092   1.00 24.78 ? 80  PRO A O   1 
ATOM   633  C CB  . PRO A 1 80  ? -4.496  13.086  7.204   1.00 26.45 ? 80  PRO A CB  1 
ATOM   634  C CG  . PRO A 1 80  ? -3.484  13.851  8.048   1.00 29.38 ? 80  PRO A CG  1 
ATOM   635  C CD  . PRO A 1 80  ? -2.739  12.665  8.615   1.00 27.16 ? 80  PRO A CD  1 
ATOM   636  N N   . CYS A 1 81  ? -3.565  12.063  4.033   1.00 22.39 ? 81  CYS A N   1 
ATOM   637  C CA  . CYS A 1 81  ? -3.156  12.516  2.715   1.00 20.95 ? 81  CYS A CA  1 
ATOM   638  C C   . CYS A 1 81  ? -4.287  12.383  1.706   1.00 20.87 ? 81  CYS A C   1 
ATOM   639  O O   . CYS A 1 81  ? -5.255  11.651  1.924   1.00 19.72 ? 81  CYS A O   1 
ATOM   640  C CB  . CYS A 1 81  ? -1.959  11.692  2.228   1.00 20.19 ? 81  CYS A CB  1 
ATOM   641  S SG  . CYS A 1 81  ? -2.347  9.936   1.946   1.00 20.34 ? 81  CYS A SG  1 
ATOM   642  N N   . LYS A 1 82  ? -4.161  13.117  0.608   1.00 20.56 ? 82  LYS A N   1 
ATOM   643  C CA  . LYS A 1 82  ? -5.123  13.041  -0.478  1.00 23.31 ? 82  LYS A CA  1 
ATOM   644  C C   . LYS A 1 82  ? -4.473  12.163  -1.541  1.00 20.65 ? 82  LYS A C   1 
ATOM   645  O O   . LYS A 1 82  ? -3.324  12.389  -1.925  1.00 20.84 ? 82  LYS A O   1 
ATOM   646  C CB  . LYS A 1 82  ? -5.422  14.429  -1.050  1.00 25.76 ? 82  LYS A CB  1 
ATOM   647  C CG  . LYS A 1 82  ? -6.559  15.157  -0.350  1.00 33.41 ? 82  LYS A CG  1 
ATOM   648  C CD  . LYS A 1 82  ? -7.875  14.404  -0.547  1.00 38.05 ? 82  LYS A CD  1 
ATOM   649  C CE  . LYS A 1 82  ? -9.066  15.142  0.056   1.00 40.48 ? 82  LYS A CE  1 
ATOM   650  N NZ  . LYS A 1 82  ? -8.964  15.288  1.535   1.00 43.89 ? 82  LYS A NZ  1 
ATOM   651  N N   . SER A 1 83  ? -5.197  11.151  -2.001  1.00 18.57 ? 83  SER A N   1 
ATOM   652  C CA  . SER A 1 83  ? -4.660  10.251  -3.008  1.00 17.56 ? 83  SER A CA  1 
ATOM   653  C C   . SER A 1 83  ? -5.449  10.246  -4.304  1.00 17.59 ? 83  SER A C   1 
ATOM   654  O O   . SER A 1 83  ? -6.645  10.545  -4.331  1.00 16.88 ? 83  SER A O   1 
ATOM   655  C CB  . SER A 1 83  ? -4.607  8.819   -2.471  1.00 17.04 ? 83  SER A CB  1 
ATOM   656  O OG  . SER A 1 83  ? -3.659  8.684   -1.435  1.00 15.88 ? 83  SER A OG  1 
ATOM   657  N N   . LEU A 1 84  ? -4.758  9.897   -5.381  1.00 16.87 ? 84  LEU A N   1 
ATOM   658  C CA  . LEU A 1 84  ? -5.372  9.795   -6.695  1.00 16.99 ? 84  LEU A CA  1 
ATOM   659  C C   . LEU A 1 84  ? -4.750  8.604   -7.409  1.00 15.60 ? 84  LEU A C   1 
ATOM   660  O O   . LEU A 1 84  ? -3.539  8.574   -7.636  1.00 14.34 ? 84  LEU A O   1 
ATOM   661  C CB  . LEU A 1 84  ? -5.131  11.065  -7.517  1.00 20.12 ? 84  LEU A CB  1 
ATOM   662  C CG  . LEU A 1 84  ? -5.745  11.021  -8.918  1.00 21.27 ? 84  LEU A CG  1 
ATOM   663  C CD1 . LEU A 1 84  ? -7.239  10.759  -8.802  1.00 20.35 ? 84  LEU A CD1 1 
ATOM   664  C CD2 . LEU A 1 84  ? -5.474  12.325  -9.648  1.00 22.13 ? 84  LEU A CD2 1 
ATOM   665  N N   . VAL A 1 85  ? -5.579  7.620   -7.744  1.00 14.15 ? 85  VAL A N   1 
ATOM   666  C CA  . VAL A 1 85  ? -5.117  6.426   -8.442  1.00 13.32 ? 85  VAL A CA  1 
ATOM   667  C C   . VAL A 1 85  ? -5.472  6.503   -9.927  1.00 14.63 ? 85  VAL A C   1 
ATOM   668  O O   . VAL A 1 85  ? -6.538  6.983   -10.291 1.00 13.03 ? 85  VAL A O   1 
ATOM   669  C CB  . VAL A 1 85  ? -5.777  5.152   -7.863  1.00 14.57 ? 85  VAL A CB  1 
ATOM   670  C CG1 . VAL A 1 85  ? -5.271  3.922   -8.601  1.00 14.16 ? 85  VAL A CG1 1 
ATOM   671  C CG2 . VAL A 1 85  ? -5.482  5.042   -6.377  1.00 13.75 ? 85  VAL A CG2 1 
ATOM   672  N N   . LYS A 1 86  ? -4.563  6.041   -10.778 1.00 14.24 ? 86  LYS A N   1 
ATOM   673  C CA  . LYS A 1 86  ? -4.791  6.020   -12.219 1.00 15.77 ? 86  LYS A CA  1 
ATOM   674  C C   . LYS A 1 86  ? -4.252  4.709   -12.748 1.00 16.10 ? 86  LYS A C   1 
ATOM   675  O O   . LYS A 1 86  ? -3.375  4.099   -12.134 1.00 13.84 ? 86  LYS A O   1 
ATOM   676  C CB  . LYS A 1 86  ? -4.053  7.166   -12.920 1.00 17.53 ? 86  LYS A CB  1 
ATOM   677  C CG  . LYS A 1 86  ? -4.602  8.551   -12.642 1.00 22.36 ? 86  LYS A CG  1 
ATOM   678  C CD  . LYS A 1 86  ? -3.755  9.609   -13.340 1.00 28.62 ? 86  LYS A CD  1 
ATOM   679  C CE  . LYS A 1 86  ? -4.362  11.000  -13.205 1.00 30.20 ? 86  LYS A CE  1 
ATOM   680  N NZ  . LYS A 1 86  ? -5.687  11.089  -13.888 1.00 35.05 ? 86  LYS A NZ  1 
ATOM   681  N N   . TRP A 1 87  ? -4.785  4.263   -13.879 1.00 15.88 ? 87  TRP A N   1 
ATOM   682  C CA  . TRP A 1 87  ? -4.295  3.036   -14.489 1.00 18.30 ? 87  TRP A CA  1 
ATOM   683  C C   . TRP A 1 87  ? -3.063  3.397   -15.299 1.00 19.05 ? 87  TRP A C   1 
ATOM   684  O O   . TRP A 1 87  ? -3.166  4.127   -16.285 1.00 19.54 ? 87  TRP A O   1 
ATOM   685  C CB  . TRP A 1 87  ? -5.334  2.421   -15.430 1.00 18.23 ? 87  TRP A CB  1 
ATOM   686  C CG  . TRP A 1 87  ? -6.520  1.842   -14.747 1.00 17.28 ? 87  TRP A CG  1 
ATOM   687  C CD1 . TRP A 1 87  ? -7.807  2.296   -14.804 1.00 16.85 ? 87  TRP A CD1 1 
ATOM   688  C CD2 . TRP A 1 87  ? -6.542  0.673   -13.921 1.00 16.84 ? 87  TRP A CD2 1 
ATOM   689  N NE1 . TRP A 1 87  ? -8.627  1.478   -14.066 1.00 16.77 ? 87  TRP A NE1 1 
ATOM   690  C CE2 . TRP A 1 87  ? -7.876  0.475   -13.512 1.00 16.79 ? 87  TRP A CE2 1 
ATOM   691  C CE3 . TRP A 1 87  ? -5.560  -0.227  -13.485 1.00 18.62 ? 87  TRP A CE3 1 
ATOM   692  C CZ2 . TRP A 1 87  ? -8.257  -0.588  -12.689 1.00 17.69 ? 87  TRP A CZ2 1 
ATOM   693  C CZ3 . TRP A 1 87  ? -5.939  -1.286  -12.666 1.00 18.76 ? 87  TRP A CZ3 1 
ATOM   694  C CH2 . TRP A 1 87  ? -7.278  -1.455  -12.277 1.00 18.69 ? 87  TRP A CH2 1 
ATOM   695  N N   . GLU A 1 88  ? -1.903  2.908   -14.878 1.00 19.92 ? 88  GLU A N   1 
ATOM   696  C CA  . GLU A 1 88  ? -0.667  3.178   -15.607 1.00 22.96 ? 88  GLU A CA  1 
ATOM   697  C C   . GLU A 1 88  ? -0.625  2.232   -16.798 1.00 22.50 ? 88  GLU A C   1 
ATOM   698  O O   . GLU A 1 88  ? -0.077  2.555   -17.850 1.00 24.08 ? 88  GLU A O   1 
ATOM   699  C CB  . GLU A 1 88  ? 0.563   2.932   -14.731 1.00 25.87 ? 88  GLU A CB  1 
ATOM   700  C CG  . GLU A 1 88  ? 1.875   3.141   -15.484 1.00 31.69 ? 88  GLU A CG  1 
ATOM   701  C CD  . GLU A 1 88  ? 3.095   2.711   -14.695 1.00 35.74 ? 88  GLU A CD  1 
ATOM   702  O OE1 . GLU A 1 88  ? 3.323   3.251   -13.593 1.00 38.95 ? 88  GLU A OE1 1 
ATOM   703  O OE2 . GLU A 1 88  ? 3.833   1.829   -15.184 1.00 40.48 ? 88  GLU A OE2 1 
ATOM   704  N N   . SER A 1 89  ? -1.202  1.052   -16.607 1.00 21.82 ? 89  SER A N   1 
ATOM   705  C CA  . SER A 1 89  ? -1.271  0.033   -17.646 1.00 22.23 ? 89  SER A CA  1 
ATOM   706  C C   . SER A 1 89  ? -2.498  -0.803  -17.325 1.00 22.41 ? 89  SER A C   1 
ATOM   707  O O   . SER A 1 89  ? -3.149  -0.585  -16.300 1.00 22.26 ? 89  SER A O   1 
ATOM   708  C CB  . SER A 1 89  ? -0.016  -0.847  -17.641 1.00 23.70 ? 89  SER A CB  1 
ATOM   709  O OG  . SER A 1 89  ? 0.093   -1.580  -16.436 1.00 27.37 ? 89  SER A OG  1 
ATOM   710  N N   . GLU A 1 90  ? -2.815  -1.763  -18.184 1.00 21.59 ? 90  GLU A N   1 
ATOM   711  C CA  . GLU A 1 90  ? -3.996  -2.587  -17.970 1.00 21.20 ? 90  GLU A CA  1 
ATOM   712  C C   . GLU A 1 90  ? -4.123  -3.223  -16.585 1.00 21.18 ? 90  GLU A C   1 
ATOM   713  O O   . GLU A 1 90  ? -5.216  -3.264  -16.017 1.00 22.22 ? 90  GLU A O   1 
ATOM   714  C CB  . GLU A 1 90  ? -4.081  -3.681  -19.037 1.00 22.45 ? 90  GLU A CB  1 
ATOM   715  C CG  . GLU A 1 90  ? -5.228  -4.645  -18.796 1.00 24.68 ? 90  GLU A CG  1 
ATOM   716  C CD  . GLU A 1 90  ? -5.365  -5.694  -19.875 1.00 26.42 ? 90  GLU A CD  1 
ATOM   717  O OE1 . GLU A 1 90  ? -4.340  -6.296  -20.266 1.00 28.51 ? 90  GLU A OE1 1 
ATOM   718  O OE2 . GLU A 1 90  ? -6.509  -5.930  -20.314 1.00 27.95 ? 90  GLU A OE2 1 
ATOM   719  N N   . ASN A 1 91  ? -3.022  -3.720  -16.035 1.00 21.00 ? 91  ASN A N   1 
ATOM   720  C CA  . ASN A 1 91  ? -3.093  -4.367  -14.727 1.00 21.36 ? 91  ASN A CA  1 
ATOM   721  C C   . ASN A 1 91  ? -2.281  -3.676  -13.650 1.00 18.16 ? 91  ASN A C   1 
ATOM   722  O O   . ASN A 1 91  ? -1.975  -4.277  -12.632 1.00 18.29 ? 91  ASN A O   1 
ATOM   723  C CB  . ASN A 1 91  ? -2.626  -5.818  -14.842 1.00 25.01 ? 91  ASN A CB  1 
ATOM   724  C CG  . ASN A 1 91  ? -3.422  -6.603  -15.857 1.00 27.85 ? 91  ASN A CG  1 
ATOM   725  O OD1 . ASN A 1 91  ? -4.634  -6.774  -15.717 1.00 30.06 ? 91  ASN A OD1 1 
ATOM   726  N ND2 . ASN A 1 91  ? -2.744  -7.082  -16.898 1.00 28.74 ? 91  ASN A ND2 1 
ATOM   727  N N   . LYS A 1 92  ? -1.936  -2.416  -13.867 1.00 16.94 ? 92  LYS A N   1 
ATOM   728  C CA  . LYS A 1 92  ? -1.138  -1.691  -12.893 1.00 16.79 ? 92  LYS A CA  1 
ATOM   729  C C   . LYS A 1 92  ? -1.707  -0.329  -12.537 1.00 16.18 ? 92  LYS A C   1 
ATOM   730  O O   . LYS A 1 92  ? -1.866  0.532   -13.398 1.00 14.88 ? 92  LYS A O   1 
ATOM   731  C CB  . LYS A 1 92  ? 0.288   -1.514  -13.417 1.00 16.22 ? 92  LYS A CB  1 
ATOM   732  C CG  . LYS A 1 92  ? 1.210   -0.768  -12.462 1.00 20.11 ? 92  LYS A CG  1 
ATOM   733  C CD  . LYS A 1 92  ? 2.627   -0.681  -13.010 1.00 22.82 ? 92  LYS A CD  1 
ATOM   734  C CE  . LYS A 1 92  ? 3.560   -0.021  -12.004 1.00 25.19 ? 92  LYS A CE  1 
ATOM   735  N NZ  . LYS A 1 92  ? 4.960   0.057   -12.502 1.00 28.14 ? 92  LYS A NZ  1 
ATOM   736  N N   . MET A 1 93  ? -2.012  -0.132  -11.263 1.00 14.76 ? 93  MET A N   1 
ATOM   737  C CA  . MET A 1 93  ? -2.522  1.152   -10.831 1.00 16.72 ? 93  MET A CA  1 
ATOM   738  C C   . MET A 1 93  ? -1.445  1.859   -10.017 1.00 16.15 ? 93  MET A C   1 
ATOM   739  O O   . MET A 1 93  ? -0.716  1.230   -9.245  1.00 15.73 ? 93  MET A O   1 
ATOM   740  C CB  . MET A 1 93  ? -3.819  0.986   -10.024 1.00 18.59 ? 93  MET A CB  1 
ATOM   741  C CG  . MET A 1 93  ? -3.725  0.164   -8.755  1.00 22.60 ? 93  MET A CG  1 
ATOM   742  S SD  . MET A 1 93  ? -5.385  -0.066  -8.048  1.00 27.63 ? 93  MET A SD  1 
ATOM   743  C CE  . MET A 1 93  ? -5.009  -1.005  -6.573  1.00 30.46 ? 93  MET A CE  1 
ATOM   744  N N   . VAL A 1 94  ? -1.332  3.166   -10.226 1.00 15.57 ? 94  VAL A N   1 
ATOM   745  C CA  . VAL A 1 94  ? -0.356  3.991   -9.535  1.00 16.23 ? 94  VAL A CA  1 
ATOM   746  C C   . VAL A 1 94  ? -1.075  5.047   -8.699  1.00 16.04 ? 94  VAL A C   1 
ATOM   747  O O   . VAL A 1 94  ? -2.017  5.690   -9.163  1.00 15.23 ? 94  VAL A O   1 
ATOM   748  C CB  . VAL A 1 94  ? 0.574   4.698   -10.539 1.00 17.10 ? 94  VAL A CB  1 
ATOM   749  C CG1 . VAL A 1 94  ? 1.572   5.570   -9.800  1.00 19.03 ? 94  VAL A CG1 1 
ATOM   750  C CG2 . VAL A 1 94  ? 1.298   3.663   -11.389 1.00 21.67 ? 94  VAL A CG2 1 
ATOM   751  N N   . CYS A 1 95  ? -0.634  5.218   -7.461  1.00 14.76 ? 95  CYS A N   1 
ATOM   752  C CA  . CYS A 1 95  ? -1.250  6.198   -6.581  1.00 18.21 ? 95  CYS A CA  1 
ATOM   753  C C   . CYS A 1 95  ? -0.280  7.272   -6.116  1.00 18.39 ? 95  CYS A C   1 
ATOM   754  O O   . CYS A 1 95  ? 0.755   6.977   -5.532  1.00 19.11 ? 95  CYS A O   1 
ATOM   755  C CB  . CYS A 1 95  ? -1.857  5.516   -5.357  1.00 18.48 ? 95  CYS A CB  1 
ATOM   756  S SG  . CYS A 1 95  ? -2.613  6.687   -4.195  1.00 21.51 ? 95  CYS A SG  1 
ATOM   757  N N   . GLU A 1 96  ? -0.630  8.525   -6.373  1.00 19.97 ? 96  GLU A N   1 
ATOM   758  C CA  . GLU A 1 96  ? 0.193   9.649   -5.957  1.00 22.35 ? 96  GLU A CA  1 
ATOM   759  C C   . GLU A 1 96  ? -0.466  10.234  -4.705  1.00 21.54 ? 96  GLU A C   1 
ATOM   760  O O   . GLU A 1 96  ? -1.662  10.533  -4.712  1.00 20.73 ? 96  GLU A O   1 
ATOM   761  C CB  . GLU A 1 96  ? 0.251   10.688  -7.079  1.00 27.15 ? 96  GLU A CB  1 
ATOM   762  C CG  . GLU A 1 96  ? 1.655   11.187  -7.384  1.00 35.50 ? 96  GLU A CG  1 
ATOM   763  C CD  . GLU A 1 96  ? 1.698   12.134  -8.573  1.00 39.39 ? 96  GLU A CD  1 
ATOM   764  O OE1 . GLU A 1 96  ? 1.284   11.724  -9.680  1.00 42.03 ? 96  GLU A OE1 1 
ATOM   765  O OE2 . GLU A 1 96  ? 2.151   13.287  -8.402  1.00 42.60 ? 96  GLU A OE2 1 
ATOM   766  N N   . GLN A 1 97  ? 0.301   10.378  -3.625  1.00 20.79 ? 97  GLN A N   1 
ATOM   767  C CA  . GLN A 1 97  ? -0.240  10.916  -2.375  1.00 22.04 ? 97  GLN A CA  1 
ATOM   768  C C   . GLN A 1 97  ? 0.220   12.349  -2.117  1.00 24.52 ? 97  GLN A C   1 
ATOM   769  O O   . GLN A 1 97  ? 1.290   12.760  -2.565  1.00 22.66 ? 97  GLN A O   1 
ATOM   770  C CB  . GLN A 1 97  ? 0.163   10.028  -1.198  1.00 20.57 ? 97  GLN A CB  1 
ATOM   771  C CG  . GLN A 1 97  ? -0.224  8.561   -1.370  1.00 19.01 ? 97  GLN A CG  1 
ATOM   772  C CD  . GLN A 1 97  ? 0.152   7.726   -0.166  1.00 19.37 ? 97  GLN A CD  1 
ATOM   773  O OE1 . GLN A 1 97  ? 1.287   7.777   0.306   1.00 19.73 ? 97  GLN A OE1 1 
ATOM   774  N NE2 . GLN A 1 97  ? -0.797  6.940   0.332   1.00 19.17 ? 97  GLN A NE2 1 
ATOM   775  N N   . LYS A 1 98  ? -0.596  13.100  -1.382  1.00 26.32 ? 98  LYS A N   1 
ATOM   776  C CA  . LYS A 1 98  ? -0.297  14.497  -1.079  1.00 28.80 ? 98  LYS A CA  1 
ATOM   777  C C   . LYS A 1 98  ? -0.765  14.810  0.342   1.00 28.36 ? 98  LYS A C   1 
ATOM   778  O O   . LYS A 1 98  ? -1.957  14.737  0.639   1.00 27.68 ? 98  LYS A O   1 
ATOM   779  C CB  . LYS A 1 98  ? -1.011  15.384  -2.110  1.00 31.72 ? 98  LYS A CB  1 
ATOM   780  C CG  . LYS A 1 98  ? -0.734  16.886  -2.043  1.00 37.91 ? 98  LYS A CG  1 
ATOM   781  C CD  . LYS A 1 98  ? -1.333  17.535  -0.807  1.00 41.72 ? 98  LYS A CD  1 
ATOM   782  C CE  . LYS A 1 98  ? -1.196  19.051  -0.844  1.00 43.74 ? 98  LYS A CE  1 
ATOM   783  N NZ  . LYS A 1 98  ? -1.959  19.649  -1.978  1.00 45.67 ? 98  LYS A NZ  1 
ATOM   784  N N   . LEU A 1 99  ? 0.181   15.146  1.219   1.00 28.93 ? 99  LEU A N   1 
ATOM   785  C CA  . LEU A 1 99  ? -0.129  15.465  2.617   1.00 29.83 ? 99  LEU A CA  1 
ATOM   786  C C   . LEU A 1 99  ? -1.146  16.595  2.745   1.00 30.97 ? 99  LEU A C   1 
ATOM   787  O O   . LEU A 1 99  ? -1.099  17.571  2.001   1.00 29.33 ? 99  LEU A O   1 
ATOM   788  C CB  . LEU A 1 99  ? 1.149   15.858  3.372   1.00 29.54 ? 99  LEU A CB  1 
ATOM   789  C CG  . LEU A 1 99  ? 2.229   14.795  3.593   1.00 28.53 ? 99  LEU A CG  1 
ATOM   790  C CD1 . LEU A 1 99  ? 3.474   15.445  4.176   1.00 28.29 ? 99  LEU A CD1 1 
ATOM   791  C CD2 . LEU A 1 99  ? 1.697   13.712  4.522   1.00 28.44 ? 99  LEU A CD2 1 
ATOM   792  N N   . LEU A 1 100 ? -2.061  16.459  3.698   1.00 33.95 ? 100 LEU A N   1 
ATOM   793  C CA  . LEU A 1 100 ? -3.077  17.477  3.918   1.00 37.45 ? 100 LEU A CA  1 
ATOM   794  C C   . LEU A 1 100 ? -2.490  18.615  4.747   1.00 40.37 ? 100 LEU A C   1 
ATOM   795  O O   . LEU A 1 100 ? -2.931  19.759  4.639   1.00 40.72 ? 100 LEU A O   1 
ATOM   796  C CB  . LEU A 1 100 ? -4.286  16.875  4.635   1.00 36.46 ? 100 LEU A CB  1 
ATOM   797  C CG  . LEU A 1 100 ? -4.984  15.720  3.917   1.00 37.55 ? 100 LEU A CG  1 
ATOM   798  C CD1 . LEU A 1 100 ? -6.178  15.243  4.740   1.00 38.21 ? 100 LEU A CD1 1 
ATOM   799  C CD2 . LEU A 1 100 ? -5.434  16.176  2.544   1.00 37.41 ? 100 LEU A CD2 1 
ATOM   800  N N   . LYS A 1 101 ? -1.500  18.294  5.577   1.00 43.29 ? 101 LYS A N   1 
ATOM   801  C CA  . LYS A 1 101 ? -0.845  19.297  6.412   1.00 45.16 ? 101 LYS A CA  1 
ATOM   802  C C   . LYS A 1 101 ? 0.655   19.025  6.484   1.00 45.38 ? 101 LYS A C   1 
ATOM   803  O O   . LYS A 1 101 ? 1.091   17.874  6.433   1.00 45.49 ? 101 LYS A O   1 
ATOM   804  C CB  . LYS A 1 101 ? -1.393  19.287  7.847   1.00 47.21 ? 101 LYS A CB  1 
ATOM   805  C CG  . LYS A 1 101 ? -2.904  19.258  8.007   1.00 50.03 ? 101 LYS A CG  1 
ATOM   806  C CD  . LYS A 1 101 ? -3.460  17.863  7.740   1.00 53.19 ? 101 LYS A CD  1 
ATOM   807  C CE  . LYS A 1 101 ? -4.946  17.771  8.075   1.00 55.31 ? 101 LYS A CE  1 
ATOM   808  N NZ  . LYS A 1 101 ? -5.783  18.714  7.278   1.00 56.11 ? 101 LYS A NZ  1 
ATOM   809  N N   . GLY A 1 102 ? 1.438   20.091  6.605   1.00 45.16 ? 102 GLY A N   1 
ATOM   810  C CA  . GLY A 1 102 ? 2.878   19.949  6.723   1.00 45.12 ? 102 GLY A CA  1 
ATOM   811  C C   . GLY A 1 102 ? 3.639   19.402  5.532   1.00 44.98 ? 102 GLY A C   1 
ATOM   812  O O   . GLY A 1 102 ? 3.092   19.227  4.441   1.00 45.30 ? 102 GLY A O   1 
ATOM   813  N N   . GLU A 1 103 ? 4.922   19.134  5.757   1.00 44.32 ? 103 GLU A N   1 
ATOM   814  C CA  . GLU A 1 103 ? 5.808   18.617  4.725   1.00 43.91 ? 103 GLU A CA  1 
ATOM   815  C C   . GLU A 1 103 ? 6.288   17.214  5.069   1.00 41.79 ? 103 GLU A C   1 
ATOM   816  O O   . GLU A 1 103 ? 6.032   16.697  6.158   1.00 40.90 ? 103 GLU A O   1 
ATOM   817  C CB  . GLU A 1 103 ? 7.020   19.537  4.562   1.00 47.01 ? 103 GLU A CB  1 
ATOM   818  C CG  . GLU A 1 103 ? 7.862   19.674  5.826   1.00 52.13 ? 103 GLU A CG  1 
ATOM   819  C CD  . GLU A 1 103 ? 9.085   20.558  5.632   1.00 55.01 ? 103 GLU A CD  1 
ATOM   820  O OE1 . GLU A 1 103 ? 8.910   21.748  5.287   1.00 56.63 ? 103 GLU A OE1 1 
ATOM   821  O OE2 . GLU A 1 103 ? 10.218  20.061  5.827   1.00 56.19 ? 103 GLU A OE2 1 
ATOM   822  N N   . GLY A 1 104 ? 6.997   16.605  4.128   1.00 38.84 ? 104 GLY A N   1 
ATOM   823  C CA  . GLY A 1 104 ? 7.507   15.266  4.337   1.00 35.26 ? 104 GLY A CA  1 
ATOM   824  C C   . GLY A 1 104 ? 7.945   14.665  3.020   1.00 31.74 ? 104 GLY A C   1 
ATOM   825  O O   . GLY A 1 104 ? 7.761   15.277  1.968   1.00 30.50 ? 104 GLY A O   1 
ATOM   826  N N   . PRO A 1 105 ? 8.525   13.459  3.042   1.00 30.47 ? 105 PRO A N   1 
ATOM   827  C CA  . PRO A 1 105 ? 8.986   12.783  1.829   1.00 28.76 ? 105 PRO A CA  1 
ATOM   828  C C   . PRO A 1 105 ? 7.849   12.575  0.829   1.00 26.97 ? 105 PRO A C   1 
ATOM   829  O O   . PRO A 1 105 ? 6.690   12.451  1.218   1.00 25.97 ? 105 PRO A O   1 
ATOM   830  C CB  . PRO A 1 105 ? 9.512   11.457  2.375   1.00 29.13 ? 105 PRO A CB  1 
ATOM   831  C CG  . PRO A 1 105 ? 9.989   11.846  3.759   1.00 29.31 ? 105 PRO A CG  1 
ATOM   832  C CD  . PRO A 1 105 ? 8.774   12.601  4.211   1.00 29.34 ? 105 PRO A CD  1 
ATOM   833  N N   . LYS A 1 106 ? 8.180   12.555  -0.457  1.00 25.40 ? 106 LYS A N   1 
ATOM   834  C CA  . LYS A 1 106 ? 7.179   12.309  -1.487  1.00 25.02 ? 106 LYS A CA  1 
ATOM   835  C C   . LYS A 1 106 ? 6.845   10.827  -1.371  1.00 22.84 ? 106 LYS A C   1 
ATOM   836  O O   . LYS A 1 106 ? 7.744   9.988   -1.402  1.00 23.30 ? 106 LYS A O   1 
ATOM   837  C CB  . LYS A 1 106 ? 7.758   12.595  -2.878  1.00 28.18 ? 106 LYS A CB  1 
ATOM   838  C CG  . LYS A 1 106 ? 6.818   12.253  -4.030  1.00 31.85 ? 106 LYS A CG  1 
ATOM   839  C CD  . LYS A 1 106 ? 5.543   13.083  -3.980  1.00 35.31 ? 106 LYS A CD  1 
ATOM   840  C CE  . LYS A 1 106 ? 4.555   12.677  -5.072  1.00 38.62 ? 106 LYS A CE  1 
ATOM   841  N NZ  . LYS A 1 106 ? 4.087   11.262  -4.931  1.00 39.33 ? 106 LYS A NZ  1 
ATOM   842  N N   . THR A 1 107 ? 5.568   10.497  -1.217  1.00 20.50 ? 107 THR A N   1 
ATOM   843  C CA  . THR A 1 107 ? 5.171   9.097   -1.098  1.00 18.62 ? 107 THR A CA  1 
ATOM   844  C C   . THR A 1 107 ? 4.131   8.689   -2.119  1.00 18.84 ? 107 THR A C   1 
ATOM   845  O O   . THR A 1 107 ? 3.372   9.518   -2.626  1.00 18.74 ? 107 THR A O   1 
ATOM   846  C CB  . THR A 1 107 ? 4.600   8.776   0.291   1.00 19.22 ? 107 THR A CB  1 
ATOM   847  O OG1 . THR A 1 107 ? 3.449   9.598   0.536   1.00 19.45 ? 107 THR A OG1 1 
ATOM   848  C CG2 . THR A 1 107 ? 5.650   9.003   1.370   1.00 17.81 ? 107 THR A CG2 1 
ATOM   849  N N   . SER A 1 108 ? 4.093   7.394   -2.407  1.00 16.99 ? 108 SER A N   1 
ATOM   850  C CA  . SER A 1 108 ? 3.142   6.855   -3.360  1.00 16.64 ? 108 SER A CA  1 
ATOM   851  C C   . SER A 1 108 ? 3.146   5.343   -3.258  1.00 17.04 ? 108 SER A C   1 
ATOM   852  O O   . SER A 1 108 ? 3.944   4.760   -2.515  1.00 15.29 ? 108 SER A O   1 
ATOM   853  C CB  . SER A 1 108 ? 3.545   7.249   -4.776  1.00 18.59 ? 108 SER A CB  1 
ATOM   854  O OG  . SER A 1 108 ? 4.768   6.629   -5.128  1.00 19.76 ? 108 SER A OG  1 
ATOM   855  N N   . TRP A 1 109 ? 2.237   4.711   -3.992  1.00 15.93 ? 109 TRP A N   1 
ATOM   856  C CA  . TRP A 1 109 ? 2.183   3.262   -4.040  1.00 14.80 ? 109 TRP A CA  1 
ATOM   857  C C   . TRP A 1 109 ? 1.660   2.799   -5.384  1.00 15.56 ? 109 TRP A C   1 
ATOM   858  O O   . TRP A 1 109 ? 1.101   3.585   -6.154  1.00 12.41 ? 109 TRP A O   1 
ATOM   859  C CB  . TRP A 1 109 ? 1.334   2.662   -2.897  1.00 15.30 ? 109 TRP A CB  1 
ATOM   860  C CG  . TRP A 1 109 ? -0.111  3.104   -2.779  1.00 16.51 ? 109 TRP A CG  1 
ATOM   861  C CD1 . TRP A 1 109 ? -0.614  4.058   -1.937  1.00 16.28 ? 109 TRP A CD1 1 
ATOM   862  C CD2 . TRP A 1 109 ? -1.237  2.571   -3.495  1.00 15.49 ? 109 TRP A CD2 1 
ATOM   863  N NE1 . TRP A 1 109 ? -1.979  4.148   -2.081  1.00 15.37 ? 109 TRP A NE1 1 
ATOM   864  C CE2 . TRP A 1 109 ? -2.388  3.248   -3.031  1.00 16.61 ? 109 TRP A CE2 1 
ATOM   865  C CE3 . TRP A 1 109 ? -1.383  1.588   -4.484  1.00 16.59 ? 109 TRP A CE3 1 
ATOM   866  C CZ2 . TRP A 1 109 ? -3.673  2.972   -3.522  1.00 16.64 ? 109 TRP A CZ2 1 
ATOM   867  C CZ3 . TRP A 1 109 ? -2.661  1.311   -4.975  1.00 13.63 ? 109 TRP A CZ3 1 
ATOM   868  C CH2 . TRP A 1 109 ? -3.789  2.003   -4.492  1.00 16.78 ? 109 TRP A CH2 1 
ATOM   869  N N   . THR A 1 110 ? 1.894   1.527   -5.689  1.00 14.05 ? 110 THR A N   1 
ATOM   870  C CA  . THR A 1 110 ? 1.403   0.945   -6.927  1.00 12.89 ? 110 THR A CA  1 
ATOM   871  C C   . THR A 1 110 ? 1.011   -0.487  -6.606  1.00 12.72 ? 110 THR A C   1 
ATOM   872  O O   . THR A 1 110 ? 1.591   -1.115  -5.721  1.00 10.24 ? 110 THR A O   1 
ATOM   873  C CB  . THR A 1 110 ? 2.482   0.893   -8.045  1.00 14.30 ? 110 THR A CB  1 
ATOM   874  O OG1 . THR A 1 110 ? 3.519   -0.018  -7.665  1.00 15.29 ? 110 THR A OG1 1 
ATOM   875  C CG2 . THR A 1 110 ? 3.091   2.270   -8.286  1.00 14.87 ? 110 THR A CG2 1 
ATOM   876  N N   . ARG A 1 111 ? 0.000   -0.986  -7.300  1.00 12.27 ? 111 ARG A N   1 
ATOM   877  C CA  . ARG A 1 111 ? -0.425  -2.368  -7.135  1.00 12.39 ? 111 ARG A CA  1 
ATOM   878  C C   . ARG A 1 111 ? -0.518  -2.898  -8.548  1.00 13.04 ? 111 ARG A C   1 
ATOM   879  O O   . ARG A 1 111 ? -1.104  -2.260  -9.421  1.00 12.27 ? 111 ARG A O   1 
ATOM   880  C CB  . ARG A 1 111 ? -1.771  -2.476  -6.414  1.00 11.09 ? 111 ARG A CB  1 
ATOM   881  C CG  . ARG A 1 111 ? -1.667  -2.258  -4.901  1.00 12.16 ? 111 ARG A CG  1 
ATOM   882  C CD  . ARG A 1 111 ? -2.972  -2.627  -4.194  1.00 12.49 ? 111 ARG A CD  1 
ATOM   883  N NE  . ARG A 1 111 ? -2.827  -2.677  -2.739  1.00 12.47 ? 111 ARG A NE  1 
ATOM   884  C CZ  . ARG A 1 111 ? -2.779  -1.614  -1.940  1.00 15.31 ? 111 ARG A CZ  1 
ATOM   885  N NH1 . ARG A 1 111 ? -2.870  -0.391  -2.442  1.00 13.71 ? 111 ARG A NH1 1 
ATOM   886  N NH2 . ARG A 1 111 ? -2.638  -1.780  -0.631  1.00 14.97 ? 111 ARG A NH2 1 
ATOM   887  N N   . GLU A 1 112 ? 0.092   -4.051  -8.778  1.00 12.80 ? 112 GLU A N   1 
ATOM   888  C CA  . GLU A 1 112 ? 0.101   -4.635  -10.106 1.00 15.49 ? 112 GLU A CA  1 
ATOM   889  C C   . GLU A 1 112 ? -0.188  -6.116  -10.068 1.00 15.00 ? 112 GLU A C   1 
ATOM   890  O O   . GLU A 1 112 ? 0.333   -6.851  -9.225  1.00 14.78 ? 112 GLU A O   1 
ATOM   891  C CB  . GLU A 1 112 ? 1.464   -4.418  -10.756 1.00 18.17 ? 112 GLU A CB  1 
ATOM   892  C CG  . GLU A 1 112 ? 1.577   -4.981  -12.151 1.00 24.95 ? 112 GLU A CG  1 
ATOM   893  C CD  . GLU A 1 112 ? 2.970   -4.840  -12.722 1.00 27.15 ? 112 GLU A CD  1 
ATOM   894  O OE1 . GLU A 1 112 ? 3.162   -5.206  -13.899 1.00 32.59 ? 112 GLU A OE1 1 
ATOM   895  O OE2 . GLU A 1 112 ? 3.871   -4.370  -11.994 1.00 28.06 ? 112 GLU A OE2 1 
ATOM   896  N N   . LEU A 1 113 ? -1.019  -6.549  -11.001 1.00 15.04 ? 113 LEU A N   1 
ATOM   897  C CA  . LEU A 1 113 ? -1.378  -7.950  -11.119 1.00 17.99 ? 113 LEU A CA  1 
ATOM   898  C C   . LEU A 1 113 ? -0.395  -8.486  -12.161 1.00 19.06 ? 113 LEU A C   1 
ATOM   899  O O   . LEU A 1 113 ? -0.383  -8.019  -13.297 1.00 20.30 ? 113 LEU A O   1 
ATOM   900  C CB  . LEU A 1 113 ? -2.817  -8.055  -11.621 1.00 19.79 ? 113 LEU A CB  1 
ATOM   901  C CG  . LEU A 1 113 ? -3.745  -9.102  -11.018 1.00 23.72 ? 113 LEU A CG  1 
ATOM   902  C CD1 . LEU A 1 113 ? -3.865  -8.886  -9.518  1.00 24.05 ? 113 LEU A CD1 1 
ATOM   903  C CD2 . LEU A 1 113 ? -5.109  -8.986  -11.680 1.00 28.38 ? 113 LEU A CD2 1 
ATOM   904  N N   . THR A 1 114 ? 0.449   -9.436  -11.770 1.00 17.71 ? 114 THR A N   1 
ATOM   905  C CA  . THR A 1 114 ? 1.436   -9.998  -12.691 1.00 18.87 ? 114 THR A CA  1 
ATOM   906  C C   . THR A 1 114 ? 0.818   -11.141 -13.498 1.00 19.67 ? 114 THR A C   1 
ATOM   907  O O   . THR A 1 114 ? -0.247  -11.641 -13.152 1.00 19.39 ? 114 THR A O   1 
ATOM   908  C CB  . THR A 1 114 ? 2.677   -10.523 -11.926 1.00 19.18 ? 114 THR A CB  1 
ATOM   909  O OG1 . THR A 1 114 ? 2.286   -11.579 -11.042 1.00 20.06 ? 114 THR A OG1 1 
ATOM   910  C CG2 . THR A 1 114 ? 3.308   -9.407  -11.101 1.00 20.90 ? 114 THR A CG2 1 
ATOM   911  N N   . ASN A 1 115 ? 1.481   -11.563 -14.569 1.00 20.92 ? 115 ASN A N   1 
ATOM   912  C CA  . ASN A 1 115 ? 0.927   -12.631 -15.388 1.00 21.08 ? 115 ASN A CA  1 
ATOM   913  C C   . ASN A 1 115 ? 0.919   -14.023 -14.757 1.00 20.57 ? 115 ASN A C   1 
ATOM   914  O O   . ASN A 1 115 ? 0.204   -14.901 -15.223 1.00 19.76 ? 115 ASN A O   1 
ATOM   915  C CB  . ASN A 1 115 ? 1.619   -12.673 -16.751 1.00 26.88 ? 115 ASN A CB  1 
ATOM   916  C CG  . ASN A 1 115 ? 3.119   -12.566 -16.652 1.00 31.80 ? 115 ASN A CG  1 
ATOM   917  O OD1 . ASN A 1 115 ? 3.768   -13.341 -15.951 1.00 36.26 ? 115 ASN A OD1 1 
ATOM   918  N ND2 . ASN A 1 115 ? 3.686   -11.602 -17.369 1.00 36.19 ? 115 ASN A ND2 1 
ATOM   919  N N   . ASP A 1 116 ? 1.688   -14.232 -13.693 1.00 18.34 ? 116 ASP A N   1 
ATOM   920  C CA  . ASP A 1 116 ? 1.693   -15.542 -13.065 1.00 18.46 ? 116 ASP A CA  1 
ATOM   921  C C   . ASP A 1 116 ? 0.613   -15.650 -11.985 1.00 18.96 ? 116 ASP A C   1 
ATOM   922  O O   . ASP A 1 116 ? 0.491   -16.672 -11.313 1.00 19.42 ? 116 ASP A O   1 
ATOM   923  C CB  . ASP A 1 116 ? 3.089   -15.873 -12.506 1.00 17.93 ? 116 ASP A CB  1 
ATOM   924  C CG  . ASP A 1 116 ? 3.493   -14.992 -11.340 1.00 19.39 ? 116 ASP A CG  1 
ATOM   925  O OD1 . ASP A 1 116 ? 2.792   -14.010 -11.041 1.00 19.16 ? 116 ASP A OD1 1 
ATOM   926  O OD2 . ASP A 1 116 ? 4.536   -15.290 -10.722 1.00 20.56 ? 116 ASP A OD2 1 
ATOM   927  N N   . GLY A 1 117 ? -0.187  -14.594 -11.840 1.00 17.66 ? 117 GLY A N   1 
ATOM   928  C CA  . GLY A 1 117 ? -1.260  -14.604 -10.859 1.00 18.17 ? 117 GLY A CA  1 
ATOM   929  C C   . GLY A 1 117 ? -0.953  -13.927 -9.533  1.00 17.55 ? 117 GLY A C   1 
ATOM   930  O O   . GLY A 1 117 ? -1.790  -13.905 -8.634  1.00 18.46 ? 117 GLY A O   1 
ATOM   931  N N   . GLU A 1 118 ? 0.244   -13.371 -9.405  1.00 16.81 ? 118 GLU A N   1 
ATOM   932  C CA  . GLU A 1 118 ? 0.638   -12.703 -8.175  1.00 17.07 ? 118 GLU A CA  1 
ATOM   933  C C   . GLU A 1 118 ? 0.349   -11.201 -8.169  1.00 17.45 ? 118 GLU A C   1 
ATOM   934  O O   . GLU A 1 118 ? 0.061   -10.603 -9.202  1.00 18.64 ? 118 GLU A O   1 
ATOM   935  C CB  . GLU A 1 118 ? 2.123   -12.973 -7.904  1.00 16.87 ? 118 GLU A CB  1 
ATOM   936  C CG  . GLU A 1 118 ? 2.373   -14.363 -7.318  1.00 17.21 ? 118 GLU A CG  1 
ATOM   937  C CD  . GLU A 1 118 ? 3.830   -14.798 -7.353  1.00 17.52 ? 118 GLU A CD  1 
ATOM   938  O OE1 . GLU A 1 118 ? 4.735   -13.939 -7.286  1.00 14.41 ? 118 GLU A OE1 1 
ATOM   939  O OE2 . GLU A 1 118 ? 4.071   -16.023 -7.423  1.00 21.34 ? 118 GLU A OE2 1 
ATOM   940  N N   . LEU A 1 119 ? 0.412   -10.607 -6.983  1.00 16.06 ? 119 LEU A N   1 
ATOM   941  C CA  . LEU A 1 119 ? 0.168   -9.182  -6.817  1.00 14.25 ? 119 LEU A CA  1 
ATOM   942  C C   . LEU A 1 119 ? 1.397   -8.511  -6.227  1.00 14.24 ? 119 LEU A C   1 
ATOM   943  O O   . LEU A 1 119 ? 1.905   -8.934  -5.187  1.00 12.42 ? 119 LEU A O   1 
ATOM   944  C CB  . LEU A 1 119 ? -1.028  -8.955  -5.887  1.00 17.51 ? 119 LEU A CB  1 
ATOM   945  C CG  . LEU A 1 119 ? -1.336  -7.513  -5.465  1.00 19.72 ? 119 LEU A CG  1 
ATOM   946  C CD1 . LEU A 1 119 ? -1.731  -6.687  -6.674  1.00 21.07 ? 119 LEU A CD1 1 
ATOM   947  C CD2 . LEU A 1 119 ? -2.467  -7.520  -4.448  1.00 23.65 ? 119 LEU A CD2 1 
ATOM   948  N N   . ILE A 1 120 ? 1.890   -7.476  -6.899  1.00 11.26 ? 120 ILE A N   1 
ATOM   949  C CA  . ILE A 1 120 ? 3.044   -6.755  -6.395  1.00 11.65 ? 120 ILE A CA  1 
ATOM   950  C C   . ILE A 1 120 ? 2.608   -5.387  -5.902  1.00 12.49 ? 120 ILE A C   1 
ATOM   951  O O   . ILE A 1 120 ? 1.941   -4.627  -6.620  1.00 9.87  ? 120 ILE A O   1 
ATOM   952  C CB  . ILE A 1 120 ? 4.128   -6.536  -7.475  1.00 14.18 ? 120 ILE A CB  1 
ATOM   953  C CG1 . ILE A 1 120 ? 4.683   -7.876  -7.963  1.00 12.83 ? 120 ILE A CG1 1 
ATOM   954  C CG2 . ILE A 1 120 ? 5.271   -5.690  -6.900  1.00 11.90 ? 120 ILE A CG2 1 
ATOM   955  C CD1 . ILE A 1 120 ? 5.692   -7.720  -9.088  1.00 16.06 ? 120 ILE A CD1 1 
ATOM   956  N N   . LEU A 1 121 ? 2.970   -5.089  -4.661  1.00 12.00 ? 121 LEU A N   1 
ATOM   957  C CA  . LEU A 1 121 ? 2.671   -3.800  -4.058  1.00 11.40 ? 121 LEU A CA  1 
ATOM   958  C C   . LEU A 1 121 ? 4.009   -3.118  -3.836  1.00 13.08 ? 121 LEU A C   1 
ATOM   959  O O   . LEU A 1 121 ? 4.935   -3.741  -3.312  1.00 10.82 ? 121 LEU A O   1 
ATOM   960  C CB  . LEU A 1 121 ? 1.983   -3.974  -2.697  1.00 11.04 ? 121 LEU A CB  1 
ATOM   961  C CG  . LEU A 1 121 ? 1.944   -2.714  -1.810  1.00 13.41 ? 121 LEU A CG  1 
ATOM   962  C CD1 . LEU A 1 121 ? 1.010   -1.664  -2.412  1.00 11.50 ? 121 LEU A CD1 1 
ATOM   963  C CD2 . LEU A 1 121 ? 1.472   -3.087  -0.417  1.00 12.65 ? 121 LEU A CD2 1 
ATOM   964  N N   . THR A 1 122 ? 4.136   -1.869  -4.265  1.00 11.46 ? 122 THR A N   1 
ATOM   965  C CA  . THR A 1 122 ? 5.368   -1.141  -4.005  1.00 13.06 ? 122 THR A CA  1 
ATOM   966  C C   . THR A 1 122 ? 4.949   0.135   -3.296  1.00 12.96 ? 122 THR A C   1 
ATOM   967  O O   . THR A 1 122 ? 3.943   0.758   -3.658  1.00 11.39 ? 122 THR A O   1 
ATOM   968  C CB  . THR A 1 122 ? 6.163   -0.756  -5.285  1.00 14.85 ? 122 THR A CB  1 
ATOM   969  O OG1 . THR A 1 122 ? 5.446   0.241   -6.016  1.00 19.24 ? 122 THR A OG1 1 
ATOM   970  C CG2 . THR A 1 122 ? 6.400   -1.980  -6.170  1.00 13.21 ? 122 THR A CG2 1 
ATOM   971  N N   . MET A 1 123 ? 5.697   0.491   -2.260  1.00 11.79 ? 123 MET A N   1 
ATOM   972  C CA  . MET A 1 123 ? 5.438   1.706   -1.501  1.00 14.02 ? 123 MET A CA  1 
ATOM   973  C C   . MET A 1 123 ? 6.732   2.485   -1.554  1.00 16.35 ? 123 MET A C   1 
ATOM   974  O O   . MET A 1 123 ? 7.807   1.923   -1.344  1.00 16.18 ? 123 MET A O   1 
ATOM   975  C CB  . MET A 1 123 ? 5.063   1.388   -0.050  1.00 15.93 ? 123 MET A CB  1 
ATOM   976  C CG  . MET A 1 123 ? 3.719   0.664   0.102   1.00 18.06 ? 123 MET A CG  1 
ATOM   977  S SD  . MET A 1 123 ? 3.256   0.340   1.818   1.00 21.44 ? 123 MET A SD  1 
ATOM   978  C CE  . MET A 1 123 ? 4.565   -0.720  2.362   1.00 21.17 ? 123 MET A CE  1 
ATOM   979  N N   . THR A 1 124 ? 6.634   3.775   -1.841  1.00 15.46 ? 124 THR A N   1 
ATOM   980  C CA  . THR A 1 124 ? 7.821   4.607   -1.946  1.00 18.25 ? 124 THR A CA  1 
ATOM   981  C C   . THR A 1 124 ? 7.801   5.807   -1.007  1.00 19.19 ? 124 THR A C   1 
ATOM   982  O O   . THR A 1 124 ? 6.742   6.321   -0.652  1.00 18.65 ? 124 THR A O   1 
ATOM   983  C CB  . THR A 1 124 ? 7.982   5.129   -3.390  1.00 20.02 ? 124 THR A CB  1 
ATOM   984  O OG1 . THR A 1 124 ? 8.067   4.017   -4.289  1.00 19.74 ? 124 THR A OG1 1 
ATOM   985  C CG2 . THR A 1 124 ? 9.234   5.979   -3.528  1.00 22.64 ? 124 THR A CG2 1 
ATOM   986  N N   . ALA A 1 125 ? 8.995   6.230   -0.609  1.00 18.36 ? 125 ALA A N   1 
ATOM   987  C CA  . ALA A 1 125 ? 9.204   7.395   0.242   1.00 18.66 ? 125 ALA A CA  1 
ATOM   988  C C   . ALA A 1 125 ? 10.508  7.942   -0.311  1.00 19.79 ? 125 ALA A C   1 
ATOM   989  O O   . ALA A 1 125 ? 11.576  7.359   -0.106  1.00 16.43 ? 125 ALA A O   1 
ATOM   990  C CB  . ALA A 1 125 ? 9.365   6.986   1.689   1.00 17.62 ? 125 ALA A CB  1 
ATOM   991  N N   . ASP A 1 126 ? 10.410  9.052   -1.033  1.00 22.17 ? 126 ASP A N   1 
ATOM   992  C CA  . ASP A 1 126 ? 11.561  9.657   -1.681  1.00 26.22 ? 126 ASP A CA  1 
ATOM   993  C C   . ASP A 1 126 ? 12.244  8.641   -2.587  1.00 26.68 ? 126 ASP A C   1 
ATOM   994  O O   . ASP A 1 126 ? 11.637  8.169   -3.547  1.00 26.79 ? 126 ASP A O   1 
ATOM   995  C CB  . ASP A 1 126 ? 12.546  10.220  -0.656  1.00 30.10 ? 126 ASP A CB  1 
ATOM   996  C CG  . ASP A 1 126 ? 12.019  11.475  0.019   1.00 34.80 ? 126 ASP A CG  1 
ATOM   997  O OD1 . ASP A 1 126 ? 11.556  12.389  -0.702  1.00 36.30 ? 126 ASP A OD1 1 
ATOM   998  O OD2 . ASP A 1 126 ? 12.078  11.553  1.264   1.00 37.27 ? 126 ASP A OD2 1 
ATOM   999  N N   . ASP A 1 127 ? 13.489  8.287   -2.287  1.00 26.98 ? 127 ASP A N   1 
ATOM   1000 C CA  . ASP A 1 127 ? 14.213  7.333   -3.123  1.00 29.08 ? 127 ASP A CA  1 
ATOM   1001 C C   . ASP A 1 127 ? 14.128  5.878   -2.657  1.00 26.77 ? 127 ASP A C   1 
ATOM   1002 O O   . ASP A 1 127 ? 14.603  4.975   -3.347  1.00 29.40 ? 127 ASP A O   1 
ATOM   1003 C CB  . ASP A 1 127 ? 15.686  7.742   -3.224  1.00 33.38 ? 127 ASP A CB  1 
ATOM   1004 C CG  . ASP A 1 127 ? 16.395  7.699   -1.885  1.00 38.89 ? 127 ASP A CG  1 
ATOM   1005 O OD1 . ASP A 1 127 ? 15.933  8.379   -0.941  1.00 43.54 ? 127 ASP A OD1 1 
ATOM   1006 O OD2 . ASP A 1 127 ? 17.417  6.987   -1.775  1.00 41.58 ? 127 ASP A OD2 1 
ATOM   1007 N N   . VAL A 1 128 ? 13.528  5.643   -1.495  1.00 22.33 ? 128 VAL A N   1 
ATOM   1008 C CA  . VAL A 1 128 ? 13.414  4.282   -0.979  1.00 19.63 ? 128 VAL A CA  1 
ATOM   1009 C C   . VAL A 1 128 ? 12.154  3.595   -1.485  1.00 16.85 ? 128 VAL A C   1 
ATOM   1010 O O   . VAL A 1 128 ? 11.068  4.171   -1.462  1.00 16.57 ? 128 VAL A O   1 
ATOM   1011 C CB  . VAL A 1 128 ? 13.424  4.262   0.567   1.00 20.00 ? 128 VAL A CB  1 
ATOM   1012 C CG1 . VAL A 1 128 ? 13.272  2.836   1.071   1.00 17.66 ? 128 VAL A CG1 1 
ATOM   1013 C CG2 . VAL A 1 128 ? 14.728  4.859   1.079   1.00 20.27 ? 128 VAL A CG2 1 
ATOM   1014 N N   . VAL A 1 129 ? 12.317  2.355   -1.938  1.00 14.44 ? 129 VAL A N   1 
ATOM   1015 C CA  . VAL A 1 129 ? 11.215  1.564   -2.467  1.00 12.64 ? 129 VAL A CA  1 
ATOM   1016 C C   . VAL A 1 129 ? 11.046  0.233   -1.735  1.00 12.66 ? 129 VAL A C   1 
ATOM   1017 O O   . VAL A 1 129 ? 11.979  -0.567  -1.654  1.00 12.13 ? 129 VAL A O   1 
ATOM   1018 C CB  . VAL A 1 129 ? 11.427  1.240   -3.964  1.00 13.90 ? 129 VAL A CB  1 
ATOM   1019 C CG1 . VAL A 1 129 ? 10.246  0.418   -4.489  1.00 13.54 ? 129 VAL A CG1 1 
ATOM   1020 C CG2 . VAL A 1 129 ? 11.594  2.527   -4.763  1.00 12.39 ? 129 VAL A CG2 1 
ATOM   1021 N N   . CYS A 1 130 ? 9.850   0.013   -1.205  1.00 11.36 ? 130 CYS A N   1 
ATOM   1022 C CA  . CYS A 1 130 ? 9.507   -1.218  -0.504  1.00 12.17 ? 130 CYS A CA  1 
ATOM   1023 C C   . CYS A 1 130 ? 8.685   -2.065  -1.466  1.00 12.64 ? 130 CYS A C   1 
ATOM   1024 O O   . CYS A 1 130 ? 7.716   -1.583  -2.047  1.00 11.50 ? 130 CYS A O   1 
ATOM   1025 C CB  . CYS A 1 130 ? 8.680   -0.910  0.748   1.00 11.25 ? 130 CYS A CB  1 
ATOM   1026 S SG  . CYS A 1 130 ? 7.941   -2.369  1.526   1.00 15.50 ? 130 CYS A SG  1 
ATOM   1027 N N   . THR A 1 131 ? 9.078   -3.320  -1.637  1.00 11.87 ? 131 THR A N   1 
ATOM   1028 C CA  . THR A 1 131 ? 8.380   -4.225  -2.542  1.00 14.20 ? 131 THR A CA  1 
ATOM   1029 C C   . THR A 1 131 ? 7.756   -5.363  -1.745  1.00 14.08 ? 131 THR A C   1 
ATOM   1030 O O   . THR A 1 131 ? 8.444   -6.045  -0.984  1.00 13.72 ? 131 THR A O   1 
ATOM   1031 C CB  . THR A 1 131 ? 9.353   -4.829  -3.586  1.00 16.16 ? 131 THR A CB  1 
ATOM   1032 O OG1 . THR A 1 131 ? 10.002  -3.771  -4.299  1.00 17.48 ? 131 THR A OG1 1 
ATOM   1033 C CG2 . THR A 1 131 ? 8.598   -5.710  -4.583  1.00 16.97 ? 131 THR A CG2 1 
ATOM   1034 N N   . ARG A 1 132 ? 6.455   -5.562  -1.929  1.00 13.06 ? 132 ARG A N   1 
ATOM   1035 C CA  . ARG A 1 132 ? 5.715   -6.611  -1.226  1.00 14.83 ? 132 ARG A CA  1 
ATOM   1036 C C   . ARG A 1 132 ? 4.996   -7.457  -2.279  1.00 12.96 ? 132 ARG A C   1 
ATOM   1037 O O   . ARG A 1 132 ? 4.315   -6.917  -3.150  1.00 13.53 ? 132 ARG A O   1 
ATOM   1038 C CB  . ARG A 1 132 ? 4.677   -5.972  -0.301  1.00 15.66 ? 132 ARG A CB  1 
ATOM   1039 C CG  . ARG A 1 132 ? 5.220   -4.842  0.560   1.00 19.70 ? 132 ARG A CG  1 
ATOM   1040 C CD  . ARG A 1 132 ? 5.544   -5.276  1.968   1.00 19.32 ? 132 ARG A CD  1 
ATOM   1041 N NE  . ARG A 1 132 ? 4.336   -5.524  2.750   1.00 19.18 ? 132 ARG A NE  1 
ATOM   1042 C CZ  . ARG A 1 132 ? 4.343   -5.988  3.995   1.00 19.16 ? 132 ARG A CZ  1 
ATOM   1043 N NH1 . ARG A 1 132 ? 5.499   -6.250  4.597   1.00 18.23 ? 132 ARG A NH1 1 
ATOM   1044 N NH2 . ARG A 1 132 ? 3.199   -6.195  4.635   1.00 14.98 ? 132 ARG A NH2 1 
ATOM   1045 N N   . VAL A 1 133 ? 5.132   -8.775  -2.198  1.00 13.14 ? 133 VAL A N   1 
ATOM   1046 C CA  . VAL A 1 133 ? 4.493   -9.660  -3.169  1.00 12.91 ? 133 VAL A CA  1 
ATOM   1047 C C   . VAL A 1 133 ? 3.473   -10.585 -2.505  1.00 12.45 ? 133 VAL A C   1 
ATOM   1048 O O   . VAL A 1 133 ? 3.755   -11.198 -1.471  1.00 11.84 ? 133 VAL A O   1 
ATOM   1049 C CB  . VAL A 1 133 ? 5.559   -10.507 -3.913  1.00 14.23 ? 133 VAL A CB  1 
ATOM   1050 C CG1 . VAL A 1 133 ? 4.891   -11.405 -4.950  1.00 12.85 ? 133 VAL A CG1 1 
ATOM   1051 C CG2 . VAL A 1 133 ? 6.574   -9.591  -4.571  1.00 12.32 ? 133 VAL A CG2 1 
ATOM   1052 N N   . TYR A 1 134 ? 2.288   -10.678 -3.107  1.00 12.40 ? 134 TYR A N   1 
ATOM   1053 C CA  . TYR A 1 134 ? 1.207   -11.514 -2.584  1.00 12.88 ? 134 TYR A CA  1 
ATOM   1054 C C   . TYR A 1 134 ? 0.716   -12.521 -3.603  1.00 12.66 ? 134 TYR A C   1 
ATOM   1055 O O   . TYR A 1 134 ? 0.985   -12.402 -4.795  1.00 11.77 ? 134 TYR A O   1 
ATOM   1056 C CB  . TYR A 1 134 ? -0.008  -10.676 -2.199  1.00 13.45 ? 134 TYR A CB  1 
ATOM   1057 C CG  . TYR A 1 134 ? 0.298   -9.510  -1.316  1.00 17.48 ? 134 TYR A CG  1 
ATOM   1058 C CD1 . TYR A 1 134 ? 1.050   -8.445  -1.797  1.00 17.97 ? 134 TYR A CD1 1 
ATOM   1059 C CD2 . TYR A 1 134 ? -0.138  -9.478  0.008   1.00 17.54 ? 134 TYR A CD2 1 
ATOM   1060 C CE1 . TYR A 1 134 ? 1.365   -7.378  -0.994  1.00 21.91 ? 134 TYR A CE1 1 
ATOM   1061 C CE2 . TYR A 1 134 ? 0.176   -8.401  0.831   1.00 22.37 ? 134 TYR A CE2 1 
ATOM   1062 C CZ  . TYR A 1 134 ? 0.932   -7.358  0.311   1.00 21.23 ? 134 TYR A CZ  1 
ATOM   1063 O OH  . TYR A 1 134 ? 1.280   -6.285  1.077   1.00 27.28 ? 134 TYR A OH  1 
ATOM   1064 N N   . VAL A 1 135 ? -0.035  -13.496 -3.107  1.00 13.97 ? 135 VAL A N   1 
ATOM   1065 C CA  . VAL A 1 135 ? -0.641  -14.531 -3.929  1.00 16.00 ? 135 VAL A CA  1 
ATOM   1066 C C   . VAL A 1 135 ? -1.971  -14.803 -3.221  1.00 17.05 ? 135 VAL A C   1 
ATOM   1067 O O   . VAL A 1 135 ? -2.073  -14.608 -2.015  1.00 15.95 ? 135 VAL A O   1 
ATOM   1068 C CB  . VAL A 1 135 ? 0.244   -15.811 -3.972  1.00 18.15 ? 135 VAL A CB  1 
ATOM   1069 C CG1 . VAL A 1 135 ? 0.362   -16.429 -2.583  1.00 17.25 ? 135 VAL A CG1 1 
ATOM   1070 C CG2 . VAL A 1 135 ? -0.339  -16.813 -4.967  1.00 20.59 ? 135 VAL A CG2 1 
ATOM   1071 N N   . ARG A 1 136 ? -3.002  -15.213 -3.949  1.00 18.89 ? 136 ARG A N   1 
ATOM   1072 C CA  . ARG A 1 136 ? -4.278  -15.467 -3.288  1.00 21.83 ? 136 ARG A CA  1 
ATOM   1073 C C   . ARG A 1 136 ? -4.161  -16.629 -2.306  1.00 24.04 ? 136 ARG A C   1 
ATOM   1074 O O   . ARG A 1 136 ? -3.388  -17.558 -2.526  1.00 21.56 ? 136 ARG A O   1 
ATOM   1075 C CB  . ARG A 1 136 ? -5.374  -15.745 -4.313  1.00 21.18 ? 136 ARG A CB  1 
ATOM   1076 C CG  . ARG A 1 136 ? -5.720  -14.555 -5.189  1.00 21.44 ? 136 ARG A CG  1 
ATOM   1077 C CD  . ARG A 1 136 ? -6.950  -14.877 -6.021  1.00 24.62 ? 136 ARG A CD  1 
ATOM   1078 N NE  . ARG A 1 136 ? -7.435  -13.751 -6.818  1.00 24.69 ? 136 ARG A NE  1 
ATOM   1079 C CZ  . ARG A 1 136 ? -6.815  -13.257 -7.884  1.00 25.80 ? 136 ARG A CZ  1 
ATOM   1080 N NH1 . ARG A 1 136 ? -5.671  -13.784 -8.297  1.00 25.90 ? 136 ARG A NH1 1 
ATOM   1081 N NH2 . ARG A 1 136 ? -7.357  -12.248 -8.556  1.00 26.38 ? 136 ARG A NH2 1 
ATOM   1082 N N   . GLU A 1 137 ? -4.928  -16.564 -1.220  1.00 27.62 ? 137 GLU A N   1 
ATOM   1083 C CA  . GLU A 1 137 ? -4.901  -17.598 -0.191  1.00 33.21 ? 137 GLU A CA  1 
ATOM   1084 C C   . GLU A 1 137 ? -5.634  -18.847 -0.648  1.00 35.78 ? 137 GLU A C   1 
ATOM   1085 O O   . GLU A 1 137 ? -6.292  -18.793 -1.709  1.00 37.63 ? 137 GLU A O   1 
ATOM   1086 C CB  . GLU A 1 137 ? -5.549  -17.083 1.095   1.00 35.80 ? 137 GLU A CB  1 
ATOM   1087 C CG  . GLU A 1 137 ? -4.902  -15.837 1.680   1.00 41.73 ? 137 GLU A CG  1 
ATOM   1088 C CD  . GLU A 1 137 ? -5.596  -15.357 2.948   1.00 45.62 ? 137 GLU A CD  1 
ATOM   1089 O OE1 . GLU A 1 137 ? -5.172  -14.319 3.512   1.00 48.15 ? 137 GLU A OE1 1 
ATOM   1090 O OE2 . GLU A 1 137 ? -6.567  -16.020 3.380   1.00 46.50 ? 137 GLU A OE2 1 
ATOM   1091 O OXT . GLU A 1 137 ? -5.553  -19.861 0.077   1.00 39.52 ? 137 GLU A OXT 1 
HETATM 1092 C C1  . R13 B 2 .   ? 2.329   1.085   14.533  1.00 17.64 ? 200 R13 A C1  1 
HETATM 1093 C C2  . R13 B 2 .   ? 2.493   2.492   15.155  1.00 17.81 ? 200 R13 A C2  1 
HETATM 1094 C C3  . R13 B 2 .   ? 3.758   3.241   14.626  1.00 17.95 ? 200 R13 A C3  1 
HETATM 1095 C C4  . R13 B 2 .   ? 3.706   3.494   13.099  1.00 19.31 ? 200 R13 A C4  1 
HETATM 1096 C C5  . R13 B 2 .   ? 3.258   2.211   12.310  1.00 16.63 ? 200 R13 A C5  1 
HETATM 1097 C C6  . R13 B 2 .   ? 3.474   2.144   10.892  1.00 17.77 ? 200 R13 A C6  1 
HETATM 1098 C C7  . R13 B 2 .   ? 3.069   1.010   10.153  1.00 16.24 ? 200 R13 A C7  1 
HETATM 1099 C C8  . R13 B 2 .   ? 2.455   -0.086  10.816  1.00 15.96 ? 200 R13 A C8  1 
HETATM 1100 C C9  . R13 B 2 .   ? 2.241   -0.052  12.217  1.00 16.73 ? 200 R13 A C9  1 
HETATM 1101 C C10 . R13 B 2 .   ? 2.617   1.083   12.985  1.00 17.22 ? 200 R13 A C10 1 
HETATM 1102 C C11 . R13 B 2 .   ? 1.984   -1.344  10.019  1.00 15.70 ? 200 R13 A C11 1 
HETATM 1103 C C12 . R13 B 2 .   ? 2.063   -1.308  8.658   1.00 16.42 ? 200 R13 A C12 1 
HETATM 1104 C C13 . R13 B 2 .   ? 1.623   -2.336  7.838   1.00 15.91 ? 200 R13 A C13 1 
HETATM 1105 C C14 . R13 B 2 .   ? 1.660   -2.194  6.459   1.00 17.14 ? 200 R13 A C14 1 
HETATM 1106 C C15 . R13 B 2 .   ? 1.196   -3.197  5.591   1.00 17.01 ? 200 R13 A C15 1 
HETATM 1107 C C16 . R13 B 2 .   ? 1.242   -2.953  4.212   1.00 16.52 ? 200 R13 A C16 1 
HETATM 1108 C C17 . R13 B 2 .   ? 0.784   -3.841  3.131   1.00 19.38 ? 200 R13 A C17 1 
HETATM 1109 C C18 . R13 B 2 .   ? 2.746   4.643   12.789  1.00 20.10 ? 200 R13 A C18 1 
HETATM 1110 C C19 . R13 B 2 .   ? 5.101   3.942   12.656  1.00 19.90 ? 200 R13 A C19 1 
HETATM 1111 C C20 . R13 B 2 .   ? 0.887   0.639   14.800  1.00 16.69 ? 200 R13 A C20 1 
HETATM 1112 C C21 . R13 B 2 .   ? 3.252   0.089   15.238  1.00 17.08 ? 200 R13 A C21 1 
HETATM 1113 C C22 . R13 B 2 .   ? 1.425   -2.578  10.768  1.00 14.96 ? 200 R13 A C22 1 
HETATM 1114 C C23 . R13 B 2 .   ? 0.626   -4.537  6.141   1.00 15.21 ? 200 R13 A C23 1 
HETATM 1115 O O1  . R13 B 2 .   ? 1.306   -4.966  3.004   1.00 17.60 ? 200 R13 A O1  1 
HETATM 1116 O O2  . R13 B 2 .   ? -0.129  -3.452  2.377   1.00 17.34 ? 200 R13 A O2  1 
HETATM 1117 O O   . HOH C 3 .   ? -2.092  -5.126  -1.535  1.00 21.57 ? 201 HOH A O   1 
HETATM 1118 O O   . HOH C 3 .   ? -12.058 7.672   -5.065  1.00 17.90 ? 202 HOH A O   1 
HETATM 1119 O O   . HOH C 3 .   ? -8.997  -15.302 -2.650  1.00 23.91 ? 203 HOH A O   1 
HETATM 1120 O O   . HOH C 3 .   ? 0.334   -12.797 4.872   1.00 16.58 ? 204 HOH A O   1 
HETATM 1121 O O   . HOH C 3 .   ? -5.825  -1.169  2.983   1.00 17.94 ? 205 HOH A O   1 
HETATM 1122 O O   . HOH C 3 .   ? -2.733  1.872   0.090   1.00 28.39 ? 206 HOH A O   1 
HETATM 1123 O O   . HOH C 3 .   ? -2.300  -4.066  0.989   1.00 17.74 ? 207 HOH A O   1 
HETATM 1124 O O   . HOH C 3 .   ? 2.480   6.079   2.150   1.00 21.10 ? 208 HOH A O   1 
HETATM 1125 O O   . HOH C 3 .   ? 11.148  -6.693  14.146  1.00 37.57 ? 209 HOH A O   1 
HETATM 1126 O O   . HOH C 3 .   ? -8.304  7.369   -7.053  1.00 11.08 ? 210 HOH A O   1 
HETATM 1127 O O   . HOH C 3 .   ? 3.397   12.055  1.422   1.00 30.52 ? 211 HOH A O   1 
HETATM 1128 O O   . HOH C 3 .   ? 5.454   3.178   -5.220  1.00 38.77 ? 212 HOH A O   1 
HETATM 1129 O O   . HOH C 3 .   ? 17.662  0.442   0.351   1.00 36.55 ? 213 HOH A O   1 
HETATM 1130 O O   . HOH C 3 .   ? 15.545  -6.345  1.650   1.00 40.99 ? 214 HOH A O   1 
HETATM 1131 O O   . HOH C 3 .   ? -1.536  -1.104  17.675  1.00 15.86 ? 215 HOH A O   1 
HETATM 1132 O O   . HOH C 3 .   ? 16.726  -3.940  2.195   1.00 21.41 ? 216 HOH A O   1 
HETATM 1133 O O   . HOH C 3 .   ? 3.243   -2.514  -8.112  1.00 19.21 ? 217 HOH A O   1 
HETATM 1134 O O   . HOH C 3 .   ? -4.512  -16.540 -10.639 1.00 28.88 ? 218 HOH A O   1 
HETATM 1135 O O   . HOH C 3 .   ? 10.628  -5.885  4.182   1.00 18.65 ? 219 HOH A O   1 
HETATM 1136 O O   . HOH C 3 .   ? 3.729   12.539  -1.119  1.00 30.68 ? 220 HOH A O   1 
HETATM 1137 O O   . HOH C 3 .   ? 5.159   11.879  3.540   1.00 40.26 ? 221 HOH A O   1 
HETATM 1138 O O   . HOH C 3 .   ? -1.776  8.808   -9.716  1.00 33.06 ? 222 HOH A O   1 
HETATM 1139 O O   . HOH C 3 .   ? -14.742 9.316   -5.575  1.00 39.47 ? 223 HOH A O   1 
HETATM 1140 O O   . HOH C 3 .   ? -8.852  2.479   7.639   1.00 28.32 ? 224 HOH A O   1 
HETATM 1141 O O   . HOH C 3 .   ? -7.958  -11.662 4.204   1.00 34.58 ? 225 HOH A O   1 
HETATM 1142 O O   . HOH C 3 .   ? 4.623   -6.377  16.623  1.00 35.02 ? 226 HOH A O   1 
HETATM 1143 O O   . HOH C 3 .   ? -1.458  -0.960  3.191   1.00 25.83 ? 227 HOH A O   1 
HETATM 1144 O O   . HOH C 3 .   ? -0.829  4.757   2.218   1.00 27.53 ? 228 HOH A O   1 
HETATM 1145 O O   . HOH C 3 .   ? -4.314  4.322   4.446   1.00 30.88 ? 229 HOH A O   1 
HETATM 1146 O O   . HOH C 3 .   ? -15.229 7.937   -12.433 1.00 39.86 ? 230 HOH A O   1 
HETATM 1147 O O   . HOH C 3 .   ? 5.097   -12.719 -13.768 1.00 29.67 ? 231 HOH A O   1 
HETATM 1148 O O   . HOH C 3 .   ? -15.329 0.908   -2.575  1.00 36.82 ? 232 HOH A O   1 
HETATM 1149 O O   . HOH C 3 .   ? -15.537 -5.987  -11.962 1.00 43.08 ? 233 HOH A O   1 
HETATM 1150 O O   . HOH C 3 .   ? 7.414   -6.845  7.247   1.00 33.85 ? 234 HOH A O   1 
HETATM 1151 O O   . HOH C 3 .   ? -1.966  3.698   6.470   1.00 32.78 ? 235 HOH A O   1 
HETATM 1152 O O   . HOH C 3 .   ? -2.861  -12.778 -14.181 1.00 43.30 ? 236 HOH A O   1 
HETATM 1153 O O   . HOH C 3 .   ? -7.268  -1.481  -16.164 1.00 39.11 ? 237 HOH A O   1 
HETATM 1154 O O   . HOH C 3 .   ? 14.680  -2.365  5.038   1.00 24.20 ? 238 HOH A O   1 
HETATM 1155 O O   . HOH C 3 .   ? -1.209  15.500  6.596   1.00 24.39 ? 239 HOH A O   1 
HETATM 1156 O O   . HOH C 3 .   ? 5.545   11.524  6.738   1.00 36.26 ? 240 HOH A O   1 
HETATM 1157 O O   . HOH C 3 .   ? -3.040  -15.738 -7.097  1.00 23.32 ? 241 HOH A O   1 
HETATM 1158 O O   . HOH C 3 .   ? -3.671  0.069   1.873   1.00 21.76 ? 242 HOH A O   1 
HETATM 1159 O O   . HOH C 3 .   ? 12.484  -4.816  6.304   1.00 26.24 ? 243 HOH A O   1 
HETATM 1160 O O   . HOH C 3 .   ? -2.128  -0.914  6.083   1.00 28.23 ? 244 HOH A O   1 
HETATM 1161 O O   . HOH C 3 .   ? 4.810   5.321   0.805   1.00 30.82 ? 245 HOH A O   1 
HETATM 1162 O O   . HOH C 3 .   ? 7.496   -14.216 -6.882  1.00 32.95 ? 246 HOH A O   1 
HETATM 1163 O O   . HOH C 3 .   ? -8.142  -8.225  5.604   1.00 27.26 ? 247 HOH A O   1 
HETATM 1164 O O   . HOH C 3 .   ? -18.139 8.363   -9.939  1.00 35.23 ? 248 HOH A O   1 
HETATM 1165 O O   . HOH C 3 .   ? -9.470  -6.861  10.880  1.00 40.63 ? 249 HOH A O   1 
HETATM 1166 O O   . HOH C 3 .   ? 0.072   1.340   3.627   1.00 40.44 ? 250 HOH A O   1 
HETATM 1167 O O   . HOH C 3 .   ? 11.160  -11.691 1.233   1.00 36.07 ? 251 HOH A O   1 
HETATM 1168 O O   . HOH C 3 .   ? 2.350   5.710   -14.252 1.00 34.27 ? 252 HOH A O   1 
HETATM 1169 O O   . HOH C 3 .   ? -13.509 10.615  -12.008 1.00 39.36 ? 253 HOH A O   1 
# 
loop_
_pdbx_poly_seq_scheme.asym_id 
_pdbx_poly_seq_scheme.entity_id 
_pdbx_poly_seq_scheme.seq_id 
_pdbx_poly_seq_scheme.mon_id 
_pdbx_poly_seq_scheme.ndb_seq_num 
_pdbx_poly_seq_scheme.pdb_seq_num 
_pdbx_poly_seq_scheme.auth_seq_num 
_pdbx_poly_seq_scheme.pdb_mon_id 
_pdbx_poly_seq_scheme.auth_mon_id 
_pdbx_poly_seq_scheme.pdb_strand_id 
_pdbx_poly_seq_scheme.pdb_ins_code 
_pdbx_poly_seq_scheme.hetero 
A 1 1   PRO 1   1   1   PRO PRO A . n 
A 1 2   ASN 2   2   2   ASN ASN A . n 
A 1 3   PHE 3   3   3   PHE PHE A . n 
A 1 4   SER 4   4   4   SER SER A . n 
A 1 5   GLY 5   5   5   GLY GLY A . n 
A 1 6   ASN 6   6   6   ASN ASN A . n 
A 1 7   TRP 7   7   7   TRP TRP A . n 
A 1 8   LYS 8   8   8   LYS LYS A . n 
A 1 9   ILE 9   9   9   ILE ILE A . n 
A 1 10  ILE 10  10  10  ILE ILE A . n 
A 1 11  ARG 11  11  11  ARG ARG A . n 
A 1 12  SER 12  12  12  SER SER A . n 
A 1 13  GLU 13  13  13  GLU GLU A . n 
A 1 14  ASN 14  14  14  ASN ASN A . n 
A 1 15  PHE 15  15  15  PHE PHE A . n 
A 1 16  GLU 16  16  16  GLU GLU A . n 
A 1 17  GLU 17  17  17  GLU GLU A . n 
A 1 18  LEU 18  18  18  LEU LEU A . n 
A 1 19  LEU 19  19  19  LEU LEU A . n 
A 1 20  LYS 20  20  20  LYS LYS A . n 
A 1 21  VAL 21  21  21  VAL VAL A . n 
A 1 22  LEU 22  22  22  LEU LEU A . n 
A 1 23  GLY 23  23  23  GLY GLY A . n 
A 1 24  VAL 24  24  24  VAL VAL A . n 
A 1 25  ASN 25  25  25  ASN ASN A . n 
A 1 26  VAL 26  26  26  VAL VAL A . n 
A 1 27  MET 27  27  27  MET MET A . n 
A 1 28  LEU 28  28  28  LEU LEU A . n 
A 1 29  ARG 29  29  29  ARG ARG A . n 
A 1 30  LYS 30  30  30  LYS LYS A . n 
A 1 31  ILE 31  31  31  ILE ILE A . n 
A 1 32  ALA 32  32  32  ALA ALA A . n 
A 1 33  VAL 33  33  33  VAL VAL A . n 
A 1 34  ALA 34  34  34  ALA ALA A . n 
A 1 35  ALA 35  35  35  ALA ALA A . n 
A 1 36  ALA 36  36  36  ALA ALA A . n 
A 1 37  SER 37  37  37  SER SER A . n 
A 1 38  LYS 38  38  38  LYS LYS A . n 
A 1 39  PRO 39  39  39  PRO PRO A . n 
A 1 40  ALA 40  40  40  ALA ALA A . n 
A 1 41  VAL 41  41  41  VAL VAL A . n 
A 1 42  GLU 42  42  42  GLU GLU A . n 
A 1 43  ILE 43  43  43  ILE ILE A . n 
A 1 44  LYS 44  44  44  LYS LYS A . n 
A 1 45  GLN 45  45  45  GLN GLN A . n 
A 1 46  GLU 46  46  46  GLU GLU A . n 
A 1 47  GLY 47  47  47  GLY GLY A . n 
A 1 48  ASP 48  48  48  ASP ASP A . n 
A 1 49  THR 49  49  49  THR THR A . n 
A 1 50  PHE 50  50  50  PHE PHE A . n 
A 1 51  TYR 51  51  51  TYR TYR A . n 
A 1 52  ILE 52  52  52  ILE ILE A . n 
A 1 53  LYS 53  53  53  LYS LYS A . n 
A 1 54  THR 54  54  54  THR THR A . n 
A 1 55  SER 55  55  55  SER SER A . n 
A 1 56  THR 56  56  56  THR THR A . n 
A 1 57  THR 57  57  57  THR THR A . n 
A 1 58  VAL 58  58  58  VAL VAL A . n 
A 1 59  ARG 59  59  59  ARG ARG A . n 
A 1 60  THR 60  60  60  THR THR A . n 
A 1 61  THR 61  61  61  THR THR A . n 
A 1 62  GLU 62  62  62  GLU GLU A . n 
A 1 63  ILE 63  63  63  ILE ILE A . n 
A 1 64  ASN 64  64  64  ASN ASN A . n 
A 1 65  PHE 65  65  65  PHE PHE A . n 
A 1 66  LYS 66  66  66  LYS LYS A . n 
A 1 67  VAL 67  67  67  VAL VAL A . n 
A 1 68  GLY 68  68  68  GLY GLY A . n 
A 1 69  GLU 69  69  69  GLU GLU A . n 
A 1 70  GLU 70  70  70  GLU GLU A . n 
A 1 71  PHE 71  71  71  PHE PHE A . n 
A 1 72  GLU 72  72  72  GLU GLU A . n 
A 1 73  GLU 73  73  73  GLU GLU A . n 
A 1 74  GLN 74  74  74  GLN GLN A . n 
A 1 75  THR 75  75  75  THR THR A . n 
A 1 76  VAL 76  76  76  VAL VAL A . n 
A 1 77  ASP 77  77  77  ASP ASP A . n 
A 1 78  GLY 78  78  78  GLY GLY A . n 
A 1 79  ARG 79  79  79  ARG ARG A . n 
A 1 80  PRO 80  80  80  PRO PRO A . n 
A 1 81  CYS 81  81  81  CYS CYS A . n 
A 1 82  LYS 82  82  82  LYS LYS A . n 
A 1 83  SER 83  83  83  SER SER A . n 
A 1 84  LEU 84  84  84  LEU LEU A . n 
A 1 85  VAL 85  85  85  VAL VAL A . n 
A 1 86  LYS 86  86  86  LYS LYS A . n 
A 1 87  TRP 87  87  87  TRP TRP A . n 
A 1 88  GLU 88  88  88  GLU GLU A . n 
A 1 89  SER 89  89  89  SER SER A . n 
A 1 90  GLU 90  90  90  GLU GLU A . n 
A 1 91  ASN 91  91  91  ASN ASN A . n 
A 1 92  LYS 92  92  92  LYS LYS A . n 
A 1 93  MET 93  93  93  MET MET A . n 
A 1 94  VAL 94  94  94  VAL VAL A . n 
A 1 95  CYS 95  95  95  CYS CYS A . n 
A 1 96  GLU 96  96  96  GLU GLU A . n 
A 1 97  GLN 97  97  97  GLN GLN A . n 
A 1 98  LYS 98  98  98  LYS LYS A . n 
A 1 99  LEU 99  99  99  LEU LEU A . n 
A 1 100 LEU 100 100 100 LEU LEU A . n 
A 1 101 LYS 101 101 101 LYS LYS A . n 
A 1 102 GLY 102 102 102 GLY GLY A . n 
A 1 103 GLU 103 103 103 GLU GLU A . n 
A 1 104 GLY 104 104 104 GLY GLY A . n 
A 1 105 PRO 105 105 105 PRO PRO A . n 
A 1 106 LYS 106 106 106 LYS LYS A . n 
A 1 107 THR 107 107 107 THR THR A . n 
A 1 108 SER 108 108 108 SER SER A . n 
A 1 109 TRP 109 109 109 TRP TRP A . n 
A 1 110 THR 110 110 110 THR THR A . n 
A 1 111 ARG 111 111 111 ARG ARG A . n 
A 1 112 GLU 112 112 112 GLU GLU A . n 
A 1 113 LEU 113 113 113 LEU LEU A . n 
A 1 114 THR 114 114 114 THR THR A . n 
A 1 115 ASN 115 115 115 ASN ASN A . n 
A 1 116 ASP 116 116 116 ASP ASP A . n 
A 1 117 GLY 117 117 117 GLY GLY A . n 
A 1 118 GLU 118 118 118 GLU GLU A . n 
A 1 119 LEU 119 119 119 LEU LEU A . n 
A 1 120 ILE 120 120 120 ILE ILE A . n 
A 1 121 LEU 121 121 121 LEU LEU A . n 
A 1 122 THR 122 122 122 THR THR A . n 
A 1 123 MET 123 123 123 MET MET A . n 
A 1 124 THR 124 124 124 THR THR A . n 
A 1 125 ALA 125 125 125 ALA ALA A . n 
A 1 126 ASP 126 126 126 ASP ASP A . n 
A 1 127 ASP 127 127 127 ASP ASP A . n 
A 1 128 VAL 128 128 128 VAL VAL A . n 
A 1 129 VAL 129 129 129 VAL VAL A . n 
A 1 130 CYS 130 130 130 CYS CYS A . n 
A 1 131 THR 131 131 131 THR THR A . n 
A 1 132 ARG 132 132 132 ARG ARG A . n 
A 1 133 VAL 133 133 133 VAL VAL A . n 
A 1 134 TYR 134 134 134 TYR TYR A . n 
A 1 135 VAL 135 135 135 VAL VAL A . n 
A 1 136 ARG 136 136 136 ARG ARG A . n 
A 1 137 GLU 137 137 137 GLU GLU A . n 
# 
loop_
_pdbx_nonpoly_scheme.asym_id 
_pdbx_nonpoly_scheme.entity_id 
_pdbx_nonpoly_scheme.mon_id 
_pdbx_nonpoly_scheme.ndb_seq_num 
_pdbx_nonpoly_scheme.pdb_seq_num 
_pdbx_nonpoly_scheme.auth_seq_num 
_pdbx_nonpoly_scheme.pdb_mon_id 
_pdbx_nonpoly_scheme.auth_mon_id 
_pdbx_nonpoly_scheme.pdb_strand_id 
_pdbx_nonpoly_scheme.pdb_ins_code 
B 2 R13 1  200 200    R13 R13 A . 
C 3 HOH 1  201 -99999 HOH HOH A . 
C 3 HOH 2  202 -99999 HOH HOH A . 
C 3 HOH 3  203 -99999 HOH HOH A . 
C 3 HOH 4  204 -99999 HOH HOH A . 
C 3 HOH 5  205 -99999 HOH HOH A . 
C 3 HOH 6  206 -99999 HOH HOH A . 
C 3 HOH 7  207 -99999 HOH HOH A . 
C 3 HOH 8  208 -99999 HOH HOH A . 
C 3 HOH 9  209 -99999 HOH HOH A . 
C 3 HOH 10 210 -99999 HOH HOH A . 
C 3 HOH 11 211 -99999 HOH HOH A . 
C 3 HOH 12 212 -99999 HOH HOH A . 
C 3 HOH 13 213 -99999 HOH HOH A . 
C 3 HOH 14 214 -99999 HOH HOH A . 
C 3 HOH 15 215 -99999 HOH HOH A . 
C 3 HOH 16 216 -99999 HOH HOH A . 
C 3 HOH 17 217 -99999 HOH HOH A . 
C 3 HOH 18 218 -99999 HOH HOH A . 
C 3 HOH 19 219 -99999 HOH HOH A . 
C 3 HOH 20 220 -99999 HOH HOH A . 
C 3 HOH 21 221 -99999 HOH HOH A . 
C 3 HOH 22 222 -99999 HOH HOH A . 
C 3 HOH 23 223 -99999 HOH HOH A . 
C 3 HOH 24 224 -99999 HOH HOH A . 
C 3 HOH 25 225 -99999 HOH HOH A . 
C 3 HOH 26 226 -99999 HOH HOH A . 
C 3 HOH 27 227 -99999 HOH HOH A . 
C 3 HOH 28 228 -99999 HOH HOH A . 
C 3 HOH 29 229 -99999 HOH HOH A . 
C 3 HOH 30 230 -99999 HOH HOH A . 
C 3 HOH 31 231 -99999 HOH HOH A . 
C 3 HOH 32 232 -99999 HOH HOH A . 
C 3 HOH 33 233 -99999 HOH HOH A . 
C 3 HOH 34 234 -99999 HOH HOH A . 
C 3 HOH 35 235 -99999 HOH HOH A . 
C 3 HOH 36 236 -99999 HOH HOH A . 
C 3 HOH 37 237 -99999 HOH HOH A . 
C 3 HOH 38 238 -99999 HOH HOH A . 
C 3 HOH 39 239 -99999 HOH HOH A . 
C 3 HOH 40 240 -99999 HOH HOH A . 
C 3 HOH 41 241 -99999 HOH HOH A . 
C 3 HOH 42 242 -99999 HOH HOH A . 
C 3 HOH 43 243 -99999 HOH HOH A . 
C 3 HOH 44 244 -99999 HOH HOH A . 
C 3 HOH 45 245 -99999 HOH HOH A . 
C 3 HOH 46 246 -99999 HOH HOH A . 
C 3 HOH 47 247 -99999 HOH HOH A . 
C 3 HOH 48 248 -99999 HOH HOH A . 
C 3 HOH 49 249 -99999 HOH HOH A . 
C 3 HOH 50 250 -99999 HOH HOH A . 
C 3 HOH 51 251 -99999 HOH HOH A . 
C 3 HOH 52 252 -99999 HOH HOH A . 
C 3 HOH 53 253 -99999 HOH HOH A . 
# 
_pdbx_struct_assembly.id                   1 
_pdbx_struct_assembly.details              author_defined_assembly 
_pdbx_struct_assembly.method_details       ? 
_pdbx_struct_assembly.oligomeric_details   monomeric 
_pdbx_struct_assembly.oligomeric_count     1 
# 
_pdbx_struct_assembly_gen.assembly_id       1 
_pdbx_struct_assembly_gen.oper_expression   1 
_pdbx_struct_assembly_gen.asym_id_list      A,B,C 
# 
_pdbx_struct_oper_list.id                   1 
_pdbx_struct_oper_list.type                 'identity operation' 
_pdbx_struct_oper_list.name                 1_555 
_pdbx_struct_oper_list.symmetry_operation   x,y,z 
_pdbx_struct_oper_list.matrix[1][1]         1.0000000000 
_pdbx_struct_oper_list.matrix[1][2]         0.0000000000 
_pdbx_struct_oper_list.matrix[1][3]         0.0000000000 
_pdbx_struct_oper_list.vector[1]            0.0000000000 
_pdbx_struct_oper_list.matrix[2][1]         0.0000000000 
_pdbx_struct_oper_list.matrix[2][2]         1.0000000000 
_pdbx_struct_oper_list.matrix[2][3]         0.0000000000 
_pdbx_struct_oper_list.vector[2]            0.0000000000 
_pdbx_struct_oper_list.matrix[3][1]         0.0000000000 
_pdbx_struct_oper_list.matrix[3][2]         0.0000000000 
_pdbx_struct_oper_list.matrix[3][3]         1.0000000000 
_pdbx_struct_oper_list.vector[3]            0.0000000000 
# 
loop_
_pdbx_audit_revision_history.ordinal 
_pdbx_audit_revision_history.data_content_type 
_pdbx_audit_revision_history.major_revision 
_pdbx_audit_revision_history.minor_revision 
_pdbx_audit_revision_history.revision_date 
1 'Structure model' 1 0 1999-12-22 
2 'Structure model' 1 1 2008-04-26 
3 'Structure model' 1 2 2011-07-13 
4 'Structure model' 1 3 2019-11-06 
5 'Structure model' 1 4 2023-08-23 
# 
_pdbx_audit_revision_details.ordinal             1 
_pdbx_audit_revision_details.revision_ordinal    1 
_pdbx_audit_revision_details.data_content_type   'Structure model' 
_pdbx_audit_revision_details.provider            repository 
_pdbx_audit_revision_details.type                'Initial release' 
_pdbx_audit_revision_details.description         ? 
_pdbx_audit_revision_details.details             ? 
# 
loop_
_pdbx_audit_revision_group.ordinal 
_pdbx_audit_revision_group.revision_ordinal 
_pdbx_audit_revision_group.data_content_type 
_pdbx_audit_revision_group.group 
1 2 'Structure model' 'Version format compliance' 
2 3 'Structure model' 'Version format compliance' 
3 4 'Structure model' 'Data collection'           
4 4 'Structure model' 'Database references'       
5 5 'Structure model' 'Data collection'           
6 5 'Structure model' 'Database references'       
7 5 'Structure model' 'Derived calculations'      
8 5 'Structure model' 'Refinement description'    
# 
loop_
_pdbx_audit_revision_category.ordinal 
_pdbx_audit_revision_category.revision_ordinal 
_pdbx_audit_revision_category.data_content_type 
_pdbx_audit_revision_category.category 
1 4 'Structure model' citation                      
2 4 'Structure model' citation_author               
3 5 'Structure model' chem_comp_atom                
4 5 'Structure model' chem_comp_bond                
5 5 'Structure model' database_2                    
6 5 'Structure model' pdbx_initial_refinement_model 
7 5 'Structure model' struct_site                   
# 
loop_
_pdbx_audit_revision_item.ordinal 
_pdbx_audit_revision_item.revision_ordinal 
_pdbx_audit_revision_item.data_content_type 
_pdbx_audit_revision_item.item 
1  4 'Structure model' '_citation.page_last'                 
2  4 'Structure model' '_citation.pdbx_database_id_DOI'      
3  4 'Structure model' '_citation.pdbx_database_id_PubMed'   
4  4 'Structure model' '_citation.title'                     
5  4 'Structure model' '_citation_author.name'               
6  5 'Structure model' '_database_2.pdbx_DOI'                
7  5 'Structure model' '_database_2.pdbx_database_accession' 
8  5 'Structure model' '_struct_site.pdbx_auth_asym_id'      
9  5 'Structure model' '_struct_site.pdbx_auth_comp_id'      
10 5 'Structure model' '_struct_site.pdbx_auth_seq_id'       
# 
loop_
_software.name 
_software.classification 
_software.version 
_software.citation_id 
_software.pdbx_ordinal 
X-PLOR    'model building' .   ? 1 
CNS       refinement       0.3 ? 2 
DENZO     'data reduction' .   ? 3 
SCALEPACK 'data scaling'   .   ? 4 
X-PLOR    phasing          .   ? 5 
# 
loop_
_pdbx_validate_torsion.id 
_pdbx_validate_torsion.PDB_model_num 
_pdbx_validate_torsion.auth_comp_id 
_pdbx_validate_torsion.auth_asym_id 
_pdbx_validate_torsion.auth_seq_id 
_pdbx_validate_torsion.PDB_ins_code 
_pdbx_validate_torsion.label_alt_id 
_pdbx_validate_torsion.phi 
_pdbx_validate_torsion.psi 
1 1 GLU A 73  ? ? -148.36 -159.44 
2 1 ASP A 126 ? ? 55.50   -116.51 
# 
loop_
_chem_comp_atom.comp_id 
_chem_comp_atom.atom_id 
_chem_comp_atom.type_symbol 
_chem_comp_atom.pdbx_aromatic_flag 
_chem_comp_atom.pdbx_stereo_config 
_chem_comp_atom.pdbx_ordinal 
ALA N    N N N 1   
ALA CA   C N S 2   
ALA C    C N N 3   
ALA O    O N N 4   
ALA CB   C N N 5   
ALA OXT  O N N 6   
ALA H    H N N 7   
ALA H2   H N N 8   
ALA HA   H N N 9   
ALA HB1  H N N 10  
ALA HB2  H N N 11  
ALA HB3  H N N 12  
ALA HXT  H N N 13  
ARG N    N N N 14  
ARG CA   C N S 15  
ARG C    C N N 16  
ARG O    O N N 17  
ARG CB   C N N 18  
ARG CG   C N N 19  
ARG CD   C N N 20  
ARG NE   N N N 21  
ARG CZ   C N N 22  
ARG NH1  N N N 23  
ARG NH2  N N N 24  
ARG OXT  O N N 25  
ARG H    H N N 26  
ARG H2   H N N 27  
ARG HA   H N N 28  
ARG HB2  H N N 29  
ARG HB3  H N N 30  
ARG HG2  H N N 31  
ARG HG3  H N N 32  
ARG HD2  H N N 33  
ARG HD3  H N N 34  
ARG HE   H N N 35  
ARG HH11 H N N 36  
ARG HH12 H N N 37  
ARG HH21 H N N 38  
ARG HH22 H N N 39  
ARG HXT  H N N 40  
ASN N    N N N 41  
ASN CA   C N S 42  
ASN C    C N N 43  
ASN O    O N N 44  
ASN CB   C N N 45  
ASN CG   C N N 46  
ASN OD1  O N N 47  
ASN ND2  N N N 48  
ASN OXT  O N N 49  
ASN H    H N N 50  
ASN H2   H N N 51  
ASN HA   H N N 52  
ASN HB2  H N N 53  
ASN HB3  H N N 54  
ASN HD21 H N N 55  
ASN HD22 H N N 56  
ASN HXT  H N N 57  
ASP N    N N N 58  
ASP CA   C N S 59  
ASP C    C N N 60  
ASP O    O N N 61  
ASP CB   C N N 62  
ASP CG   C N N 63  
ASP OD1  O N N 64  
ASP OD2  O N N 65  
ASP OXT  O N N 66  
ASP H    H N N 67  
ASP H2   H N N 68  
ASP HA   H N N 69  
ASP HB2  H N N 70  
ASP HB3  H N N 71  
ASP HD2  H N N 72  
ASP HXT  H N N 73  
CYS N    N N N 74  
CYS CA   C N R 75  
CYS C    C N N 76  
CYS O    O N N 77  
CYS CB   C N N 78  
CYS SG   S N N 79  
CYS OXT  O N N 80  
CYS H    H N N 81  
CYS H2   H N N 82  
CYS HA   H N N 83  
CYS HB2  H N N 84  
CYS HB3  H N N 85  
CYS HG   H N N 86  
CYS HXT  H N N 87  
GLN N    N N N 88  
GLN CA   C N S 89  
GLN C    C N N 90  
GLN O    O N N 91  
GLN CB   C N N 92  
GLN CG   C N N 93  
GLN CD   C N N 94  
GLN OE1  O N N 95  
GLN NE2  N N N 96  
GLN OXT  O N N 97  
GLN H    H N N 98  
GLN H2   H N N 99  
GLN HA   H N N 100 
GLN HB2  H N N 101 
GLN HB3  H N N 102 
GLN HG2  H N N 103 
GLN HG3  H N N 104 
GLN HE21 H N N 105 
GLN HE22 H N N 106 
GLN HXT  H N N 107 
GLU N    N N N 108 
GLU CA   C N S 109 
GLU C    C N N 110 
GLU O    O N N 111 
GLU CB   C N N 112 
GLU CG   C N N 113 
GLU CD   C N N 114 
GLU OE1  O N N 115 
GLU OE2  O N N 116 
GLU OXT  O N N 117 
GLU H    H N N 118 
GLU H2   H N N 119 
GLU HA   H N N 120 
GLU HB2  H N N 121 
GLU HB3  H N N 122 
GLU HG2  H N N 123 
GLU HG3  H N N 124 
GLU HE2  H N N 125 
GLU HXT  H N N 126 
GLY N    N N N 127 
GLY CA   C N N 128 
GLY C    C N N 129 
GLY O    O N N 130 
GLY OXT  O N N 131 
GLY H    H N N 132 
GLY H2   H N N 133 
GLY HA2  H N N 134 
GLY HA3  H N N 135 
GLY HXT  H N N 136 
HOH O    O N N 137 
HOH H1   H N N 138 
HOH H2   H N N 139 
ILE N    N N N 140 
ILE CA   C N S 141 
ILE C    C N N 142 
ILE O    O N N 143 
ILE CB   C N S 144 
ILE CG1  C N N 145 
ILE CG2  C N N 146 
ILE CD1  C N N 147 
ILE OXT  O N N 148 
ILE H    H N N 149 
ILE H2   H N N 150 
ILE HA   H N N 151 
ILE HB   H N N 152 
ILE HG12 H N N 153 
ILE HG13 H N N 154 
ILE HG21 H N N 155 
ILE HG22 H N N 156 
ILE HG23 H N N 157 
ILE HD11 H N N 158 
ILE HD12 H N N 159 
ILE HD13 H N N 160 
ILE HXT  H N N 161 
LEU N    N N N 162 
LEU CA   C N S 163 
LEU C    C N N 164 
LEU O    O N N 165 
LEU CB   C N N 166 
LEU CG   C N N 167 
LEU CD1  C N N 168 
LEU CD2  C N N 169 
LEU OXT  O N N 170 
LEU H    H N N 171 
LEU H2   H N N 172 
LEU HA   H N N 173 
LEU HB2  H N N 174 
LEU HB3  H N N 175 
LEU HG   H N N 176 
LEU HD11 H N N 177 
LEU HD12 H N N 178 
LEU HD13 H N N 179 
LEU HD21 H N N 180 
LEU HD22 H N N 181 
LEU HD23 H N N 182 
LEU HXT  H N N 183 
LYS N    N N N 184 
LYS CA   C N S 185 
LYS C    C N N 186 
LYS O    O N N 187 
LYS CB   C N N 188 
LYS CG   C N N 189 
LYS CD   C N N 190 
LYS CE   C N N 191 
LYS NZ   N N N 192 
LYS OXT  O N N 193 
LYS H    H N N 194 
LYS H2   H N N 195 
LYS HA   H N N 196 
LYS HB2  H N N 197 
LYS HB3  H N N 198 
LYS HG2  H N N 199 
LYS HG3  H N N 200 
LYS HD2  H N N 201 
LYS HD3  H N N 202 
LYS HE2  H N N 203 
LYS HE3  H N N 204 
LYS HZ1  H N N 205 
LYS HZ2  H N N 206 
LYS HZ3  H N N 207 
LYS HXT  H N N 208 
MET N    N N N 209 
MET CA   C N S 210 
MET C    C N N 211 
MET O    O N N 212 
MET CB   C N N 213 
MET CG   C N N 214 
MET SD   S N N 215 
MET CE   C N N 216 
MET OXT  O N N 217 
MET H    H N N 218 
MET H2   H N N 219 
MET HA   H N N 220 
MET HB2  H N N 221 
MET HB3  H N N 222 
MET HG2  H N N 223 
MET HG3  H N N 224 
MET HE1  H N N 225 
MET HE2  H N N 226 
MET HE3  H N N 227 
MET HXT  H N N 228 
PHE N    N N N 229 
PHE CA   C N S 230 
PHE C    C N N 231 
PHE O    O N N 232 
PHE CB   C N N 233 
PHE CG   C Y N 234 
PHE CD1  C Y N 235 
PHE CD2  C Y N 236 
PHE CE1  C Y N 237 
PHE CE2  C Y N 238 
PHE CZ   C Y N 239 
PHE OXT  O N N 240 
PHE H    H N N 241 
PHE H2   H N N 242 
PHE HA   H N N 243 
PHE HB2  H N N 244 
PHE HB3  H N N 245 
PHE HD1  H N N 246 
PHE HD2  H N N 247 
PHE HE1  H N N 248 
PHE HE2  H N N 249 
PHE HZ   H N N 250 
PHE HXT  H N N 251 
PRO N    N N N 252 
PRO CA   C N S 253 
PRO C    C N N 254 
PRO O    O N N 255 
PRO CB   C N N 256 
PRO CG   C N N 257 
PRO CD   C N N 258 
PRO OXT  O N N 259 
PRO H    H N N 260 
PRO HA   H N N 261 
PRO HB2  H N N 262 
PRO HB3  H N N 263 
PRO HG2  H N N 264 
PRO HG3  H N N 265 
PRO HD2  H N N 266 
PRO HD3  H N N 267 
PRO HXT  H N N 268 
R13 C1   C N N 269 
R13 C2   C N N 270 
R13 C3   C N N 271 
R13 C4   C N N 272 
R13 C5   C Y N 273 
R13 C6   C Y N 274 
R13 C7   C Y N 275 
R13 C8   C Y N 276 
R13 C9   C Y N 277 
R13 C10  C Y N 278 
R13 C11  C N N 279 
R13 C12  C N N 280 
R13 C13  C N N 281 
R13 C14  C N N 282 
R13 C15  C N N 283 
R13 C16  C N N 284 
R13 C17  C N N 285 
R13 C18  C N N 286 
R13 C19  C N N 287 
R13 C20  C N N 288 
R13 C21  C N N 289 
R13 C22  C N N 290 
R13 C23  C N N 291 
R13 O1   O N N 292 
R13 O2   O N N 293 
R13 H21  H N N 294 
R13 H22  H N N 295 
R13 H31  H N N 296 
R13 H32  H N N 297 
R13 H6   H N N 298 
R13 H7   H N N 299 
R13 H9   H N N 300 
R13 H12  H N N 301 
R13 H13  H N N 302 
R13 H14  H N N 303 
R13 H16  H N N 304 
R13 H181 H N N 305 
R13 H182 H N N 306 
R13 H183 H N N 307 
R13 H191 H N N 308 
R13 H192 H N N 309 
R13 H193 H N N 310 
R13 H201 H N N 311 
R13 H202 H N N 312 
R13 H203 H N N 313 
R13 H211 H N N 314 
R13 H212 H N N 315 
R13 H213 H N N 316 
R13 H221 H N N 317 
R13 H222 H N N 318 
R13 H223 H N N 319 
R13 H231 H N N 320 
R13 H232 H N N 321 
R13 H233 H N N 322 
R13 HO2  H N N 323 
SER N    N N N 324 
SER CA   C N S 325 
SER C    C N N 326 
SER O    O N N 327 
SER CB   C N N 328 
SER OG   O N N 329 
SER OXT  O N N 330 
SER H    H N N 331 
SER H2   H N N 332 
SER HA   H N N 333 
SER HB2  H N N 334 
SER HB3  H N N 335 
SER HG   H N N 336 
SER HXT  H N N 337 
THR N    N N N 338 
THR CA   C N S 339 
THR C    C N N 340 
THR O    O N N 341 
THR CB   C N R 342 
THR OG1  O N N 343 
THR CG2  C N N 344 
THR OXT  O N N 345 
THR H    H N N 346 
THR H2   H N N 347 
THR HA   H N N 348 
THR HB   H N N 349 
THR HG1  H N N 350 
THR HG21 H N N 351 
THR HG22 H N N 352 
THR HG23 H N N 353 
THR HXT  H N N 354 
TRP N    N N N 355 
TRP CA   C N S 356 
TRP C    C N N 357 
TRP O    O N N 358 
TRP CB   C N N 359 
TRP CG   C Y N 360 
TRP CD1  C Y N 361 
TRP CD2  C Y N 362 
TRP NE1  N Y N 363 
TRP CE2  C Y N 364 
TRP CE3  C Y N 365 
TRP CZ2  C Y N 366 
TRP CZ3  C Y N 367 
TRP CH2  C Y N 368 
TRP OXT  O N N 369 
TRP H    H N N 370 
TRP H2   H N N 371 
TRP HA   H N N 372 
TRP HB2  H N N 373 
TRP HB3  H N N 374 
TRP HD1  H N N 375 
TRP HE1  H N N 376 
TRP HE3  H N N 377 
TRP HZ2  H N N 378 
TRP HZ3  H N N 379 
TRP HH2  H N N 380 
TRP HXT  H N N 381 
TYR N    N N N 382 
TYR CA   C N S 383 
TYR C    C N N 384 
TYR O    O N N 385 
TYR CB   C N N 386 
TYR CG   C Y N 387 
TYR CD1  C Y N 388 
TYR CD2  C Y N 389 
TYR CE1  C Y N 390 
TYR CE2  C Y N 391 
TYR CZ   C Y N 392 
TYR OH   O N N 393 
TYR OXT  O N N 394 
TYR H    H N N 395 
TYR H2   H N N 396 
TYR HA   H N N 397 
TYR HB2  H N N 398 
TYR HB3  H N N 399 
TYR HD1  H N N 400 
TYR HD2  H N N 401 
TYR HE1  H N N 402 
TYR HE2  H N N 403 
TYR HH   H N N 404 
TYR HXT  H N N 405 
VAL N    N N N 406 
VAL CA   C N S 407 
VAL C    C N N 408 
VAL O    O N N 409 
VAL CB   C N N 410 
VAL CG1  C N N 411 
VAL CG2  C N N 412 
VAL OXT  O N N 413 
VAL H    H N N 414 
VAL H2   H N N 415 
VAL HA   H N N 416 
VAL HB   H N N 417 
VAL HG11 H N N 418 
VAL HG12 H N N 419 
VAL HG13 H N N 420 
VAL HG21 H N N 421 
VAL HG22 H N N 422 
VAL HG23 H N N 423 
VAL HXT  H N N 424 
# 
loop_
_chem_comp_bond.comp_id 
_chem_comp_bond.atom_id_1 
_chem_comp_bond.atom_id_2 
_chem_comp_bond.value_order 
_chem_comp_bond.pdbx_aromatic_flag 
_chem_comp_bond.pdbx_stereo_config 
_chem_comp_bond.pdbx_ordinal 
ALA N   CA   sing N N 1   
ALA N   H    sing N N 2   
ALA N   H2   sing N N 3   
ALA CA  C    sing N N 4   
ALA CA  CB   sing N N 5   
ALA CA  HA   sing N N 6   
ALA C   O    doub N N 7   
ALA C   OXT  sing N N 8   
ALA CB  HB1  sing N N 9   
ALA CB  HB2  sing N N 10  
ALA CB  HB3  sing N N 11  
ALA OXT HXT  sing N N 12  
ARG N   CA   sing N N 13  
ARG N   H    sing N N 14  
ARG N   H2   sing N N 15  
ARG CA  C    sing N N 16  
ARG CA  CB   sing N N 17  
ARG CA  HA   sing N N 18  
ARG C   O    doub N N 19  
ARG C   OXT  sing N N 20  
ARG CB  CG   sing N N 21  
ARG CB  HB2  sing N N 22  
ARG CB  HB3  sing N N 23  
ARG CG  CD   sing N N 24  
ARG CG  HG2  sing N N 25  
ARG CG  HG3  sing N N 26  
ARG CD  NE   sing N N 27  
ARG CD  HD2  sing N N 28  
ARG CD  HD3  sing N N 29  
ARG NE  CZ   sing N N 30  
ARG NE  HE   sing N N 31  
ARG CZ  NH1  sing N N 32  
ARG CZ  NH2  doub N N 33  
ARG NH1 HH11 sing N N 34  
ARG NH1 HH12 sing N N 35  
ARG NH2 HH21 sing N N 36  
ARG NH2 HH22 sing N N 37  
ARG OXT HXT  sing N N 38  
ASN N   CA   sing N N 39  
ASN N   H    sing N N 40  
ASN N   H2   sing N N 41  
ASN CA  C    sing N N 42  
ASN CA  CB   sing N N 43  
ASN CA  HA   sing N N 44  
ASN C   O    doub N N 45  
ASN C   OXT  sing N N 46  
ASN CB  CG   sing N N 47  
ASN CB  HB2  sing N N 48  
ASN CB  HB3  sing N N 49  
ASN CG  OD1  doub N N 50  
ASN CG  ND2  sing N N 51  
ASN ND2 HD21 sing N N 52  
ASN ND2 HD22 sing N N 53  
ASN OXT HXT  sing N N 54  
ASP N   CA   sing N N 55  
ASP N   H    sing N N 56  
ASP N   H2   sing N N 57  
ASP CA  C    sing N N 58  
ASP CA  CB   sing N N 59  
ASP CA  HA   sing N N 60  
ASP C   O    doub N N 61  
ASP C   OXT  sing N N 62  
ASP CB  CG   sing N N 63  
ASP CB  HB2  sing N N 64  
ASP CB  HB3  sing N N 65  
ASP CG  OD1  doub N N 66  
ASP CG  OD2  sing N N 67  
ASP OD2 HD2  sing N N 68  
ASP OXT HXT  sing N N 69  
CYS N   CA   sing N N 70  
CYS N   H    sing N N 71  
CYS N   H2   sing N N 72  
CYS CA  C    sing N N 73  
CYS CA  CB   sing N N 74  
CYS CA  HA   sing N N 75  
CYS C   O    doub N N 76  
CYS C   OXT  sing N N 77  
CYS CB  SG   sing N N 78  
CYS CB  HB2  sing N N 79  
CYS CB  HB3  sing N N 80  
CYS SG  HG   sing N N 81  
CYS OXT HXT  sing N N 82  
GLN N   CA   sing N N 83  
GLN N   H    sing N N 84  
GLN N   H2   sing N N 85  
GLN CA  C    sing N N 86  
GLN CA  CB   sing N N 87  
GLN CA  HA   sing N N 88  
GLN C   O    doub N N 89  
GLN C   OXT  sing N N 90  
GLN CB  CG   sing N N 91  
GLN CB  HB2  sing N N 92  
GLN CB  HB3  sing N N 93  
GLN CG  CD   sing N N 94  
GLN CG  HG2  sing N N 95  
GLN CG  HG3  sing N N 96  
GLN CD  OE1  doub N N 97  
GLN CD  NE2  sing N N 98  
GLN NE2 HE21 sing N N 99  
GLN NE2 HE22 sing N N 100 
GLN OXT HXT  sing N N 101 
GLU N   CA   sing N N 102 
GLU N   H    sing N N 103 
GLU N   H2   sing N N 104 
GLU CA  C    sing N N 105 
GLU CA  CB   sing N N 106 
GLU CA  HA   sing N N 107 
GLU C   O    doub N N 108 
GLU C   OXT  sing N N 109 
GLU CB  CG   sing N N 110 
GLU CB  HB2  sing N N 111 
GLU CB  HB3  sing N N 112 
GLU CG  CD   sing N N 113 
GLU CG  HG2  sing N N 114 
GLU CG  HG3  sing N N 115 
GLU CD  OE1  doub N N 116 
GLU CD  OE2  sing N N 117 
GLU OE2 HE2  sing N N 118 
GLU OXT HXT  sing N N 119 
GLY N   CA   sing N N 120 
GLY N   H    sing N N 121 
GLY N   H2   sing N N 122 
GLY CA  C    sing N N 123 
GLY CA  HA2  sing N N 124 
GLY CA  HA3  sing N N 125 
GLY C   O    doub N N 126 
GLY C   OXT  sing N N 127 
GLY OXT HXT  sing N N 128 
HOH O   H1   sing N N 129 
HOH O   H2   sing N N 130 
ILE N   CA   sing N N 131 
ILE N   H    sing N N 132 
ILE N   H2   sing N N 133 
ILE CA  C    sing N N 134 
ILE CA  CB   sing N N 135 
ILE CA  HA   sing N N 136 
ILE C   O    doub N N 137 
ILE C   OXT  sing N N 138 
ILE CB  CG1  sing N N 139 
ILE CB  CG2  sing N N 140 
ILE CB  HB   sing N N 141 
ILE CG1 CD1  sing N N 142 
ILE CG1 HG12 sing N N 143 
ILE CG1 HG13 sing N N 144 
ILE CG2 HG21 sing N N 145 
ILE CG2 HG22 sing N N 146 
ILE CG2 HG23 sing N N 147 
ILE CD1 HD11 sing N N 148 
ILE CD1 HD12 sing N N 149 
ILE CD1 HD13 sing N N 150 
ILE OXT HXT  sing N N 151 
LEU N   CA   sing N N 152 
LEU N   H    sing N N 153 
LEU N   H2   sing N N 154 
LEU CA  C    sing N N 155 
LEU CA  CB   sing N N 156 
LEU CA  HA   sing N N 157 
LEU C   O    doub N N 158 
LEU C   OXT  sing N N 159 
LEU CB  CG   sing N N 160 
LEU CB  HB2  sing N N 161 
LEU CB  HB3  sing N N 162 
LEU CG  CD1  sing N N 163 
LEU CG  CD2  sing N N 164 
LEU CG  HG   sing N N 165 
LEU CD1 HD11 sing N N 166 
LEU CD1 HD12 sing N N 167 
LEU CD1 HD13 sing N N 168 
LEU CD2 HD21 sing N N 169 
LEU CD2 HD22 sing N N 170 
LEU CD2 HD23 sing N N 171 
LEU OXT HXT  sing N N 172 
LYS N   CA   sing N N 173 
LYS N   H    sing N N 174 
LYS N   H2   sing N N 175 
LYS CA  C    sing N N 176 
LYS CA  CB   sing N N 177 
LYS CA  HA   sing N N 178 
LYS C   O    doub N N 179 
LYS C   OXT  sing N N 180 
LYS CB  CG   sing N N 181 
LYS CB  HB2  sing N N 182 
LYS CB  HB3  sing N N 183 
LYS CG  CD   sing N N 184 
LYS CG  HG2  sing N N 185 
LYS CG  HG3  sing N N 186 
LYS CD  CE   sing N N 187 
LYS CD  HD2  sing N N 188 
LYS CD  HD3  sing N N 189 
LYS CE  NZ   sing N N 190 
LYS CE  HE2  sing N N 191 
LYS CE  HE3  sing N N 192 
LYS NZ  HZ1  sing N N 193 
LYS NZ  HZ2  sing N N 194 
LYS NZ  HZ3  sing N N 195 
LYS OXT HXT  sing N N 196 
MET N   CA   sing N N 197 
MET N   H    sing N N 198 
MET N   H2   sing N N 199 
MET CA  C    sing N N 200 
MET CA  CB   sing N N 201 
MET CA  HA   sing N N 202 
MET C   O    doub N N 203 
MET C   OXT  sing N N 204 
MET CB  CG   sing N N 205 
MET CB  HB2  sing N N 206 
MET CB  HB3  sing N N 207 
MET CG  SD   sing N N 208 
MET CG  HG2  sing N N 209 
MET CG  HG3  sing N N 210 
MET SD  CE   sing N N 211 
MET CE  HE1  sing N N 212 
MET CE  HE2  sing N N 213 
MET CE  HE3  sing N N 214 
MET OXT HXT  sing N N 215 
PHE N   CA   sing N N 216 
PHE N   H    sing N N 217 
PHE N   H2   sing N N 218 
PHE CA  C    sing N N 219 
PHE CA  CB   sing N N 220 
PHE CA  HA   sing N N 221 
PHE C   O    doub N N 222 
PHE C   OXT  sing N N 223 
PHE CB  CG   sing N N 224 
PHE CB  HB2  sing N N 225 
PHE CB  HB3  sing N N 226 
PHE CG  CD1  doub Y N 227 
PHE CG  CD2  sing Y N 228 
PHE CD1 CE1  sing Y N 229 
PHE CD1 HD1  sing N N 230 
PHE CD2 CE2  doub Y N 231 
PHE CD2 HD2  sing N N 232 
PHE CE1 CZ   doub Y N 233 
PHE CE1 HE1  sing N N 234 
PHE CE2 CZ   sing Y N 235 
PHE CE2 HE2  sing N N 236 
PHE CZ  HZ   sing N N 237 
PHE OXT HXT  sing N N 238 
PRO N   CA   sing N N 239 
PRO N   CD   sing N N 240 
PRO N   H    sing N N 241 
PRO CA  C    sing N N 242 
PRO CA  CB   sing N N 243 
PRO CA  HA   sing N N 244 
PRO C   O    doub N N 245 
PRO C   OXT  sing N N 246 
PRO CB  CG   sing N N 247 
PRO CB  HB2  sing N N 248 
PRO CB  HB3  sing N N 249 
PRO CG  CD   sing N N 250 
PRO CG  HG2  sing N N 251 
PRO CG  HG3  sing N N 252 
PRO CD  HD2  sing N N 253 
PRO CD  HD3  sing N N 254 
PRO OXT HXT  sing N N 255 
R13 C1  C2   sing N N 256 
R13 C1  C10  sing N N 257 
R13 C1  C20  sing N N 258 
R13 C1  C21  sing N N 259 
R13 C2  C3   sing N N 260 
R13 C2  H21  sing N N 261 
R13 C2  H22  sing N N 262 
R13 C3  C4   sing N N 263 
R13 C3  H31  sing N N 264 
R13 C3  H32  sing N N 265 
R13 C4  C5   sing N N 266 
R13 C4  C18  sing N N 267 
R13 C4  C19  sing N N 268 
R13 C5  C6   sing Y N 269 
R13 C5  C10  doub Y N 270 
R13 C6  C7   doub Y N 271 
R13 C6  H6   sing N N 272 
R13 C7  C8   sing Y N 273 
R13 C7  H7   sing N N 274 
R13 C8  C9   doub Y N 275 
R13 C8  C11  sing N N 276 
R13 C9  C10  sing Y N 277 
R13 C9  H9   sing N N 278 
R13 C11 C12  doub N E 279 
R13 C11 C22  sing N N 280 
R13 C12 C13  sing N N 281 
R13 C12 H12  sing N N 282 
R13 C13 C14  doub N E 283 
R13 C13 H13  sing N N 284 
R13 C14 C15  sing N N 285 
R13 C14 H14  sing N N 286 
R13 C15 C16  doub N E 287 
R13 C15 C23  sing N N 288 
R13 C16 C17  sing N N 289 
R13 C16 H16  sing N N 290 
R13 C17 O1   doub N N 291 
R13 C17 O2   sing N N 292 
R13 C18 H181 sing N N 293 
R13 C18 H182 sing N N 294 
R13 C18 H183 sing N N 295 
R13 C19 H191 sing N N 296 
R13 C19 H192 sing N N 297 
R13 C19 H193 sing N N 298 
R13 C20 H201 sing N N 299 
R13 C20 H202 sing N N 300 
R13 C20 H203 sing N N 301 
R13 C21 H211 sing N N 302 
R13 C21 H212 sing N N 303 
R13 C21 H213 sing N N 304 
R13 C22 H221 sing N N 305 
R13 C22 H222 sing N N 306 
R13 C22 H223 sing N N 307 
R13 C23 H231 sing N N 308 
R13 C23 H232 sing N N 309 
R13 C23 H233 sing N N 310 
R13 O2  HO2  sing N N 311 
SER N   CA   sing N N 312 
SER N   H    sing N N 313 
SER N   H2   sing N N 314 
SER CA  C    sing N N 315 
SER CA  CB   sing N N 316 
SER CA  HA   sing N N 317 
SER C   O    doub N N 318 
SER C   OXT  sing N N 319 
SER CB  OG   sing N N 320 
SER CB  HB2  sing N N 321 
SER CB  HB3  sing N N 322 
SER OG  HG   sing N N 323 
SER OXT HXT  sing N N 324 
THR N   CA   sing N N 325 
THR N   H    sing N N 326 
THR N   H2   sing N N 327 
THR CA  C    sing N N 328 
THR CA  CB   sing N N 329 
THR CA  HA   sing N N 330 
THR C   O    doub N N 331 
THR C   OXT  sing N N 332 
THR CB  OG1  sing N N 333 
THR CB  CG2  sing N N 334 
THR CB  HB   sing N N 335 
THR OG1 HG1  sing N N 336 
THR CG2 HG21 sing N N 337 
THR CG2 HG22 sing N N 338 
THR CG2 HG23 sing N N 339 
THR OXT HXT  sing N N 340 
TRP N   CA   sing N N 341 
TRP N   H    sing N N 342 
TRP N   H2   sing N N 343 
TRP CA  C    sing N N 344 
TRP CA  CB   sing N N 345 
TRP CA  HA   sing N N 346 
TRP C   O    doub N N 347 
TRP C   OXT  sing N N 348 
TRP CB  CG   sing N N 349 
TRP CB  HB2  sing N N 350 
TRP CB  HB3  sing N N 351 
TRP CG  CD1  doub Y N 352 
TRP CG  CD2  sing Y N 353 
TRP CD1 NE1  sing Y N 354 
TRP CD1 HD1  sing N N 355 
TRP CD2 CE2  doub Y N 356 
TRP CD2 CE3  sing Y N 357 
TRP NE1 CE2  sing Y N 358 
TRP NE1 HE1  sing N N 359 
TRP CE2 CZ2  sing Y N 360 
TRP CE3 CZ3  doub Y N 361 
TRP CE3 HE3  sing N N 362 
TRP CZ2 CH2  doub Y N 363 
TRP CZ2 HZ2  sing N N 364 
TRP CZ3 CH2  sing Y N 365 
TRP CZ3 HZ3  sing N N 366 
TRP CH2 HH2  sing N N 367 
TRP OXT HXT  sing N N 368 
TYR N   CA   sing N N 369 
TYR N   H    sing N N 370 
TYR N   H2   sing N N 371 
TYR CA  C    sing N N 372 
TYR CA  CB   sing N N 373 
TYR CA  HA   sing N N 374 
TYR C   O    doub N N 375 
TYR C   OXT  sing N N 376 
TYR CB  CG   sing N N 377 
TYR CB  HB2  sing N N 378 
TYR CB  HB3  sing N N 379 
TYR CG  CD1  doub Y N 380 
TYR CG  CD2  sing Y N 381 
TYR CD1 CE1  sing Y N 382 
TYR CD1 HD1  sing N N 383 
TYR CD2 CE2  doub Y N 384 
TYR CD2 HD2  sing N N 385 
TYR CE1 CZ   doub Y N 386 
TYR CE1 HE1  sing N N 387 
TYR CE2 CZ   sing Y N 388 
TYR CE2 HE2  sing N N 389 
TYR CZ  OH   sing N N 390 
TYR OH  HH   sing N N 391 
TYR OXT HXT  sing N N 392 
VAL N   CA   sing N N 393 
VAL N   H    sing N N 394 
VAL N   H2   sing N N 395 
VAL CA  C    sing N N 396 
VAL CA  CB   sing N N 397 
VAL CA  HA   sing N N 398 
VAL C   O    doub N N 399 
VAL C   OXT  sing N N 400 
VAL CB  CG1  sing N N 401 
VAL CB  CG2  sing N N 402 
VAL CB  HB   sing N N 403 
VAL CG1 HG11 sing N N 404 
VAL CG1 HG12 sing N N 405 
VAL CG1 HG13 sing N N 406 
VAL CG2 HG21 sing N N 407 
VAL CG2 HG22 sing N N 408 
VAL CG2 HG23 sing N N 409 
VAL OXT HXT  sing N N 410 
# 
loop_
_pdbx_entity_nonpoly.entity_id 
_pdbx_entity_nonpoly.name 
_pdbx_entity_nonpoly.comp_id 
2 '3-METHYL-7-(5,5,8,8-TETRAMETHYL-5,6,7,8-TETRAHYDRO-NAPHTHALEN-2-YL) -OCTA-2,4,6-TRIENOIC ACID' R13 
3 water                                                                                           HOH 
# 
_pdbx_initial_refinement_model.id               1 
_pdbx_initial_refinement_model.entity_id_list   ? 
_pdbx_initial_refinement_model.type             'experimental model' 
_pdbx_initial_refinement_model.source_name      PDB 
_pdbx_initial_refinement_model.accession_code   1CBS 
_pdbx_initial_refinement_model.details          ? 
# 
